data_3H4V
#
_entry.id   3H4V
#
_cell.length_a   95.206
_cell.length_b   103.492
_cell.length_c   146.476
_cell.angle_alpha   90.00
_cell.angle_beta   108.24
_cell.angle_gamma   90.00
#
_symmetry.space_group_name_H-M   'P 1 21 1'
#
loop_
_entity.id
_entity.type
_entity.pdbx_description
1 polymer 'Pteridine reductase 1'
2 non-polymer 'NADP NICOTINAMIDE-ADENINE-DINUCLEOTIDE PHOSPHATE'
3 non-polymer 'METHYL 1-(4-{[(2,4-DIAMINOPTERIDIN-6-YL)METHYL]AMINO}BENZOYL)PIPERIDINE-4-CARBOXYLATE'
4 water water
#
_entity_poly.entity_id   1
_entity_poly.type   'polypeptide(L)'
_entity_poly.pdbx_seq_one_letter_code
;MTAPTVPVALVTGAAKRLGRSIAEGLHAEGYAVCLHYHRSAAEANALSATLNARRPNSAITVQADLSNVATAPVSGADGS
APVTLFTRCAELVAACYTHWGRCDVLVNNASSFYPTPLLRNDEDGHEPCVGDREAMETATADLFGSNAIAPYFLIKAFAH
RVAGTPAKHRGTNYSIINMVDAMTNQPLLGYTIYTMAKGALEGLTRSAALELAPLQIRVNGVGPGLSVLVDDMPPAVWEG
HRSKVPLYQRDSSAAEVSDVVIFLCSSKAKYITGTCVKVDGGYSLTRA
;
_entity_poly.pdbx_strand_id   A,B,C,D,E,F,G,H
#
# COMPACT_ATOMS: atom_id res chain seq x y z
N THR A 5 -23.51 -25.25 67.64
CA THR A 5 -24.64 -24.26 67.55
C THR A 5 -24.26 -23.03 66.71
N VAL A 6 -23.05 -22.53 66.90
CA VAL A 6 -22.56 -21.37 66.21
C VAL A 6 -21.84 -21.76 64.89
N PRO A 7 -22.29 -21.19 63.76
CA PRO A 7 -21.67 -21.59 62.51
C PRO A 7 -20.18 -21.18 62.46
N VAL A 8 -19.41 -21.94 61.69
CA VAL A 8 -17.94 -21.82 61.66
C VAL A 8 -17.50 -21.53 60.22
N ALA A 9 -16.70 -20.47 60.10
CA ALA A 9 -16.09 -20.05 58.87
C ALA A 9 -14.59 -20.30 58.91
N LEU A 10 -14.07 -20.95 57.88
CA LEU A 10 -12.61 -20.95 57.67
C LEU A 10 -12.29 -19.92 56.56
N VAL A 11 -11.39 -18.99 56.88
CA VAL A 11 -10.93 -17.93 55.99
C VAL A 11 -9.40 -18.08 55.84
N THR A 12 -8.97 -18.37 54.63
CA THR A 12 -7.50 -18.48 54.35
C THR A 12 -6.93 -17.09 54.09
N GLY A 13 -5.64 -16.90 54.45
CA GLY A 13 -5.01 -15.59 54.39
C GLY A 13 -5.82 -14.50 55.09
N ALA A 14 -6.21 -14.77 56.33
CA ALA A 14 -7.14 -13.93 57.04
C ALA A 14 -6.54 -12.71 57.80
N ALA A 15 -5.21 -12.62 57.90
CA ALA A 15 -4.56 -11.74 58.84
C ALA A 15 -4.83 -10.26 58.49
N LYS A 16 -4.89 -9.95 57.19
CA LYS A 16 -4.80 -8.56 56.78
C LYS A 16 -5.82 -8.24 55.71
N ARG A 17 -5.96 -6.96 55.39
CA ARG A 17 -6.60 -6.48 54.16
C ARG A 17 -7.96 -7.19 53.94
N LEU A 18 -8.19 -7.81 52.78
CA LEU A 18 -9.57 -8.26 52.48
C LEU A 18 -10.00 -9.51 53.29
N GLY A 19 -9.04 -10.38 53.59
CA GLY A 19 -9.28 -11.53 54.40
C GLY A 19 -9.65 -11.23 55.86
N ARG A 20 -8.95 -10.27 56.47
CA ARG A 20 -9.34 -9.71 57.79
C ARG A 20 -10.76 -9.15 57.78
N SER A 21 -11.09 -8.31 56.80
CA SER A 21 -12.42 -7.75 56.67
C SER A 21 -13.50 -8.79 56.47
N ILE A 22 -13.14 -9.91 55.82
CA ILE A 22 -14.05 -11.03 55.63
C ILE A 22 -14.27 -11.77 56.92
N ALA A 23 -13.18 -12.12 57.59
CA ALA A 23 -13.26 -12.69 58.92
C ALA A 23 -14.10 -11.79 59.86
N GLU A 24 -13.83 -10.49 59.84
CA GLU A 24 -14.55 -9.56 60.69
C GLU A 24 -16.01 -9.54 60.37
N GLY A 25 -16.33 -9.52 59.08
CA GLY A 25 -17.69 -9.39 58.57
C GLY A 25 -18.50 -10.63 58.86
N LEU A 26 -17.85 -11.79 58.80
CA LEU A 26 -18.50 -13.05 59.18
C LEU A 26 -18.71 -13.11 60.68
N HIS A 27 -17.66 -12.71 61.42
CA HIS A 27 -17.71 -12.62 62.87
C HIS A 27 -18.88 -11.77 63.35
N ALA A 28 -19.15 -10.65 62.67
CA ALA A 28 -20.27 -9.75 63.04
C ALA A 28 -21.66 -10.39 62.79
N GLU A 29 -21.69 -11.41 61.94
CA GLU A 29 -22.92 -12.10 61.61
C GLU A 29 -23.15 -13.30 62.55
N GLY A 30 -22.18 -13.58 63.41
CA GLY A 30 -22.30 -14.63 64.40
C GLY A 30 -21.39 -15.82 64.19
N TYR A 31 -20.52 -15.80 63.18
CA TYR A 31 -19.61 -16.95 62.92
C TYR A 31 -18.44 -17.00 63.89
N ALA A 32 -18.07 -18.22 64.24
CA ALA A 32 -16.75 -18.46 64.80
C ALA A 32 -15.81 -18.59 63.59
N VAL A 33 -14.60 -18.06 63.71
CA VAL A 33 -13.74 -17.92 62.56
C VAL A 33 -12.38 -18.50 62.76
N CYS A 34 -12.07 -19.53 61.97
CA CYS A 34 -10.73 -20.06 61.82
C CYS A 34 -9.95 -19.17 60.88
N LEU A 35 -8.97 -18.49 61.43
CA LEU A 35 -8.18 -17.54 60.66
C LEU A 35 -6.83 -18.19 60.29
N HIS A 36 -6.66 -18.58 59.04
CA HIS A 36 -5.42 -19.21 58.61
C HIS A 36 -4.49 -18.07 58.20
N TYR A 37 -3.19 -18.28 58.29
CA TYR A 37 -2.17 -17.33 57.90
C TYR A 37 -0.89 -18.17 57.52
N HIS A 38 0.08 -17.50 56.92
CA HIS A 38 1.26 -18.18 56.50
C HIS A 38 2.47 -17.46 57.12
N ARG A 39 2.64 -16.20 56.78
CA ARG A 39 3.78 -15.43 57.21
C ARG A 39 3.36 -14.31 58.15
N SER A 40 2.06 -14.07 58.29
CA SER A 40 1.60 -12.95 59.13
C SER A 40 1.07 -13.43 60.52
N ALA A 41 1.93 -14.13 61.26
CA ALA A 41 1.56 -14.63 62.61
C ALA A 41 1.00 -13.54 63.57
N ALA A 42 1.77 -12.46 63.67
CA ALA A 42 1.46 -11.36 64.56
C ALA A 42 0.11 -10.72 64.26
N GLU A 43 -0.13 -10.28 63.01
CA GLU A 43 -1.43 -9.73 62.64
C GLU A 43 -2.60 -10.73 62.90
N ALA A 44 -2.39 -12.02 62.62
CA ALA A 44 -3.46 -13.02 62.76
C ALA A 44 -3.86 -13.26 64.24
N ASN A 45 -2.86 -13.51 65.09
CA ASN A 45 -3.03 -13.52 66.56
C ASN A 45 -3.69 -12.24 67.15
N ALA A 46 -3.32 -11.06 66.64
CA ALA A 46 -3.88 -9.85 67.12
C ALA A 46 -5.36 -9.74 66.73
N LEU A 47 -5.66 -10.13 65.50
CA LEU A 47 -7.05 -10.17 65.05
C LEU A 47 -7.90 -11.19 65.82
N SER A 48 -7.36 -12.38 66.00
CA SER A 48 -7.97 -13.40 66.88
C SER A 48 -8.32 -12.81 68.27
N ALA A 49 -7.39 -12.09 68.87
CA ALA A 49 -7.57 -11.45 70.18
C ALA A 49 -8.74 -10.47 70.22
N THR A 50 -8.90 -9.68 69.16
CA THR A 50 -10.00 -8.70 69.08
C THR A 50 -11.31 -9.44 69.04
N LEU A 51 -11.35 -10.48 68.23
CA LEU A 51 -12.57 -11.25 68.04
C LEU A 51 -12.94 -12.05 69.25
N ASN A 52 -11.95 -12.67 69.86
CA ASN A 52 -12.19 -13.35 71.13
C ASN A 52 -12.64 -12.40 72.25
N ALA A 53 -12.04 -11.22 72.32
CA ALA A 53 -12.41 -10.22 73.32
C ALA A 53 -13.89 -9.81 73.20
N ARG A 54 -14.31 -9.62 71.96
CA ARG A 54 -15.68 -9.32 71.67
C ARG A 54 -16.59 -10.49 71.92
N ARG A 55 -16.15 -11.71 71.67
CA ARG A 55 -16.96 -12.90 71.90
C ARG A 55 -16.02 -14.09 72.21
N PRO A 56 -16.00 -14.53 73.47
CA PRO A 56 -15.12 -15.61 73.85
C PRO A 56 -15.20 -16.82 72.94
N ASN A 57 -14.03 -17.41 72.66
CA ASN A 57 -13.89 -18.64 71.85
C ASN A 57 -14.57 -18.57 70.44
N SER A 58 -14.58 -17.37 69.87
CA SER A 58 -15.10 -17.19 68.53
C SER A 58 -14.03 -17.01 67.45
N ALA A 59 -12.78 -17.40 67.72
CA ALA A 59 -11.69 -17.32 66.75
C ALA A 59 -10.48 -18.14 67.17
N ILE A 60 -9.82 -18.70 66.16
CA ILE A 60 -8.57 -19.40 66.31
C ILE A 60 -7.69 -19.00 65.11
N THR A 61 -6.37 -19.18 65.21
CA THR A 61 -5.48 -18.91 64.08
C THR A 61 -4.87 -20.27 63.77
N VAL A 62 -4.61 -20.60 62.50
CA VAL A 62 -3.85 -21.84 62.15
C VAL A 62 -2.94 -21.50 60.98
N GLN A 63 -1.69 -21.98 61.02
CA GLN A 63 -0.67 -21.62 60.00
C GLN A 63 -0.53 -22.71 58.94
N ALA A 64 -0.47 -22.32 57.67
CA ALA A 64 -0.13 -23.20 56.58
C ALA A 64 0.45 -22.44 55.36
N ASP A 65 1.56 -22.95 54.83
CA ASP A 65 2.02 -22.66 53.50
C ASP A 65 1.12 -23.38 52.46
N LEU A 66 0.45 -22.64 51.62
CA LEU A 66 -0.50 -23.24 50.68
C LEU A 66 0.13 -23.32 49.26
N SER A 67 1.43 -23.07 49.19
CA SER A 67 2.15 -23.28 47.98
C SER A 67 2.12 -24.79 47.70
N ASN A 68 2.12 -25.15 46.41
CA ASN A 68 2.06 -26.55 46.01
C ASN A 68 3.38 -27.23 46.22
N VAL A 69 3.80 -27.37 47.47
CA VAL A 69 5.09 -27.99 47.81
C VAL A 69 4.88 -28.95 48.94
N ALA A 70 5.69 -30.01 49.04
CA ALA A 70 5.69 -30.85 50.26
C ALA A 70 6.48 -30.19 51.39
N THR A 71 6.03 -30.34 52.64
CA THR A 71 6.73 -29.67 53.77
C THR A 71 7.15 -30.52 54.98
N ALA A 72 6.43 -30.35 56.07
CA ALA A 72 7.02 -30.43 57.43
C ALA A 72 7.08 -31.82 58.01
N PRO A 73 8.23 -32.45 57.87
CA PRO A 73 8.33 -33.78 58.37
C PRO A 73 8.27 -33.84 59.92
N VAL A 74 7.89 -35.01 60.46
CA VAL A 74 7.74 -35.20 61.90
C VAL A 74 8.92 -34.72 62.66
N ALA A 77 14.44 -30.09 62.43
CA ALA A 77 14.81 -31.51 62.38
C ALA A 77 13.61 -32.31 61.94
N ASP A 78 13.81 -33.38 61.20
CA ASP A 78 12.64 -34.19 60.86
C ASP A 78 12.77 -35.58 61.43
N GLY A 79 12.16 -36.57 60.82
CA GLY A 79 12.33 -37.95 61.26
C GLY A 79 11.81 -38.96 60.25
N SER A 80 11.50 -38.50 59.03
CA SER A 80 10.47 -39.18 58.28
C SER A 80 10.09 -38.62 56.90
N ALA A 81 8.76 -38.65 56.69
CA ALA A 81 8.07 -38.32 55.44
C ALA A 81 7.73 -36.84 55.37
N PRO A 82 7.73 -36.29 54.14
CA PRO A 82 7.26 -34.90 53.86
C PRO A 82 5.72 -34.77 53.86
N VAL A 83 5.22 -33.63 54.34
CA VAL A 83 3.80 -33.36 54.35
C VAL A 83 3.39 -32.71 53.03
N THR A 84 2.40 -33.34 52.38
CA THR A 84 1.72 -32.81 51.15
C THR A 84 0.82 -31.62 51.39
N LEU A 85 0.70 -30.77 50.36
CA LEU A 85 -0.24 -29.68 50.36
C LEU A 85 -1.62 -30.24 50.72
N PHE A 86 -2.02 -31.34 50.07
CA PHE A 86 -3.33 -31.90 50.32
C PHE A 86 -3.55 -32.18 51.84
N THR A 87 -2.58 -32.85 52.48
CA THR A 87 -2.54 -33.08 53.93
C THR A 87 -2.70 -31.82 54.76
N ARG A 88 -1.86 -30.82 54.49
CA ARG A 88 -1.98 -29.50 55.19
C ARG A 88 -3.39 -28.90 55.03
N CYS A 89 -3.93 -28.98 53.82
CA CYS A 89 -5.30 -28.51 53.54
C CYS A 89 -6.38 -29.27 54.32
N ALA A 90 -6.24 -30.58 54.38
CA ALA A 90 -7.17 -31.39 55.15
C ALA A 90 -7.12 -31.04 56.65
N GLU A 91 -5.91 -30.80 57.16
CA GLU A 91 -5.69 -30.41 58.59
C GLU A 91 -6.26 -29.05 58.96
N LEU A 92 -6.36 -28.17 57.97
CA LEU A 92 -7.03 -26.89 58.15
C LEU A 92 -8.54 -27.04 58.45
N VAL A 93 -9.21 -27.82 57.61
CA VAL A 93 -10.61 -28.09 57.80
C VAL A 93 -10.78 -28.95 59.05
N ALA A 94 -9.94 -29.95 59.25
CA ALA A 94 -9.93 -30.73 60.49
C ALA A 94 -9.87 -29.85 61.76
N ALA A 95 -8.94 -28.88 61.78
CA ALA A 95 -8.83 -27.87 62.84
C ALA A 95 -10.18 -27.27 63.26
N CYS A 96 -11.02 -26.96 62.28
CA CYS A 96 -12.34 -26.45 62.56
C CYS A 96 -13.23 -27.48 63.28
N TYR A 97 -13.13 -28.74 62.86
CA TYR A 97 -14.00 -29.77 63.41
C TYR A 97 -13.55 -30.15 64.82
N THR A 98 -12.23 -30.23 65.00
CA THR A 98 -11.63 -30.53 66.30
C THR A 98 -12.01 -29.50 67.37
N HIS A 99 -12.00 -28.23 67.00
CA HIS A 99 -12.19 -27.17 67.94
C HIS A 99 -13.65 -26.81 68.17
N TRP A 100 -14.45 -26.82 67.11
CA TRP A 100 -15.84 -26.44 67.22
C TRP A 100 -16.83 -27.50 66.70
N GLY A 101 -16.33 -28.62 66.22
CA GLY A 101 -17.21 -29.65 65.69
C GLY A 101 -17.95 -29.32 64.38
N ARG A 102 -17.53 -28.27 63.68
CA ARG A 102 -18.11 -28.03 62.36
C ARG A 102 -17.33 -27.07 61.50
N CYS A 103 -17.74 -26.94 60.24
CA CYS A 103 -17.19 -25.94 59.30
C CYS A 103 -18.28 -25.64 58.23
N ASP A 104 -18.88 -24.45 58.25
CA ASP A 104 -20.04 -24.21 57.40
C ASP A 104 -19.70 -23.40 56.18
N VAL A 105 -18.64 -22.60 56.32
CA VAL A 105 -18.25 -21.62 55.38
C VAL A 105 -16.75 -21.78 55.13
N LEU A 106 -16.37 -21.75 53.86
CA LEU A 106 -14.95 -21.72 53.45
C LEU A 106 -14.76 -20.56 52.46
N VAL A 107 -13.81 -19.69 52.79
CA VAL A 107 -13.44 -18.58 51.93
C VAL A 107 -12.00 -18.78 51.46
N ASN A 108 -11.84 -18.98 50.15
CA ASN A 108 -10.49 -19.23 49.59
C ASN A 108 -9.94 -17.91 49.16
N ASN A 109 -9.27 -17.25 50.05
CA ASN A 109 -8.86 -15.84 49.92
C ASN A 109 -7.37 -15.68 49.79
N ALA A 110 -6.57 -16.52 50.51
CA ALA A 110 -5.07 -16.44 50.44
C ALA A 110 -4.64 -16.53 49.05
N SER A 111 -3.59 -15.79 48.67
CA SER A 111 -3.24 -15.64 47.27
C SER A 111 -1.95 -14.85 47.12
N SER A 112 -0.99 -15.49 46.44
CA SER A 112 0.19 -14.79 46.09
C SER A 112 0.00 -14.07 44.72
N PHE A 113 0.77 -13.02 44.48
CA PHE A 113 0.48 -12.06 43.40
C PHE A 113 1.77 -11.27 43.11
N TYR A 114 2.46 -11.65 42.05
CA TYR A 114 3.72 -11.02 41.66
C TYR A 114 4.00 -11.55 40.27
N PRO A 115 4.80 -10.80 39.53
CA PRO A 115 5.04 -11.02 38.09
C PRO A 115 5.72 -12.31 37.72
N THR A 116 5.23 -12.96 36.70
CA THR A 116 6.00 -14.01 36.00
C THR A 116 6.11 -13.69 34.48
N PRO A 117 7.00 -12.75 34.10
CA PRO A 117 7.07 -12.29 32.73
C PRO A 117 7.48 -13.38 31.75
N LEU A 118 6.92 -13.31 30.56
CA LEU A 118 7.15 -14.26 29.53
C LEU A 118 8.48 -13.98 28.99
N LEU A 119 8.78 -12.67 28.98
CA LEU A 119 9.83 -12.02 28.18
C LEU A 119 10.81 -11.22 28.98
N ARG A 120 12.02 -11.09 28.44
CA ARG A 120 13.16 -10.61 29.24
C ARG A 120 13.35 -9.08 29.31
N ASN A 121 14.55 -8.73 29.79
CA ASN A 121 15.12 -7.39 29.87
C ASN A 121 14.15 -6.24 29.66
N GLY A 131 17.31 -15.87 41.63
CA GLY A 131 17.09 -17.28 41.99
C GLY A 131 16.66 -18.10 40.79
N ASP A 132 17.27 -17.76 39.64
CA ASP A 132 16.67 -17.83 38.30
C ASP A 132 16.17 -19.12 37.76
N ARG A 133 16.04 -20.13 38.62
CA ARG A 133 15.20 -21.26 38.29
C ARG A 133 14.64 -21.94 39.51
N GLU A 134 15.12 -21.52 40.67
CA GLU A 134 14.45 -21.92 41.87
C GLU A 134 13.24 -20.97 41.90
N ALA A 135 13.50 -19.66 42.07
CA ALA A 135 12.56 -18.60 41.79
C ALA A 135 11.49 -19.05 40.81
N MET A 136 11.90 -19.46 39.61
CA MET A 136 10.95 -19.96 38.64
C MET A 136 10.00 -21.04 39.19
N GLU A 137 10.59 -22.03 39.83
CA GLU A 137 9.93 -23.24 40.20
C GLU A 137 9.09 -22.94 41.42
N THR A 138 9.60 -22.02 42.21
CA THR A 138 8.95 -21.74 43.46
C THR A 138 7.79 -20.79 43.18
N ALA A 139 7.94 -19.93 42.16
CA ALA A 139 6.85 -19.07 41.70
C ALA A 139 5.65 -19.85 41.22
N THR A 140 5.90 -20.90 40.43
CA THR A 140 4.83 -21.71 39.84
C THR A 140 4.02 -22.38 40.98
N ALA A 141 4.75 -23.01 41.92
CA ALA A 141 4.15 -23.78 43.00
C ALA A 141 3.41 -22.84 43.95
N ASP A 142 3.99 -21.68 44.23
CA ASP A 142 3.40 -20.69 45.14
C ASP A 142 2.15 -19.96 44.57
N LEU A 143 2.24 -19.49 43.33
CA LEU A 143 1.09 -18.83 42.66
C LEU A 143 -0.05 -19.80 42.35
N PHE A 144 0.27 -20.93 41.74
CA PHE A 144 -0.72 -21.94 41.48
C PHE A 144 -1.28 -22.58 42.74
N GLY A 145 -0.42 -22.72 43.76
CA GLY A 145 -0.83 -23.42 45.00
C GLY A 145 -1.88 -22.63 45.72
N SER A 146 -1.55 -21.37 45.93
CA SER A 146 -2.30 -20.51 46.83
C SER A 146 -3.65 -20.16 46.20
N ASN A 147 -3.59 -19.90 44.90
CA ASN A 147 -4.71 -19.38 44.09
C ASN A 147 -5.64 -20.42 43.53
N ALA A 148 -5.17 -21.65 43.40
CA ALA A 148 -5.91 -22.73 42.69
C ALA A 148 -5.76 -24.11 43.30
N ILE A 149 -4.55 -24.61 43.47
CA ILE A 149 -4.44 -26.00 43.94
C ILE A 149 -4.90 -26.19 45.40
N ALA A 150 -4.51 -25.26 46.27
CA ALA A 150 -4.95 -25.34 47.65
C ALA A 150 -6.46 -25.18 47.75
N PRO A 151 -7.08 -24.17 47.13
CA PRO A 151 -8.54 -24.15 47.08
C PRO A 151 -9.14 -25.50 46.72
N TYR A 152 -8.66 -26.12 45.65
CA TYR A 152 -9.25 -27.41 45.28
C TYR A 152 -9.23 -28.41 46.42
N PHE A 153 -8.07 -28.55 47.07
CA PHE A 153 -7.90 -29.54 48.16
C PHE A 153 -8.71 -29.16 49.39
N LEU A 154 -8.85 -27.85 49.63
CA LEU A 154 -9.60 -27.36 50.75
C LEU A 154 -11.04 -27.69 50.52
N ILE A 155 -11.53 -27.41 49.29
CA ILE A 155 -12.89 -27.75 48.87
C ILE A 155 -13.15 -29.26 48.97
N LYS A 156 -12.18 -30.06 48.58
CA LYS A 156 -12.26 -31.49 48.74
C LYS A 156 -12.42 -31.97 50.22
N ALA A 157 -11.54 -31.47 51.11
CA ALA A 157 -11.60 -31.76 52.56
C ALA A 157 -12.95 -31.37 53.19
N PHE A 158 -13.35 -30.12 52.99
CA PHE A 158 -14.66 -29.56 53.31
C PHE A 158 -15.87 -30.42 52.85
N ALA A 159 -15.88 -30.84 51.60
CA ALA A 159 -17.00 -31.66 51.08
C ALA A 159 -17.03 -33.06 51.69
N HIS A 160 -15.85 -33.69 51.76
CA HIS A 160 -15.67 -34.92 52.52
C HIS A 160 -16.26 -34.92 53.96
N ARG A 161 -16.06 -33.85 54.73
CA ARG A 161 -16.53 -33.79 56.11
C ARG A 161 -18.03 -33.60 56.21
N VAL A 162 -18.58 -32.81 55.27
CA VAL A 162 -20.00 -32.72 55.11
C VAL A 162 -20.57 -34.06 54.70
N ALA A 163 -20.07 -34.66 53.63
CA ALA A 163 -20.55 -35.99 53.21
C ALA A 163 -20.52 -37.00 54.37
N GLY A 164 -19.47 -36.91 55.21
CA GLY A 164 -19.28 -37.77 56.36
C GLY A 164 -20.17 -37.49 57.54
N THR A 165 -20.83 -36.34 57.54
CA THR A 165 -21.78 -35.95 58.61
C THR A 165 -23.18 -36.53 58.34
N PRO A 166 -23.72 -37.30 59.29
CA PRO A 166 -25.05 -37.84 59.13
C PRO A 166 -26.06 -36.71 58.87
N ALA A 167 -26.91 -36.85 57.86
CA ALA A 167 -27.73 -35.72 57.44
C ALA A 167 -28.43 -34.98 58.59
N LYS A 168 -28.63 -35.69 59.71
CA LYS A 168 -29.24 -35.18 60.94
C LYS A 168 -28.32 -34.23 61.76
N HIS A 169 -27.02 -34.27 61.53
CA HIS A 169 -26.12 -33.37 62.23
C HIS A 169 -25.49 -32.32 61.30
N ARG A 170 -26.14 -32.11 60.14
CA ARG A 170 -25.62 -31.26 59.10
C ARG A 170 -26.14 -29.84 59.21
N GLY A 171 -25.28 -28.86 58.87
CA GLY A 171 -25.61 -27.46 58.91
C GLY A 171 -26.60 -27.25 57.83
N THR A 172 -27.19 -26.07 57.77
CA THR A 172 -28.28 -25.76 56.86
C THR A 172 -27.86 -24.66 55.90
N ASN A 173 -26.65 -24.14 56.03
CA ASN A 173 -26.21 -23.06 55.14
C ASN A 173 -24.73 -23.16 54.77
N TYR A 174 -24.36 -24.25 54.12
CA TYR A 174 -22.96 -24.51 53.67
C TYR A 174 -22.59 -23.64 52.43
N SER A 175 -21.51 -22.88 52.56
CA SER A 175 -21.13 -21.89 51.55
C SER A 175 -19.62 -21.85 51.31
N ILE A 176 -19.22 -21.83 50.06
CA ILE A 176 -17.81 -21.70 49.72
C ILE A 176 -17.66 -20.53 48.82
N ILE A 177 -16.69 -19.67 49.15
CA ILE A 177 -16.43 -18.44 48.40
C ILE A 177 -14.99 -18.43 47.94
N ASN A 178 -14.79 -18.24 46.66
CA ASN A 178 -13.45 -18.23 46.10
C ASN A 178 -13.21 -16.79 45.67
N MET A 179 -12.12 -16.21 46.19
CA MET A 179 -11.77 -14.84 45.77
C MET A 179 -11.00 -14.92 44.46
N VAL A 180 -11.72 -14.51 43.41
CA VAL A 180 -11.24 -14.46 42.06
C VAL A 180 -10.87 -13.02 41.69
N ASP A 181 -10.90 -12.69 40.42
CA ASP A 181 -10.37 -11.36 40.00
C ASP A 181 -11.28 -10.83 38.91
N ALA A 182 -11.94 -9.71 39.14
CA ALA A 182 -12.75 -9.08 38.07
C ALA A 182 -11.99 -8.77 36.77
N MET A 183 -10.68 -8.62 36.84
CA MET A 183 -9.91 -7.99 35.77
C MET A 183 -9.10 -8.95 34.93
N THR A 184 -9.33 -10.26 35.02
CA THR A 184 -8.32 -11.17 34.45
C THR A 184 -8.62 -11.50 33.00
N ASN A 185 -9.83 -11.18 32.58
CA ASN A 185 -10.09 -11.19 31.16
C ASN A 185 -9.43 -10.04 30.44
N GLN A 186 -8.90 -9.11 31.23
CA GLN A 186 -8.14 -7.98 30.77
C GLN A 186 -6.86 -8.08 31.50
N PRO A 187 -5.99 -8.99 31.07
CA PRO A 187 -4.90 -9.47 31.92
C PRO A 187 -3.88 -8.38 32.19
N LEU A 188 -3.31 -8.44 33.38
CA LEU A 188 -2.26 -7.54 33.80
C LEU A 188 -0.93 -8.03 33.21
N LEU A 189 -0.26 -7.12 32.53
CA LEU A 189 0.96 -7.42 31.77
C LEU A 189 2.03 -7.99 32.70
N GLY A 190 2.52 -9.19 32.40
CA GLY A 190 3.59 -9.81 33.18
C GLY A 190 3.18 -10.75 34.34
N TYR A 191 1.89 -10.96 34.53
CA TYR A 191 1.42 -11.77 35.65
C TYR A 191 0.75 -13.06 35.20
N THR A 192 1.40 -13.80 34.30
CA THR A 192 0.73 -14.85 33.57
C THR A 192 0.27 -15.97 34.45
N ILE A 193 1.16 -16.42 35.32
CA ILE A 193 0.87 -17.52 36.19
C ILE A 193 -0.23 -17.16 37.15
N TYR A 194 -0.17 -15.95 37.71
CA TYR A 194 -1.25 -15.51 38.60
C TYR A 194 -2.59 -15.57 37.81
N THR A 195 -2.58 -15.05 36.59
CA THR A 195 -3.79 -15.02 35.78
C THR A 195 -4.34 -16.40 35.44
N MET A 196 -3.42 -17.29 35.12
CA MET A 196 -3.79 -18.64 34.81
C MET A 196 -4.40 -19.23 36.07
N ALA A 197 -3.69 -19.08 37.20
CA ALA A 197 -4.24 -19.55 38.51
C ALA A 197 -5.70 -19.07 38.88
N LYS A 198 -5.98 -17.78 38.72
CA LYS A 198 -7.34 -17.30 38.86
C LYS A 198 -8.37 -17.91 37.89
N GLY A 199 -7.99 -18.08 36.60
CA GLY A 199 -8.85 -18.82 35.62
C GLY A 199 -9.08 -20.22 36.08
N ALA A 200 -8.04 -20.88 36.66
CA ALA A 200 -8.22 -22.22 37.33
C ALA A 200 -9.19 -22.16 38.53
N LEU A 201 -9.08 -21.11 39.35
CA LEU A 201 -10.04 -20.91 40.43
C LEU A 201 -11.50 -20.69 39.97
N GLU A 202 -11.68 -20.00 38.86
CA GLU A 202 -13.01 -19.83 38.26
C GLU A 202 -13.60 -21.20 37.83
N GLY A 203 -12.76 -22.07 37.22
CA GLY A 203 -13.13 -23.42 36.87
C GLY A 203 -13.59 -24.17 38.08
N LEU A 204 -12.80 -24.10 39.14
CA LEU A 204 -13.18 -24.75 40.38
C LEU A 204 -14.55 -24.29 40.90
N THR A 205 -14.79 -22.99 40.85
CA THR A 205 -16.08 -22.44 41.28
C THR A 205 -17.20 -23.18 40.56
N ARG A 206 -17.15 -23.19 39.25
CA ARG A 206 -18.21 -23.79 38.42
C ARG A 206 -18.36 -25.28 38.67
N SER A 207 -17.25 -25.98 38.51
CA SER A 207 -17.17 -27.40 38.72
C SER A 207 -17.63 -27.86 40.12
N ALA A 208 -17.13 -27.22 41.19
CA ALA A 208 -17.52 -27.63 42.58
C ALA A 208 -18.97 -27.26 42.85
N ALA A 209 -19.43 -26.16 42.28
CA ALA A 209 -20.86 -25.81 42.43
C ALA A 209 -21.76 -26.90 41.89
N LEU A 210 -21.35 -27.47 40.78
CA LEU A 210 -22.16 -28.52 40.13
C LEU A 210 -22.17 -29.82 40.94
N GLU A 211 -20.95 -30.27 41.31
CA GLU A 211 -20.76 -31.54 42.00
C GLU A 211 -21.22 -31.58 43.44
N LEU A 212 -21.13 -30.43 44.12
CA LEU A 212 -21.54 -30.30 45.53
C LEU A 212 -22.99 -29.82 45.74
N ALA A 213 -23.67 -29.43 44.66
CA ALA A 213 -25.09 -29.17 44.75
C ALA A 213 -25.89 -30.23 45.52
N PRO A 214 -25.69 -31.53 45.27
CA PRO A 214 -26.55 -32.53 45.92
C PRO A 214 -26.43 -32.51 47.46
N LEU A 215 -25.31 -32.00 47.97
CA LEU A 215 -25.07 -31.87 49.42
C LEU A 215 -25.43 -30.47 49.86
N GLN A 216 -25.97 -29.68 48.93
CA GLN A 216 -26.39 -28.31 49.22
C GLN A 216 -25.21 -27.41 49.65
N ILE A 217 -24.03 -27.77 49.18
CA ILE A 217 -22.89 -26.84 49.24
C ILE A 217 -22.86 -25.86 48.02
N ARG A 218 -23.13 -24.59 48.33
CA ARG A 218 -23.05 -23.50 47.34
C ARG A 218 -21.59 -23.06 47.18
N VAL A 219 -21.23 -22.74 45.94
CA VAL A 219 -19.85 -22.40 45.59
C VAL A 219 -19.85 -21.27 44.62
N ASN A 220 -19.33 -20.12 45.03
CA ASN A 220 -19.44 -18.91 44.28
C ASN A 220 -18.16 -18.14 44.34
N GLY A 221 -17.99 -17.19 43.40
CA GLY A 221 -16.82 -16.33 43.40
C GLY A 221 -17.14 -14.86 43.63
N VAL A 222 -16.18 -14.14 44.15
CA VAL A 222 -16.26 -12.70 44.28
C VAL A 222 -14.95 -12.17 43.66
N GLY A 223 -15.10 -11.30 42.66
CA GLY A 223 -13.95 -10.74 41.99
C GLY A 223 -13.77 -9.26 42.24
N PRO A 224 -12.84 -8.86 43.11
CA PRO A 224 -12.45 -7.47 43.21
C PRO A 224 -11.79 -6.93 41.93
N GLY A 225 -11.94 -5.62 41.71
CA GLY A 225 -11.13 -4.92 40.71
C GLY A 225 -9.86 -4.41 41.34
N LEU A 226 -9.93 -3.17 41.83
CA LEU A 226 -8.84 -2.54 42.60
C LEU A 226 -9.38 -2.30 44.01
N SER A 227 -8.75 -2.93 45.00
CA SER A 227 -9.17 -2.84 46.38
C SER A 227 -7.94 -2.56 47.23
N VAL A 228 -8.06 -1.62 48.18
CA VAL A 228 -6.97 -1.22 49.07
C VAL A 228 -5.62 -1.31 48.40
N LEU A 229 -5.50 -0.47 47.38
CA LEU A 229 -4.36 -0.48 46.47
C LEU A 229 -3.10 -0.11 47.24
N VAL A 230 -2.05 -0.92 47.09
CA VAL A 230 -0.84 -0.57 47.81
C VAL A 230 -0.26 0.76 47.28
N ASP A 231 0.11 1.66 48.17
CA ASP A 231 0.48 3.02 47.80
C ASP A 231 2.00 3.17 47.74
N ASP A 232 2.71 2.09 47.41
CA ASP A 232 4.16 2.06 47.43
C ASP A 232 4.70 2.51 46.10
N MET A 233 4.54 3.79 45.80
CA MET A 233 4.86 4.34 44.49
C MET A 233 4.64 5.86 44.53
N PRO A 234 5.12 6.60 43.53
CA PRO A 234 4.83 8.07 43.49
C PRO A 234 3.36 8.28 43.69
N PRO A 235 2.95 9.17 44.60
CA PRO A 235 1.53 9.51 44.72
C PRO A 235 0.81 9.64 43.38
N ALA A 236 1.35 10.41 42.45
CA ALA A 236 0.63 10.74 41.23
C ALA A 236 0.33 9.50 40.36
N VAL A 237 1.24 8.53 40.42
CA VAL A 237 1.07 7.26 39.78
C VAL A 237 0.02 6.45 40.55
N TRP A 238 -0.08 6.62 41.86
CA TRP A 238 -1.07 5.82 42.63
C TRP A 238 -2.45 6.41 42.34
N GLU A 239 -2.49 7.75 42.31
CA GLU A 239 -3.72 8.47 42.08
C GLU A 239 -4.15 8.16 40.66
N GLY A 240 -3.16 8.04 39.77
CA GLY A 240 -3.37 7.74 38.36
C GLY A 240 -3.99 6.38 38.16
N HIS A 241 -3.56 5.39 38.91
CA HIS A 241 -4.18 4.07 38.83
C HIS A 241 -5.63 4.05 39.33
N ARG A 242 -5.89 4.51 40.55
CA ARG A 242 -7.27 4.57 41.09
C ARG A 242 -8.19 5.41 40.25
N SER A 243 -7.64 6.45 39.62
CA SER A 243 -8.49 7.44 38.94
C SER A 243 -9.15 6.82 37.75
N LYS A 244 -8.74 5.57 37.44
CA LYS A 244 -9.19 4.84 36.29
C LYS A 244 -10.45 4.08 36.49
N VAL A 245 -10.75 3.82 37.75
CA VAL A 245 -12.01 3.23 38.09
C VAL A 245 -13.19 4.20 37.74
N PRO A 246 -14.13 3.78 36.91
CA PRO A 246 -15.17 4.75 36.51
C PRO A 246 -16.02 5.14 37.73
N LEU A 247 -16.31 4.18 38.62
CA LEU A 247 -17.14 4.52 39.80
C LEU A 247 -16.27 5.09 40.95
N TYR A 248 -16.43 6.37 41.28
CA TYR A 248 -15.72 7.06 42.40
C TYR A 248 -14.29 7.44 42.08
N GLN A 249 -13.77 6.92 40.97
CA GLN A 249 -12.36 7.07 40.61
C GLN A 249 -11.45 6.72 41.78
N ARG A 250 -11.73 5.59 42.43
CA ARG A 250 -10.84 5.08 43.48
C ARG A 250 -10.96 3.59 43.61
N ASP A 251 -9.98 3.00 44.28
CA ASP A 251 -10.07 1.60 44.64
C ASP A 251 -11.07 1.45 45.77
N SER A 252 -11.59 0.24 45.93
CA SER A 252 -12.51 -0.08 47.00
C SER A 252 -11.81 -0.17 48.38
N SER A 253 -12.60 -0.03 49.42
CA SER A 253 -12.19 -0.41 50.76
C SER A 253 -12.36 -1.92 50.91
N ALA A 254 -11.77 -2.49 51.96
CA ALA A 254 -11.91 -3.90 52.24
C ALA A 254 -13.36 -4.33 52.49
N ALA A 255 -14.10 -3.53 53.25
CA ALA A 255 -15.51 -3.79 53.51
C ALA A 255 -16.39 -3.75 52.24
N GLU A 256 -16.06 -2.87 51.31
CA GLU A 256 -16.83 -2.82 50.05
C GLU A 256 -16.79 -4.16 49.28
N VAL A 257 -15.72 -4.92 49.53
CA VAL A 257 -15.59 -6.27 49.03
C VAL A 257 -16.19 -7.28 49.99
N SER A 258 -15.76 -7.25 51.26
CA SER A 258 -16.20 -8.28 52.24
C SER A 258 -17.71 -8.36 52.46
N ASP A 259 -18.40 -7.24 52.28
CA ASP A 259 -19.87 -7.23 52.48
C ASP A 259 -20.66 -8.09 51.49
N VAL A 260 -20.13 -8.17 50.28
CA VAL A 260 -20.61 -9.04 49.22
C VAL A 260 -20.36 -10.49 49.60
N VAL A 261 -19.14 -10.79 50.05
CA VAL A 261 -18.80 -12.12 50.52
C VAL A 261 -19.80 -12.59 51.56
N ILE A 262 -20.04 -11.74 52.55
CA ILE A 262 -20.95 -12.02 53.67
C ILE A 262 -22.38 -12.26 53.18
N PHE A 263 -22.84 -11.43 52.24
CA PHE A 263 -24.11 -11.64 51.65
C PHE A 263 -24.26 -13.03 51.02
N LEU A 264 -23.36 -13.37 50.11
CA LEU A 264 -23.34 -14.67 49.47
C LEU A 264 -23.37 -15.83 50.47
N CYS A 265 -22.81 -15.64 51.65
CA CYS A 265 -22.84 -16.71 52.65
C CYS A 265 -24.17 -16.70 53.39
N SER A 266 -24.92 -15.62 53.33
CA SER A 266 -26.17 -15.54 54.13
C SER A 266 -27.26 -16.42 53.52
N SER A 267 -28.20 -16.84 54.34
CA SER A 267 -29.31 -17.73 53.91
C SER A 267 -30.21 -17.06 52.88
N LYS A 268 -30.10 -15.73 52.82
CA LYS A 268 -30.76 -14.93 51.83
C LYS A 268 -30.23 -15.26 50.42
N ALA A 269 -29.01 -15.78 50.32
CA ALA A 269 -28.38 -16.07 49.05
C ALA A 269 -28.43 -17.57 48.68
N LYS A 270 -29.32 -18.33 49.32
CA LYS A 270 -29.34 -19.82 49.23
C LYS A 270 -29.69 -20.43 47.87
N TYR A 271 -30.15 -19.63 46.90
CA TYR A 271 -30.38 -20.11 45.55
C TYR A 271 -29.24 -19.78 44.57
N ILE A 272 -28.21 -19.09 45.06
CA ILE A 272 -27.11 -18.68 44.23
C ILE A 272 -26.00 -19.69 44.42
N THR A 273 -25.52 -20.24 43.31
CA THR A 273 -24.35 -21.10 43.30
C THR A 273 -23.79 -21.11 41.87
N GLY A 274 -22.48 -21.31 41.76
CA GLY A 274 -21.81 -21.42 40.46
C GLY A 274 -21.56 -20.12 39.74
N THR A 275 -21.82 -19.01 40.40
CA THR A 275 -21.59 -17.69 39.82
C THR A 275 -20.56 -16.80 40.54
N CYS A 276 -20.21 -15.71 39.87
CA CYS A 276 -19.25 -14.76 40.31
C CYS A 276 -19.90 -13.41 40.48
N VAL A 277 -19.39 -12.61 41.41
CA VAL A 277 -19.86 -11.27 41.51
C VAL A 277 -18.65 -10.38 41.44
N LYS A 278 -18.71 -9.45 40.48
CA LYS A 278 -17.66 -8.48 40.29
C LYS A 278 -17.91 -7.37 41.27
N VAL A 279 -16.84 -6.92 41.95
CA VAL A 279 -16.90 -5.75 42.84
C VAL A 279 -15.78 -4.86 42.40
N ASP A 280 -16.05 -4.08 41.37
CA ASP A 280 -14.94 -3.42 40.70
C ASP A 280 -15.19 -2.01 40.24
N GLY A 281 -16.34 -1.47 40.62
CA GLY A 281 -16.61 -0.10 40.28
C GLY A 281 -16.68 0.18 38.79
N GLY A 282 -17.05 -0.81 38.01
CA GLY A 282 -17.13 -0.71 36.56
C GLY A 282 -15.76 -0.81 35.89
N TYR A 283 -14.69 -1.04 36.65
CA TYR A 283 -13.36 -1.09 36.07
C TYR A 283 -13.18 -2.05 34.87
N SER A 284 -13.80 -3.23 34.89
CA SER A 284 -13.78 -4.15 33.75
C SER A 284 -14.49 -3.69 32.48
N LEU A 285 -15.32 -2.67 32.59
CA LEU A 285 -15.98 -2.06 31.46
C LEU A 285 -15.04 -1.16 30.66
N THR A 286 -13.82 -0.95 31.15
CA THR A 286 -12.94 0.00 30.48
C THR A 286 -12.07 -0.66 29.39
N ARG A 287 -11.57 0.18 28.51
CA ARG A 287 -10.64 -0.23 27.44
C ARG A 287 -9.53 0.83 27.44
N ALA A 288 -8.38 0.52 26.85
CA ALA A 288 -7.23 1.44 26.76
C ALA A 288 -7.51 2.64 25.83
N THR B 5 14.02 -21.98 5.45
CA THR B 5 13.14 -21.19 4.51
C THR B 5 11.65 -21.64 4.50
N VAL B 6 11.38 -22.78 5.12
CA VAL B 6 10.04 -23.36 5.21
C VAL B 6 9.50 -23.18 6.68
N PRO B 7 8.23 -22.83 6.86
CA PRO B 7 7.77 -22.64 8.23
C PRO B 7 7.71 -23.98 9.05
N VAL B 8 7.97 -23.86 10.34
CA VAL B 8 8.02 -24.96 11.27
C VAL B 8 6.91 -24.85 12.32
N ALA B 9 6.13 -25.94 12.46
CA ALA B 9 5.13 -26.13 13.51
C ALA B 9 5.56 -27.17 14.50
N LEU B 10 5.54 -26.80 15.78
CA LEU B 10 5.55 -27.77 16.89
C LEU B 10 4.09 -28.15 17.38
N VAL B 11 3.79 -29.44 17.38
CA VAL B 11 2.47 -29.93 17.78
C VAL B 11 2.65 -30.98 18.87
N THR B 12 2.19 -30.62 20.07
CA THR B 12 2.23 -31.50 21.20
C THR B 12 1.08 -32.51 21.11
N GLY B 13 1.30 -33.69 21.63
CA GLY B 13 0.28 -34.76 21.57
C GLY B 13 -0.12 -35.01 20.14
N ALA B 14 0.89 -35.02 19.23
CA ALA B 14 0.60 -35.11 17.77
C ALA B 14 0.26 -36.51 17.18
N ALA B 15 0.44 -37.56 17.96
CA ALA B 15 0.42 -38.90 17.39
C ALA B 15 -0.91 -39.38 16.84
N LYS B 16 -2.00 -38.98 17.45
CA LYS B 16 -3.27 -39.51 17.01
C LYS B 16 -4.31 -38.41 17.04
N ARG B 17 -5.55 -38.82 16.77
CA ARG B 17 -6.78 -38.01 16.94
C ARG B 17 -6.67 -36.56 16.47
N LEU B 18 -6.96 -35.58 17.32
CA LEU B 18 -6.99 -34.19 16.84
C LEU B 18 -5.61 -33.60 16.63
N GLY B 19 -4.60 -34.07 17.36
CA GLY B 19 -3.19 -33.68 17.19
C GLY B 19 -2.60 -34.11 15.84
N ARG B 20 -3.02 -35.29 15.37
CA ARG B 20 -2.58 -35.84 14.08
C ARG B 20 -3.18 -35.01 12.95
N SER B 21 -4.48 -34.86 13.03
CA SER B 21 -5.18 -34.05 12.09
C SER B 21 -4.60 -32.61 11.99
N ILE B 22 -4.01 -32.10 13.07
CA ILE B 22 -3.46 -30.78 13.10
C ILE B 22 -2.10 -30.75 12.42
N ALA B 23 -1.24 -31.66 12.84
CA ALA B 23 0.02 -31.91 12.16
C ALA B 23 -0.20 -32.10 10.61
N GLU B 24 -1.16 -32.95 10.23
CA GLU B 24 -1.47 -33.21 8.84
C GLU B 24 -1.98 -31.97 8.09
N GLY B 25 -2.88 -31.25 8.72
CA GLY B 25 -3.44 -30.02 8.19
C GLY B 25 -2.40 -28.93 7.98
N LEU B 26 -1.50 -28.80 8.95
CA LEU B 26 -0.36 -27.87 8.81
C LEU B 26 0.63 -28.32 7.72
N HIS B 27 1.00 -29.59 7.74
CA HIS B 27 1.79 -30.18 6.68
C HIS B 27 1.23 -29.91 5.27
N ALA B 28 -0.09 -30.03 5.06
CA ALA B 28 -0.70 -29.75 3.75
C ALA B 28 -0.54 -28.31 3.32
N GLU B 29 -0.29 -27.43 4.28
CA GLU B 29 -0.12 -26.01 4.01
C GLU B 29 1.34 -25.65 3.71
N GLY B 30 2.22 -26.60 3.88
CA GLY B 30 3.64 -26.36 3.66
C GLY B 30 4.53 -26.40 4.90
N TYR B 31 3.96 -26.60 6.10
CA TYR B 31 4.81 -26.65 7.32
C TYR B 31 5.69 -27.91 7.42
N ALA B 32 6.89 -27.75 7.96
CA ALA B 32 7.61 -28.88 8.55
C ALA B 32 7.07 -29.00 9.98
N VAL B 33 6.92 -30.23 10.45
CA VAL B 33 6.18 -30.45 11.69
C VAL B 33 6.95 -31.27 12.71
N CYS B 34 7.22 -30.67 13.85
CA CYS B 34 7.77 -31.40 14.99
C CYS B 34 6.60 -32.03 15.72
N LEU B 35 6.60 -33.35 15.69
CA LEU B 35 5.52 -34.17 16.28
C LEU B 35 5.91 -34.63 17.67
N HIS B 36 5.30 -34.05 18.70
CA HIS B 36 5.61 -34.45 20.07
C HIS B 36 4.74 -35.66 20.41
N TYR B 37 5.19 -36.49 21.31
CA TYR B 37 4.38 -37.61 21.79
C TYR B 37 4.97 -37.92 23.15
N HIS B 38 4.24 -38.66 23.96
CA HIS B 38 4.73 -39.07 25.29
C HIS B 38 4.86 -40.55 25.26
N ARG B 39 3.70 -41.20 25.12
CA ARG B 39 3.54 -42.65 25.21
C ARG B 39 3.26 -43.25 23.85
N SER B 40 2.75 -42.46 22.89
CA SER B 40 2.42 -42.98 21.56
C SER B 40 3.53 -42.92 20.49
N ALA B 41 4.71 -43.48 20.80
CA ALA B 41 5.87 -43.62 19.89
C ALA B 41 5.55 -44.28 18.55
N ALA B 42 4.85 -45.42 18.57
CA ALA B 42 4.57 -46.12 17.32
C ALA B 42 3.73 -45.32 16.34
N GLU B 43 2.63 -44.73 16.84
CA GLU B 43 1.75 -43.92 16.03
C GLU B 43 2.42 -42.63 15.54
N ALA B 44 3.28 -42.05 16.37
CA ALA B 44 3.99 -40.80 16.04
C ALA B 44 5.05 -41.05 14.92
N ASN B 45 5.86 -42.10 15.08
CA ASN B 45 6.84 -42.52 14.06
C ASN B 45 6.20 -42.93 12.73
N ALA B 46 5.01 -43.50 12.80
CA ALA B 46 4.28 -43.85 11.61
C ALA B 46 3.77 -42.61 10.85
N LEU B 47 3.28 -41.66 11.62
CA LEU B 47 2.78 -40.43 11.07
C LEU B 47 3.90 -39.61 10.43
N SER B 48 5.03 -39.56 11.12
CA SER B 48 6.24 -38.94 10.61
C SER B 48 6.62 -39.55 9.25
N ALA B 49 6.62 -40.88 9.16
CA ALA B 49 6.98 -41.59 7.94
C ALA B 49 6.07 -41.18 6.78
N THR B 50 4.78 -41.07 7.05
CA THR B 50 3.83 -40.67 6.02
C THR B 50 4.15 -39.28 5.50
N LEU B 51 4.47 -38.38 6.41
CA LEU B 51 4.71 -36.97 6.06
C LEU B 51 6.03 -36.82 5.34
N ASN B 52 7.07 -37.44 5.87
CA ASN B 52 8.33 -37.47 5.20
C ASN B 52 8.27 -38.11 3.81
N ALA B 53 7.45 -39.15 3.64
CA ALA B 53 7.33 -39.79 2.34
C ALA B 53 6.74 -38.82 1.29
N ARG B 54 5.85 -37.94 1.74
CA ARG B 54 5.18 -36.98 0.85
C ARG B 54 6.07 -35.82 0.63
N ARG B 55 6.92 -35.51 1.61
CA ARG B 55 7.86 -34.40 1.47
C ARG B 55 9.04 -34.66 2.37
N PRO B 56 10.18 -35.01 1.78
CA PRO B 56 11.37 -35.35 2.55
C PRO B 56 11.70 -34.29 3.58
N ASN B 57 12.13 -34.77 4.76
CA ASN B 57 12.57 -33.90 5.86
C ASN B 57 11.54 -32.90 6.33
N SER B 58 10.26 -33.26 6.28
CA SER B 58 9.18 -32.36 6.66
C SER B 58 8.52 -32.80 7.98
N ALA B 59 9.17 -33.70 8.71
CA ALA B 59 8.67 -34.16 10.02
C ALA B 59 9.71 -34.81 10.90
N ILE B 60 9.55 -34.64 12.20
CA ILE B 60 10.42 -35.30 13.22
C ILE B 60 9.56 -35.64 14.40
N THR B 61 10.03 -36.55 15.26
CA THR B 61 9.28 -36.86 16.49
C THR B 61 10.18 -36.57 17.66
N VAL B 62 9.60 -36.07 18.76
CA VAL B 62 10.33 -35.81 20.00
C VAL B 62 9.48 -36.24 21.20
N GLN B 63 10.08 -36.93 22.16
CA GLN B 63 9.26 -37.50 23.18
C GLN B 63 9.45 -36.66 24.41
N ALA B 64 8.35 -36.35 25.11
CA ALA B 64 8.42 -35.71 26.41
C ALA B 64 7.17 -35.95 27.21
N ASP B 65 7.40 -36.24 28.49
CA ASP B 65 6.35 -36.19 29.54
C ASP B 65 6.13 -34.75 29.94
N LEU B 66 4.92 -34.25 29.65
CA LEU B 66 4.54 -32.85 29.95
C LEU B 66 3.83 -32.70 31.32
N SER B 67 3.88 -33.76 32.11
CA SER B 67 3.40 -33.71 33.47
C SER B 67 4.27 -32.76 34.31
N ASN B 68 3.70 -32.10 35.30
CA ASN B 68 4.50 -31.19 36.14
C ASN B 68 5.33 -31.94 37.16
N VAL B 69 6.27 -32.76 36.67
CA VAL B 69 7.18 -33.55 37.47
C VAL B 69 8.61 -33.35 36.96
N ALA B 70 9.57 -33.47 37.88
CA ALA B 70 10.97 -33.59 37.44
C ALA B 70 11.22 -35.04 37.04
N THR B 71 11.74 -35.24 35.84
CA THR B 71 12.12 -36.56 35.32
C THR B 71 13.59 -36.89 35.68
N ALA B 72 14.04 -38.09 35.33
CA ALA B 72 15.39 -38.56 35.67
C ALA B 72 16.45 -38.37 34.56
N PRO B 73 17.54 -37.68 34.93
CA PRO B 73 18.55 -36.97 34.09
C PRO B 73 19.13 -37.39 32.72
N VAL B 74 18.98 -38.64 32.32
CA VAL B 74 19.90 -39.25 31.33
C VAL B 74 20.83 -38.31 30.54
N GLY B 76 19.92 -42.52 37.42
CA GLY B 76 20.37 -43.21 38.66
C GLY B 76 21.85 -43.53 38.62
N ALA B 77 22.63 -42.55 39.06
CA ALA B 77 24.07 -42.60 38.88
C ALA B 77 24.51 -41.20 39.19
N ASP B 78 25.71 -40.92 38.70
CA ASP B 78 26.65 -40.14 39.41
C ASP B 78 26.47 -38.66 39.29
N GLY B 79 26.53 -38.19 38.06
CA GLY B 79 26.64 -36.77 37.77
C GLY B 79 25.42 -36.26 37.06
N SER B 80 24.35 -36.08 37.84
CA SER B 80 23.21 -35.23 37.50
C SER B 80 22.01 -35.05 38.47
N ALA B 81 21.16 -34.16 37.98
CA ALA B 81 20.06 -33.60 38.70
C ALA B 81 18.83 -33.77 37.84
N PRO B 82 17.72 -33.98 38.51
CA PRO B 82 16.47 -34.33 37.85
C PRO B 82 16.14 -33.28 36.83
N VAL B 83 15.49 -33.65 35.72
CA VAL B 83 15.14 -32.66 34.66
C VAL B 83 13.76 -32.11 34.94
N THR B 84 13.70 -30.82 35.14
CA THR B 84 12.42 -30.17 35.33
C THR B 84 11.53 -30.11 34.03
N LEU B 85 10.23 -29.97 34.24
CA LEU B 85 9.28 -29.75 33.12
C LEU B 85 9.71 -28.57 32.28
N PHE B 86 10.08 -27.46 32.92
CA PHE B 86 10.55 -26.29 32.16
C PHE B 86 11.63 -26.58 31.09
N THR B 87 12.66 -27.32 31.51
CA THR B 87 13.75 -27.80 30.66
C THR B 87 13.26 -28.71 29.54
N ARG B 88 12.44 -29.70 29.85
CA ARG B 88 11.92 -30.57 28.77
C ARG B 88 11.11 -29.76 27.74
N CYS B 89 10.40 -28.73 28.19
CA CYS B 89 9.70 -27.82 27.31
C CYS B 89 10.64 -26.96 26.46
N ALA B 90 11.64 -26.36 27.09
CA ALA B 90 12.69 -25.65 26.34
C ALA B 90 13.36 -26.52 25.25
N GLU B 91 13.69 -27.76 25.61
CA GLU B 91 14.26 -28.75 24.67
C GLU B 91 13.36 -29.10 23.48
N LEU B 92 12.05 -29.08 23.70
CA LEU B 92 11.10 -29.29 22.63
C LEU B 92 11.20 -28.23 21.57
N VAL B 93 11.15 -26.98 21.99
CA VAL B 93 11.29 -25.85 21.08
C VAL B 93 12.70 -25.85 20.48
N ALA B 94 13.70 -26.09 21.34
CA ALA B 94 15.10 -26.19 20.87
C ALA B 94 15.22 -27.20 19.72
N ALA B 95 14.53 -28.33 19.82
CA ALA B 95 14.52 -29.40 18.80
C ALA B 95 14.16 -28.90 17.44
N CYS B 96 13.26 -27.92 17.39
CA CYS B 96 12.84 -27.33 16.14
C CYS B 96 13.95 -26.42 15.58
N TYR B 97 14.66 -25.71 16.45
CA TYR B 97 15.68 -24.78 15.97
C TYR B 97 16.94 -25.53 15.51
N THR B 98 17.32 -26.54 16.29
CA THR B 98 18.38 -27.47 15.96
C THR B 98 18.22 -28.11 14.59
N HIS B 99 17.00 -28.55 14.29
CA HIS B 99 16.76 -29.33 13.12
C HIS B 99 16.45 -28.49 11.85
N TRP B 100 15.68 -27.41 12.04
CA TRP B 100 15.27 -26.60 10.91
C TRP B 100 15.61 -25.10 11.07
N GLY B 101 16.17 -24.72 12.22
CA GLY B 101 16.63 -23.35 12.45
C GLY B 101 15.46 -22.44 12.74
N ARG B 102 14.27 -23.00 12.98
CA ARG B 102 13.11 -22.14 13.29
C ARG B 102 11.92 -22.79 13.97
N CYS B 103 11.02 -21.98 14.48
CA CYS B 103 9.73 -22.42 15.02
C CYS B 103 8.66 -21.30 14.90
N ASP B 104 7.74 -21.46 13.98
CA ASP B 104 6.78 -20.44 13.65
C ASP B 104 5.44 -20.63 14.34
N VAL B 105 5.07 -21.90 14.49
CA VAL B 105 3.77 -22.26 14.99
C VAL B 105 3.96 -23.19 16.19
N LEU B 106 3.28 -22.90 17.29
CA LEU B 106 3.16 -23.83 18.43
C LEU B 106 1.70 -24.11 18.66
N VAL B 107 1.36 -25.38 18.68
CA VAL B 107 0.01 -25.85 19.05
C VAL B 107 0.13 -26.69 20.36
N ASN B 108 -0.55 -26.22 21.42
CA ASN B 108 -0.56 -26.86 22.70
C ASN B 108 -1.79 -27.73 22.74
N ASN B 109 -1.62 -28.98 22.33
CA ASN B 109 -2.72 -29.92 22.10
C ASN B 109 -2.70 -31.08 23.08
N ALA B 110 -1.51 -31.50 23.50
CA ALA B 110 -1.37 -32.61 24.46
C ALA B 110 -2.20 -32.30 25.67
N SER B 111 -2.93 -33.30 26.16
CA SER B 111 -3.77 -33.10 27.29
C SER B 111 -4.29 -34.42 27.90
N SER B 112 -4.09 -34.59 29.20
CA SER B 112 -4.75 -35.70 29.90
C SER B 112 -6.17 -35.30 30.32
N PHE B 113 -6.98 -36.31 30.55
CA PHE B 113 -8.41 -36.09 30.70
C PHE B 113 -8.94 -37.34 31.37
N TYR B 114 -9.15 -37.22 32.68
CA TYR B 114 -9.81 -38.31 33.42
C TYR B 114 -10.30 -37.67 34.72
N PRO B 115 -11.27 -38.33 35.34
CA PRO B 115 -11.97 -37.83 36.55
C PRO B 115 -11.12 -37.52 37.77
N THR B 116 -11.43 -36.41 38.44
CA THR B 116 -10.92 -36.18 39.78
C THR B 116 -12.08 -35.81 40.69
N PRO B 117 -12.86 -36.77 41.12
CA PRO B 117 -14.10 -36.45 41.89
C PRO B 117 -13.79 -35.76 43.23
N LEU B 118 -14.58 -34.75 43.60
CA LEU B 118 -14.66 -34.30 45.01
C LEU B 118 -15.41 -35.32 45.90
N LEU B 119 -16.57 -35.78 45.47
CA LEU B 119 -17.26 -36.79 46.28
C LEU B 119 -16.78 -38.17 45.80
N ARG B 120 -16.40 -39.04 46.72
CA ARG B 120 -16.21 -40.43 46.32
C ARG B 120 -17.44 -41.32 46.60
N GLY B 131 -1.38 -46.80 46.91
CA GLY B 131 -2.64 -46.53 46.22
C GLY B 131 -3.18 -45.24 46.80
N ASP B 132 -3.68 -44.37 45.93
CA ASP B 132 -4.03 -43.00 46.32
C ASP B 132 -2.78 -42.37 46.94
N ARG B 133 -2.88 -41.12 47.41
CA ARG B 133 -1.69 -40.32 47.71
C ARG B 133 -0.96 -40.19 46.39
N GLU B 134 -0.44 -41.32 45.89
CA GLU B 134 0.17 -41.41 44.57
C GLU B 134 -0.83 -41.10 43.44
N ALA B 135 -2.03 -41.65 43.51
CA ALA B 135 -3.13 -41.27 42.59
C ALA B 135 -3.44 -39.77 42.58
N MET B 136 -3.67 -39.18 43.75
CA MET B 136 -4.11 -37.78 43.79
C MET B 136 -2.92 -36.93 43.43
N GLU B 137 -1.73 -37.27 43.95
CA GLU B 137 -0.54 -36.47 43.59
C GLU B 137 -0.19 -36.49 42.12
N THR B 138 -0.27 -37.67 41.53
CA THR B 138 0.12 -37.83 40.13
C THR B 138 -0.87 -37.22 39.16
N ALA B 139 -2.15 -37.23 39.56
CA ALA B 139 -3.24 -36.71 38.72
C ALA B 139 -3.16 -35.22 38.61
N THR B 140 -2.84 -34.59 39.73
CA THR B 140 -2.78 -33.13 39.79
C THR B 140 -1.66 -32.70 38.88
N ALA B 141 -0.47 -33.31 39.04
CA ALA B 141 0.71 -32.99 38.21
C ALA B 141 0.51 -33.23 36.70
N ASP B 142 -0.11 -34.34 36.35
CA ASP B 142 -0.32 -34.75 35.00
C ASP B 142 -1.38 -33.87 34.33
N LEU B 143 -2.51 -33.63 35.00
CA LEU B 143 -3.60 -32.92 34.35
C LEU B 143 -3.28 -31.48 34.28
N PHE B 144 -2.80 -30.91 35.39
CA PHE B 144 -2.31 -29.51 35.32
C PHE B 144 -1.06 -29.31 34.45
N GLY B 145 -0.15 -30.28 34.43
CA GLY B 145 1.05 -30.15 33.60
C GLY B 145 0.67 -30.05 32.12
N SER B 146 -0.08 -31.04 31.67
CA SER B 146 -0.22 -31.26 30.27
C SER B 146 -1.10 -30.14 29.70
N ASN B 147 -2.13 -29.81 30.49
CA ASN B 147 -3.16 -28.86 30.09
C ASN B 147 -2.88 -27.39 30.31
N ALA B 148 -1.91 -27.08 31.18
CA ALA B 148 -1.68 -25.68 31.62
C ALA B 148 -0.20 -25.32 31.80
N ILE B 149 0.51 -26.03 32.66
CA ILE B 149 1.83 -25.62 33.03
C ILE B 149 2.82 -25.82 31.89
N ALA B 150 2.74 -26.97 31.20
CA ALA B 150 3.62 -27.20 30.02
C ALA B 150 3.35 -26.14 28.93
N PRO B 151 2.10 -25.92 28.49
CA PRO B 151 1.86 -24.83 27.54
C PRO B 151 2.54 -23.57 28.04
N TYR B 152 2.44 -23.23 29.33
CA TYR B 152 3.08 -21.97 29.77
C TYR B 152 4.59 -21.90 29.47
N PHE B 153 5.28 -23.00 29.74
CA PHE B 153 6.73 -23.08 29.60
C PHE B 153 7.08 -23.15 28.09
N LEU B 154 6.27 -23.90 27.36
CA LEU B 154 6.43 -23.99 25.96
C LEU B 154 6.31 -22.61 25.30
N ILE B 155 5.28 -21.85 25.69
CA ILE B 155 5.07 -20.48 25.17
C ILE B 155 6.24 -19.55 25.52
N LYS B 156 6.78 -19.71 26.73
CA LYS B 156 7.93 -18.99 27.23
C LYS B 156 9.19 -19.28 26.36
N ALA B 157 9.53 -20.56 26.18
CA ALA B 157 10.67 -20.98 25.35
C ALA B 157 10.51 -20.44 23.91
N PHE B 158 9.34 -20.63 23.34
CA PHE B 158 8.96 -20.14 22.05
C PHE B 158 9.23 -18.65 21.94
N ALA B 159 8.86 -17.91 22.99
CA ALA B 159 8.87 -16.46 22.99
C ALA B 159 10.31 -15.94 23.08
N HIS B 160 11.04 -16.40 24.09
CA HIS B 160 12.47 -16.14 24.20
C HIS B 160 13.24 -16.36 22.86
N ARG B 161 12.90 -17.42 22.13
CA ARG B 161 13.68 -17.78 20.94
C ARG B 161 13.32 -16.89 19.69
N VAL B 162 12.12 -16.38 19.66
CA VAL B 162 11.79 -15.26 18.76
C VAL B 162 12.45 -13.93 19.20
N ALA B 163 12.47 -13.65 20.51
CA ALA B 163 13.06 -12.44 21.07
C ALA B 163 14.52 -12.42 20.75
N GLY B 164 15.13 -13.60 20.74
CA GLY B 164 16.56 -13.76 20.53
C GLY B 164 16.94 -13.76 19.06
N THR B 165 15.96 -13.92 18.18
CA THR B 165 16.19 -13.84 16.73
C THR B 165 16.28 -12.38 16.26
N PRO B 166 17.41 -11.95 15.66
CA PRO B 166 17.54 -10.56 15.13
C PRO B 166 16.36 -10.31 14.27
N ALA B 167 15.71 -9.17 14.46
CA ALA B 167 14.48 -8.87 13.70
C ALA B 167 14.55 -9.26 12.23
N LYS B 168 15.73 -9.10 11.65
CA LYS B 168 15.93 -9.30 10.19
C LYS B 168 15.71 -10.75 9.75
N HIS B 169 16.05 -11.68 10.64
CA HIS B 169 15.86 -13.13 10.37
C HIS B 169 14.54 -13.73 10.90
N ARG B 170 13.66 -12.90 11.47
CA ARG B 170 12.41 -13.38 12.03
C ARG B 170 11.38 -13.81 11.00
N GLY B 171 10.49 -14.70 11.44
CA GLY B 171 9.36 -15.12 10.66
C GLY B 171 8.40 -13.98 10.55
N THR B 172 7.43 -14.12 9.66
CA THR B 172 6.41 -13.10 9.46
C THR B 172 5.01 -13.56 9.87
N ASN B 173 4.87 -14.80 10.37
CA ASN B 173 3.58 -15.38 10.78
C ASN B 173 3.70 -16.33 12.03
N TYR B 174 4.20 -15.77 13.12
CA TYR B 174 4.22 -16.47 14.40
C TYR B 174 2.84 -16.65 15.01
N SER B 175 2.50 -17.89 15.30
CA SER B 175 1.17 -18.26 15.79
C SER B 175 1.21 -19.34 16.86
N ILE B 176 0.45 -19.14 17.93
CA ILE B 176 0.34 -20.13 19.04
C ILE B 176 -1.09 -20.46 19.21
N ILE B 177 -1.41 -21.74 19.13
CA ILE B 177 -2.78 -22.21 19.34
C ILE B 177 -2.90 -23.13 20.56
N ASN B 178 -3.87 -22.79 21.41
CA ASN B 178 -4.08 -23.55 22.61
C ASN B 178 -5.38 -24.28 22.44
N MET B 179 -5.35 -25.60 22.55
CA MET B 179 -6.62 -26.39 22.46
C MET B 179 -7.29 -26.38 23.84
N VAL B 180 -8.36 -25.61 23.91
CA VAL B 180 -9.13 -25.51 25.11
C VAL B 180 -10.38 -26.41 25.01
N ASP B 181 -11.49 -25.99 25.60
CA ASP B 181 -12.66 -26.83 25.67
C ASP B 181 -13.83 -25.88 25.59
N ALA B 182 -14.70 -26.04 24.60
CA ALA B 182 -15.94 -25.21 24.50
C ALA B 182 -16.93 -25.40 25.67
N MET B 183 -16.85 -26.57 26.31
CA MET B 183 -17.85 -27.01 27.28
C MET B 183 -17.51 -26.82 28.78
N THR B 184 -16.39 -26.15 29.11
CA THR B 184 -15.97 -26.12 30.53
C THR B 184 -16.70 -25.08 31.40
N ASN B 185 -17.37 -24.11 30.77
CA ASN B 185 -18.37 -23.31 31.47
C ASN B 185 -19.61 -24.10 31.92
N GLN B 186 -19.78 -25.26 31.29
CA GLN B 186 -20.78 -26.24 31.65
C GLN B 186 -20.04 -27.53 32.10
N PRO B 187 -19.47 -27.52 33.30
CA PRO B 187 -18.45 -28.49 33.62
C PRO B 187 -18.96 -29.93 33.60
N LEU B 188 -18.04 -30.84 33.34
CA LEU B 188 -18.34 -32.23 33.26
C LEU B 188 -18.17 -32.73 34.67
N LEU B 189 -19.24 -33.36 35.16
CA LEU B 189 -19.31 -33.82 36.54
C LEU B 189 -18.19 -34.81 36.97
N GLY B 190 -17.33 -34.36 37.88
CA GLY B 190 -16.21 -35.18 38.37
C GLY B 190 -14.88 -34.96 37.72
N TYR B 191 -14.79 -33.96 36.85
CA TYR B 191 -13.56 -33.64 36.11
C TYR B 191 -12.90 -32.28 36.51
N THR B 192 -12.90 -32.02 37.84
CA THR B 192 -12.53 -30.72 38.37
C THR B 192 -11.14 -30.18 37.98
N ILE B 193 -10.11 -30.98 38.24
CA ILE B 193 -8.72 -30.64 37.90
C ILE B 193 -8.55 -30.37 36.37
N TYR B 194 -9.04 -31.26 35.54
CA TYR B 194 -9.09 -31.01 34.13
C TYR B 194 -9.69 -29.62 33.80
N THR B 195 -10.87 -29.35 34.37
CA THR B 195 -11.63 -28.14 34.09
C THR B 195 -10.88 -26.90 34.57
N MET B 196 -10.24 -27.02 35.70
CA MET B 196 -9.49 -25.89 36.22
C MET B 196 -8.28 -25.70 35.32
N ALA B 197 -7.61 -26.79 34.94
CA ALA B 197 -6.47 -26.69 34.00
C ALA B 197 -6.76 -25.99 32.64
N LYS B 198 -7.87 -26.37 31.99
CA LYS B 198 -8.39 -25.65 30.84
C LYS B 198 -8.70 -24.19 31.16
N GLY B 199 -9.16 -23.93 32.39
CA GLY B 199 -9.40 -22.53 32.72
C GLY B 199 -8.11 -21.69 32.83
N ALA B 200 -7.14 -22.27 33.50
CA ALA B 200 -5.76 -21.84 33.39
C ALA B 200 -5.28 -21.64 31.96
N LEU B 201 -5.52 -22.60 31.08
CA LEU B 201 -5.07 -22.48 29.71
C LEU B 201 -5.73 -21.28 29.02
N GLU B 202 -7.01 -21.04 29.35
CA GLU B 202 -7.69 -19.89 28.76
C GLU B 202 -7.09 -18.55 29.19
N GLY B 203 -6.68 -18.44 30.46
CA GLY B 203 -5.91 -17.29 30.95
C GLY B 203 -4.56 -17.08 30.28
N LEU B 204 -3.87 -18.18 30.02
CA LEU B 204 -2.62 -18.13 29.23
C LEU B 204 -2.80 -17.56 27.86
N THR B 205 -3.86 -17.97 27.17
CA THR B 205 -4.20 -17.45 25.85
C THR B 205 -4.30 -15.91 25.91
N ARG B 206 -5.08 -15.42 26.85
CA ARG B 206 -5.31 -14.00 26.96
C ARG B 206 -4.03 -13.24 27.34
N SER B 207 -3.42 -13.65 28.43
CA SER B 207 -2.21 -13.04 28.94
C SER B 207 -1.03 -13.14 27.96
N ALA B 208 -0.82 -14.30 27.33
CA ALA B 208 0.29 -14.42 26.34
C ALA B 208 0.01 -13.57 25.08
N ALA B 209 -1.27 -13.47 24.72
CA ALA B 209 -1.63 -12.70 23.56
C ALA B 209 -1.29 -11.25 23.83
N LEU B 210 -1.49 -10.81 25.07
CA LEU B 210 -1.21 -9.42 25.40
C LEU B 210 0.30 -9.16 25.42
N GLU B 211 1.02 -9.98 26.13
CA GLU B 211 2.45 -9.74 26.34
C GLU B 211 3.34 -9.98 25.10
N LEU B 212 2.96 -10.92 24.25
CA LEU B 212 3.69 -11.24 23.01
C LEU B 212 3.20 -10.41 21.76
N ALA B 213 2.15 -9.61 21.92
CA ALA B 213 1.76 -8.75 20.82
C ALA B 213 2.94 -7.91 20.24
N PRO B 214 3.83 -7.34 21.06
CA PRO B 214 4.91 -6.50 20.49
C PRO B 214 5.84 -7.30 19.60
N LEU B 215 5.93 -8.62 19.82
CA LEU B 215 6.74 -9.46 18.97
C LEU B 215 5.97 -9.99 17.79
N GLN B 216 4.67 -9.63 17.73
CA GLN B 216 3.77 -10.12 16.69
C GLN B 216 3.56 -11.61 16.80
N ILE B 217 3.64 -12.12 18.01
CA ILE B 217 3.18 -13.48 18.27
C ILE B 217 1.68 -13.45 18.64
N ARG B 218 0.88 -14.07 17.79
CA ARG B 218 -0.54 -14.19 18.02
C ARG B 218 -0.81 -15.41 18.84
N VAL B 219 -1.78 -15.30 19.75
CA VAL B 219 -2.08 -16.40 20.64
C VAL B 219 -3.56 -16.60 20.75
N ASN B 220 -4.06 -17.70 20.22
CA ASN B 220 -5.50 -17.97 20.24
C ASN B 220 -5.88 -19.35 20.73
N GLY B 221 -7.17 -19.50 21.07
CA GLY B 221 -7.67 -20.81 21.47
C GLY B 221 -8.65 -21.40 20.52
N VAL B 222 -8.78 -22.72 20.50
CA VAL B 222 -9.77 -23.43 19.75
C VAL B 222 -10.37 -24.44 20.73
N GLY B 223 -11.68 -24.39 20.91
CA GLY B 223 -12.33 -25.23 21.90
C GLY B 223 -13.30 -26.16 21.23
N PRO B 224 -12.94 -27.43 21.05
CA PRO B 224 -13.88 -28.45 20.67
C PRO B 224 -14.99 -28.72 21.70
N GLY B 225 -16.12 -29.18 21.19
CA GLY B 225 -17.17 -29.68 22.02
C GLY B 225 -17.00 -31.17 22.19
N LEU B 226 -17.66 -31.93 21.35
CA LEU B 226 -17.48 -33.37 21.27
C LEU B 226 -16.86 -33.69 19.90
N SER B 227 -15.68 -34.28 19.95
CA SER B 227 -14.93 -34.59 18.73
C SER B 227 -14.35 -35.98 18.85
N VAL B 228 -14.51 -36.77 17.79
CA VAL B 228 -13.97 -38.14 17.71
C VAL B 228 -14.18 -38.84 19.03
N LEU B 229 -15.44 -38.90 19.40
CA LEU B 229 -15.91 -39.42 20.70
C LEU B 229 -15.52 -40.88 20.85
N VAL B 230 -14.83 -41.17 21.94
CA VAL B 230 -14.41 -42.54 22.23
C VAL B 230 -15.68 -43.35 22.47
N ASP B 231 -15.72 -44.53 21.87
CA ASP B 231 -16.92 -45.32 21.72
C ASP B 231 -16.85 -46.61 22.53
N ASP B 232 -16.16 -46.56 23.65
CA ASP B 232 -16.00 -47.72 24.55
C ASP B 232 -17.19 -47.88 25.52
N MET B 233 -18.40 -48.01 24.99
CA MET B 233 -19.60 -47.96 25.83
C MET B 233 -20.80 -48.52 25.08
N PRO B 234 -21.95 -48.72 25.75
CA PRO B 234 -23.13 -49.16 24.97
C PRO B 234 -23.45 -48.14 23.85
N PRO B 235 -23.65 -48.66 22.64
CA PRO B 235 -23.90 -47.83 21.44
C PRO B 235 -25.04 -46.84 21.62
N ALA B 236 -26.09 -47.31 22.29
CA ALA B 236 -27.24 -46.50 22.64
C ALA B 236 -26.84 -45.35 23.56
N VAL B 237 -25.91 -45.61 24.47
CA VAL B 237 -25.29 -44.54 25.28
C VAL B 237 -24.37 -43.63 24.41
N TRP B 238 -23.37 -44.19 23.72
CA TRP B 238 -22.57 -43.41 22.74
C TRP B 238 -23.46 -42.63 21.83
N GLU B 239 -24.53 -43.27 21.35
CA GLU B 239 -25.45 -42.64 20.40
C GLU B 239 -26.21 -41.49 21.03
N GLY B 240 -26.62 -41.67 22.30
CA GLY B 240 -27.40 -40.68 22.99
C GLY B 240 -26.56 -39.44 23.34
N HIS B 241 -25.29 -39.65 23.65
CA HIS B 241 -24.32 -38.59 23.91
C HIS B 241 -24.25 -37.68 22.72
N ARG B 242 -23.78 -38.21 21.59
CA ARG B 242 -23.93 -37.60 20.23
C ARG B 242 -25.17 -36.81 19.85
N SER B 243 -26.32 -37.42 20.09
CA SER B 243 -27.57 -36.89 19.58
C SER B 243 -27.89 -35.50 20.18
N LYS B 244 -27.26 -35.18 21.31
CA LYS B 244 -27.45 -33.86 21.97
C LYS B 244 -26.63 -32.68 21.41
N VAL B 245 -25.80 -32.92 20.40
CA VAL B 245 -25.18 -31.80 19.69
C VAL B 245 -26.25 -31.24 18.75
N PRO B 246 -26.71 -29.99 18.89
CA PRO B 246 -27.82 -29.55 18.03
C PRO B 246 -27.46 -29.76 16.55
N LEU B 247 -26.21 -29.42 16.21
CA LEU B 247 -25.85 -29.44 14.79
C LEU B 247 -25.39 -30.84 14.38
N TYR B 248 -26.22 -31.49 13.54
CA TYR B 248 -25.93 -32.84 12.98
C TYR B 248 -26.15 -33.96 13.94
N GLN B 249 -26.41 -33.62 15.21
CA GLN B 249 -26.57 -34.61 16.25
C GLN B 249 -25.43 -35.65 16.23
N ARG B 250 -24.21 -35.19 16.15
CA ARG B 250 -23.04 -36.04 16.22
C ARG B 250 -21.82 -35.25 16.66
N ASP B 251 -20.80 -35.98 17.09
CA ASP B 251 -19.50 -35.38 17.40
C ASP B 251 -18.79 -35.05 16.10
N SER B 252 -17.82 -34.14 16.18
CA SER B 252 -17.09 -33.71 15.05
C SER B 252 -16.04 -34.77 14.64
N SER B 253 -15.61 -34.66 13.39
CA SER B 253 -14.39 -35.33 12.93
C SER B 253 -13.20 -34.53 13.41
N ALA B 254 -12.01 -35.09 13.25
CA ALA B 254 -10.77 -34.42 13.64
C ALA B 254 -10.52 -33.22 12.75
N ALA B 255 -10.72 -33.40 11.45
CA ALA B 255 -10.54 -32.31 10.49
C ALA B 255 -11.49 -31.12 10.75
N GLU B 256 -12.72 -31.41 11.17
CA GLU B 256 -13.67 -30.31 11.45
C GLU B 256 -13.13 -29.37 12.55
N VAL B 257 -12.23 -29.90 13.37
CA VAL B 257 -11.52 -29.11 14.38
C VAL B 257 -10.20 -28.57 13.85
N SER B 258 -9.36 -29.44 13.28
CA SER B 258 -8.03 -29.03 12.79
C SER B 258 -8.04 -27.97 11.71
N ASP B 259 -9.11 -27.87 10.94
CA ASP B 259 -9.18 -26.89 9.86
C ASP B 259 -9.22 -25.47 10.39
N VAL B 260 -9.82 -25.34 11.58
CA VAL B 260 -9.96 -24.08 12.28
C VAL B 260 -8.60 -23.67 12.80
N VAL B 261 -7.90 -24.63 13.38
CA VAL B 261 -6.53 -24.42 13.86
C VAL B 261 -5.68 -23.90 12.72
N ILE B 262 -5.74 -24.58 11.59
CA ILE B 262 -5.01 -24.17 10.37
C ILE B 262 -5.33 -22.75 9.90
N PHE B 263 -6.61 -22.41 9.85
CA PHE B 263 -6.99 -21.06 9.49
C PHE B 263 -6.35 -20.00 10.41
N LEU B 264 -6.52 -20.22 11.71
CA LEU B 264 -5.96 -19.33 12.73
C LEU B 264 -4.47 -19.13 12.57
N CYS B 265 -3.78 -20.13 12.02
CA CYS B 265 -2.34 -19.98 11.81
C CYS B 265 -2.03 -19.32 10.49
N SER B 266 -3.00 -19.25 9.60
CA SER B 266 -2.79 -18.65 8.26
C SER B 266 -2.71 -17.12 8.31
N SER B 267 -1.97 -16.56 7.36
CA SER B 267 -1.72 -15.12 7.31
C SER B 267 -3.01 -14.37 7.13
N LYS B 268 -4.05 -15.07 6.69
CA LYS B 268 -5.35 -14.49 6.61
C LYS B 268 -5.94 -14.14 8.02
N ALA B 269 -5.42 -14.79 9.07
CA ALA B 269 -5.90 -14.61 10.46
C ALA B 269 -4.97 -13.70 11.28
N LYS B 270 -4.15 -12.88 10.63
CA LYS B 270 -3.08 -12.17 11.34
C LYS B 270 -3.52 -10.96 12.20
N TYR B 271 -4.81 -10.65 12.23
CA TYR B 271 -5.32 -9.59 13.10
C TYR B 271 -5.99 -10.18 14.32
N ILE B 272 -6.08 -11.51 14.33
CA ILE B 272 -6.75 -12.21 15.41
C ILE B 272 -5.73 -12.64 16.45
N THR B 273 -5.99 -12.24 17.69
CA THR B 273 -5.18 -12.71 18.83
C THR B 273 -6.01 -12.55 20.12
N GLY B 274 -5.70 -13.37 21.11
CA GLY B 274 -6.32 -13.28 22.43
C GLY B 274 -7.73 -13.79 22.48
N THR B 275 -8.14 -14.54 21.45
CA THR B 275 -9.49 -15.04 21.38
C THR B 275 -9.56 -16.57 21.23
N CYS B 276 -10.78 -17.08 21.42
CA CYS B 276 -11.16 -18.47 21.30
C CYS B 276 -12.18 -18.62 20.20
N VAL B 277 -12.16 -19.78 19.55
CA VAL B 277 -13.21 -20.17 18.64
C VAL B 277 -13.65 -21.53 19.11
N LYS B 278 -14.92 -21.61 19.47
CA LYS B 278 -15.59 -22.89 19.80
C LYS B 278 -15.84 -23.60 18.50
N VAL B 279 -15.60 -24.91 18.50
CA VAL B 279 -15.98 -25.78 17.40
C VAL B 279 -16.83 -26.89 17.98
N ASP B 280 -18.11 -26.66 18.07
CA ASP B 280 -18.86 -27.51 18.98
C ASP B 280 -20.28 -27.81 18.53
N GLY B 281 -20.64 -27.39 17.32
CA GLY B 281 -21.94 -27.74 16.79
C GLY B 281 -23.08 -27.20 17.61
N GLY B 282 -22.83 -26.07 18.28
CA GLY B 282 -23.78 -25.40 19.18
C GLY B 282 -24.00 -26.12 20.50
N TYR B 283 -23.20 -27.14 20.78
CA TYR B 283 -23.36 -27.91 22.03
C TYR B 283 -23.43 -27.05 23.33
N SER B 284 -22.58 -26.03 23.43
CA SER B 284 -22.59 -25.07 24.56
C SER B 284 -23.85 -24.20 24.73
N LEU B 285 -24.66 -24.11 23.67
CA LEU B 285 -25.94 -23.47 23.74
C LEU B 285 -26.96 -24.31 24.46
N THR B 286 -26.63 -25.54 24.82
CA THR B 286 -27.67 -26.40 25.46
C THR B 286 -27.73 -26.33 26.99
N ARG B 287 -28.82 -26.82 27.54
CA ARG B 287 -29.10 -26.78 28.97
C ARG B 287 -29.78 -28.12 29.22
N ALA B 288 -29.80 -28.57 30.48
CA ALA B 288 -30.32 -29.88 30.84
C ALA B 288 -31.85 -29.89 30.74
N VAL C 6 -36.58 8.97 53.77
CA VAL C 6 -37.36 7.93 53.00
C VAL C 6 -37.06 7.92 51.46
N PRO C 7 -36.20 6.99 51.07
CA PRO C 7 -35.88 6.75 49.66
C PRO C 7 -37.04 6.13 48.90
N VAL C 8 -37.04 6.37 47.59
CA VAL C 8 -38.12 5.95 46.72
C VAL C 8 -37.52 4.93 45.71
N ALA C 9 -38.23 3.82 45.54
CA ALA C 9 -38.08 2.84 44.48
C ALA C 9 -39.25 2.83 43.45
N LEU C 10 -38.94 2.97 42.16
CA LEU C 10 -39.85 2.61 41.08
C LEU C 10 -39.60 1.15 40.63
N VAL C 11 -40.65 0.33 40.64
CA VAL C 11 -40.58 -1.08 40.25
C VAL C 11 -41.61 -1.31 39.13
N THR C 12 -41.09 -1.59 37.93
CA THR C 12 -41.96 -1.91 36.81
C THR C 12 -42.45 -3.34 36.94
N GLY C 13 -43.67 -3.62 36.50
CA GLY C 13 -44.19 -4.94 36.55
C GLY C 13 -44.36 -5.42 37.99
N ALA C 14 -44.77 -4.52 38.87
CA ALA C 14 -44.72 -4.79 40.29
C ALA C 14 -45.85 -5.61 40.91
N ALA C 15 -46.92 -5.85 40.14
CA ALA C 15 -48.18 -6.44 40.70
C ALA C 15 -48.09 -7.83 41.27
N LYS C 16 -47.33 -8.70 40.61
CA LYS C 16 -47.16 -10.09 41.06
C LYS C 16 -45.77 -10.69 41.00
N ARG C 17 -45.69 -11.91 41.50
CA ARG C 17 -44.53 -12.73 41.24
C ARG C 17 -43.22 -12.03 41.68
N LEU C 18 -42.21 -11.85 40.82
CA LEU C 18 -40.94 -11.30 41.34
C LEU C 18 -41.01 -9.81 41.57
N GLY C 19 -41.67 -9.11 40.66
CA GLY C 19 -41.92 -7.69 40.83
C GLY C 19 -42.60 -7.36 42.14
N ARG C 20 -43.60 -8.13 42.51
CA ARG C 20 -44.22 -7.95 43.84
C ARG C 20 -43.24 -8.24 45.03
N SER C 21 -42.56 -9.38 45.02
CA SER C 21 -41.51 -9.69 46.00
C SER C 21 -40.39 -8.63 46.11
N ILE C 22 -40.12 -7.94 45.01
CA ILE C 22 -39.09 -6.88 44.99
C ILE C 22 -39.60 -5.59 45.65
N ALA C 23 -40.81 -5.18 45.24
CA ALA C 23 -41.51 -4.08 45.87
C ALA C 23 -41.56 -4.31 47.40
N GLU C 24 -41.85 -5.54 47.81
CA GLU C 24 -42.07 -5.86 49.18
C GLU C 24 -40.76 -5.80 49.92
N GLY C 25 -39.72 -6.28 49.23
CA GLY C 25 -38.41 -6.47 49.83
C GLY C 25 -37.78 -5.12 50.06
N LEU C 26 -38.01 -4.22 49.11
CA LEU C 26 -37.56 -2.84 49.21
C LEU C 26 -38.37 -2.10 50.27
N HIS C 27 -39.69 -2.33 50.30
CA HIS C 27 -40.58 -1.75 51.32
C HIS C 27 -40.13 -2.13 52.73
N ALA C 28 -39.71 -3.38 52.92
CA ALA C 28 -39.23 -3.82 54.22
C ALA C 28 -37.93 -3.15 54.62
N GLU C 29 -37.25 -2.49 53.67
CA GLU C 29 -35.97 -1.83 53.97
C GLU C 29 -36.21 -0.35 54.24
N GLY C 30 -37.47 0.06 54.14
CA GLY C 30 -37.83 1.45 54.32
C GLY C 30 -38.19 2.26 53.07
N TYR C 31 -38.12 1.67 51.87
CA TYR C 31 -38.40 2.47 50.67
C TYR C 31 -39.87 2.76 50.60
N ALA C 32 -40.20 3.95 50.07
CA ALA C 32 -41.52 4.18 49.46
C ALA C 32 -41.45 3.56 48.06
N VAL C 33 -42.55 2.98 47.60
CA VAL C 33 -42.51 2.22 46.34
C VAL C 33 -43.58 2.61 45.33
N CYS C 34 -43.13 3.09 44.17
CA CYS C 34 -44.01 3.29 43.02
C CYS C 34 -44.16 1.99 42.28
N LEU C 35 -45.33 1.39 42.38
CA LEU C 35 -45.62 0.11 41.77
C LEU C 35 -46.23 0.33 40.41
N HIS C 36 -45.49 0.06 39.35
CA HIS C 36 -46.05 0.15 37.96
C HIS C 36 -46.72 -1.17 37.54
N TYR C 37 -47.79 -1.11 36.76
CA TYR C 37 -48.45 -2.31 36.28
C TYR C 37 -48.96 -1.94 34.92
N HIS C 38 -49.31 -2.95 34.13
CA HIS C 38 -49.96 -2.69 32.84
C HIS C 38 -51.43 -3.15 32.86
N ARG C 39 -51.67 -4.45 33.02
CA ARG C 39 -53.01 -5.02 33.09
C ARG C 39 -53.38 -5.42 34.51
N SER C 40 -52.42 -5.68 35.34
CA SER C 40 -52.76 -6.22 36.64
C SER C 40 -53.15 -5.11 37.67
N ALA C 41 -54.15 -4.29 37.31
CA ALA C 41 -54.65 -3.19 38.20
C ALA C 41 -55.12 -3.69 39.57
N ALA C 42 -55.91 -4.76 39.59
CA ALA C 42 -56.46 -5.26 40.85
C ALA C 42 -55.33 -5.67 41.77
N GLU C 43 -54.35 -6.36 41.21
CA GLU C 43 -53.31 -6.94 42.04
C GLU C 43 -52.41 -5.89 42.61
N ALA C 44 -52.11 -4.89 41.79
CA ALA C 44 -51.25 -3.75 42.16
C ALA C 44 -51.89 -2.87 43.24
N ASN C 45 -53.16 -2.53 43.05
CA ASN C 45 -53.89 -1.77 44.05
C ASN C 45 -53.99 -2.53 45.42
N ALA C 46 -54.19 -3.84 45.40
CA ALA C 46 -54.20 -4.63 46.60
C ALA C 46 -52.82 -4.62 47.27
N LEU C 47 -51.77 -4.71 46.48
CA LEU C 47 -50.45 -4.71 47.04
C LEU C 47 -50.11 -3.36 47.68
N SER C 48 -50.46 -2.27 46.99
CA SER C 48 -50.38 -0.91 47.47
C SER C 48 -51.13 -0.70 48.78
N ALA C 49 -52.34 -1.23 48.87
CA ALA C 49 -53.13 -1.26 50.12
C ALA C 49 -52.39 -1.94 51.30
N THR C 50 -51.74 -3.07 51.05
CA THR C 50 -51.04 -3.79 52.10
C THR C 50 -49.90 -2.91 52.58
N LEU C 51 -49.19 -2.30 51.65
CA LEU C 51 -47.97 -1.59 52.00
C LEU C 51 -48.35 -0.27 52.73
N ASN C 52 -49.39 0.37 52.25
CA ASN C 52 -49.84 1.60 52.85
C ASN C 52 -50.43 1.34 54.25
N ALA C 53 -51.07 0.20 54.43
CA ALA C 53 -51.59 -0.19 55.74
C ALA C 53 -50.47 -0.36 56.76
N ARG C 54 -49.35 -0.97 56.35
CA ARG C 54 -48.18 -1.12 57.23
C ARG C 54 -47.42 0.20 57.40
N ARG C 55 -47.50 1.09 56.43
CA ARG C 55 -46.79 2.34 56.52
C ARG C 55 -47.44 3.36 55.61
N PRO C 56 -48.24 4.26 56.18
CA PRO C 56 -48.98 5.26 55.41
C PRO C 56 -48.15 5.97 54.35
N ASN C 57 -48.76 6.22 53.20
CA ASN C 57 -48.10 6.89 52.06
C ASN C 57 -46.72 6.29 51.64
N SER C 58 -46.62 4.97 51.69
CA SER C 58 -45.36 4.35 51.33
C SER C 58 -45.46 3.56 49.98
N ALA C 59 -46.52 3.82 49.20
CA ALA C 59 -46.77 3.14 47.93
C ALA C 59 -47.79 3.85 47.11
N ILE C 60 -47.60 3.80 45.80
CA ILE C 60 -48.55 4.28 44.82
C ILE C 60 -48.56 3.33 43.61
N THR C 61 -49.60 3.43 42.77
CA THR C 61 -49.60 2.66 41.54
C THR C 61 -49.71 3.56 40.32
N VAL C 62 -49.01 3.18 39.26
CA VAL C 62 -48.96 3.91 38.00
C VAL C 62 -49.08 2.89 36.90
N GLN C 63 -49.92 3.15 35.91
CA GLN C 63 -50.19 2.17 34.84
C GLN C 63 -49.51 2.67 33.56
N ALA C 64 -48.90 1.73 32.84
CA ALA C 64 -48.29 2.06 31.51
C ALA C 64 -48.04 0.77 30.74
N ASP C 65 -48.46 0.76 29.49
CA ASP C 65 -47.96 -0.13 28.48
C ASP C 65 -46.52 0.24 28.13
N LEU C 66 -45.64 -0.73 28.28
CA LEU C 66 -44.22 -0.49 28.03
C LEU C 66 -43.74 -1.04 26.66
N SER C 67 -44.71 -1.49 25.88
CA SER C 67 -44.47 -1.95 24.54
C SER C 67 -44.04 -0.76 23.70
N ASN C 68 -43.18 -0.97 22.71
CA ASN C 68 -42.65 0.14 21.92
C ASN C 68 -43.67 0.63 20.90
N VAL C 69 -44.82 1.00 21.40
CA VAL C 69 -45.91 1.57 20.60
C VAL C 69 -46.37 2.92 21.11
N ALA C 70 -47.26 3.47 20.32
CA ALA C 70 -47.94 4.65 20.67
C ALA C 70 -49.36 4.27 21.16
N THR C 71 -49.90 5.12 22.04
CA THR C 71 -51.17 4.83 22.69
C THR C 71 -51.86 6.15 22.93
N ALA C 72 -53.13 6.05 23.36
CA ALA C 72 -53.90 7.07 24.16
C ALA C 72 -53.42 8.53 24.30
N PRO C 73 -54.18 9.54 23.84
CA PRO C 73 -54.08 10.85 24.47
C PRO C 73 -55.23 10.94 25.48
N SER C 80 -52.38 14.62 23.66
CA SER C 80 -52.25 15.75 22.79
C SER C 80 -52.30 15.27 21.35
N ALA C 81 -52.06 13.99 21.16
CA ALA C 81 -51.52 13.42 19.90
C ALA C 81 -50.87 12.12 20.40
N PRO C 82 -50.42 11.21 19.53
CA PRO C 82 -50.12 9.88 20.10
C PRO C 82 -49.02 10.02 21.12
N VAL C 83 -49.15 9.28 22.22
CA VAL C 83 -48.18 9.34 23.30
C VAL C 83 -47.17 8.26 23.02
N THR C 84 -45.89 8.64 22.91
CA THR C 84 -44.86 7.65 22.64
C THR C 84 -44.42 6.95 23.94
N LEU C 85 -43.73 5.82 23.77
CA LEU C 85 -43.11 5.06 24.85
C LEU C 85 -42.18 5.92 25.66
N PHE C 86 -41.30 6.68 25.00
CA PHE C 86 -40.42 7.61 25.72
C PHE C 86 -41.15 8.52 26.75
N THR C 87 -42.23 9.15 26.31
CA THR C 87 -43.06 10.01 27.16
C THR C 87 -43.69 9.24 28.33
N ARG C 88 -44.33 8.09 28.04
CA ARG C 88 -44.88 7.26 29.14
C ARG C 88 -43.85 6.85 30.18
N CYS C 89 -42.64 6.59 29.71
CA CYS C 89 -41.52 6.30 30.56
C CYS C 89 -41.07 7.48 31.43
N ALA C 90 -40.97 8.66 30.83
CA ALA C 90 -40.64 9.89 31.57
C ALA C 90 -41.67 10.19 32.67
N GLU C 91 -42.95 10.02 32.31
CA GLU C 91 -44.09 10.17 33.21
C GLU C 91 -44.07 9.24 34.39
N LEU C 92 -43.43 8.06 34.21
CA LEU C 92 -43.33 7.09 35.29
C LEU C 92 -42.39 7.59 36.33
N VAL C 93 -41.26 8.11 35.88
CA VAL C 93 -40.23 8.61 36.78
C VAL C 93 -40.74 9.90 37.40
N ALA C 94 -41.39 10.73 36.59
CA ALA C 94 -42.00 12.00 37.05
C ALA C 94 -43.04 11.77 38.15
N ALA C 95 -43.80 10.68 38.06
CA ALA C 95 -44.79 10.30 39.08
C ALA C 95 -44.13 10.16 40.43
N CYS C 96 -42.87 9.71 40.44
CA CYS C 96 -42.14 9.54 41.69
C CYS C 96 -41.72 10.84 42.31
N TYR C 97 -41.28 11.77 41.48
CA TYR C 97 -40.84 13.08 41.92
C TYR C 97 -42.03 13.92 42.38
N THR C 98 -43.13 13.88 41.62
CA THR C 98 -44.38 14.58 41.93
C THR C 98 -44.93 14.19 43.30
N HIS C 99 -44.91 12.90 43.59
CA HIS C 99 -45.53 12.40 44.79
C HIS C 99 -44.65 12.47 46.02
N TRP C 100 -43.36 12.19 45.86
CA TRP C 100 -42.43 12.11 46.99
C TRP C 100 -41.18 12.96 46.80
N GLY C 101 -41.08 13.68 45.67
CA GLY C 101 -39.93 14.54 45.32
C GLY C 101 -38.58 13.80 45.11
N ARG C 102 -38.64 12.52 44.80
CA ARG C 102 -37.43 11.78 44.54
C ARG C 102 -37.65 10.38 43.92
N CYS C 103 -36.54 9.81 43.42
CA CYS C 103 -36.49 8.47 42.87
C CYS C 103 -35.04 7.95 42.93
N ASP C 104 -34.80 7.03 43.85
CA ASP C 104 -33.46 6.61 44.20
C ASP C 104 -33.11 5.23 43.61
N VAL C 105 -34.14 4.40 43.44
CA VAL C 105 -33.98 3.09 42.95
C VAL C 105 -34.97 2.92 41.75
N LEU C 106 -34.45 2.27 40.68
CA LEU C 106 -35.25 1.82 39.57
C LEU C 106 -34.99 0.34 39.37
N VAL C 107 -36.06 -0.45 39.29
CA VAL C 107 -35.96 -1.84 38.96
C VAL C 107 -36.71 -2.08 37.66
N ASN C 108 -35.96 -2.41 36.60
CA ASN C 108 -36.61 -2.76 35.33
C ASN C 108 -36.98 -4.24 35.34
N ASN C 109 -38.18 -4.52 35.76
CA ASN C 109 -38.64 -5.89 35.99
C ASN C 109 -39.69 -6.31 34.98
N ALA C 110 -40.58 -5.38 34.63
CA ALA C 110 -41.69 -5.72 33.68
C ALA C 110 -41.15 -6.32 32.37
N SER C 111 -41.82 -7.35 31.84
CA SER C 111 -41.22 -8.14 30.76
C SER C 111 -42.14 -9.17 30.17
N SER C 112 -42.46 -8.99 28.88
CA SER C 112 -43.27 -10.02 28.20
C SER C 112 -42.36 -11.17 27.79
N PHE C 113 -42.94 -12.36 27.69
CA PHE C 113 -42.19 -13.60 27.50
C PHE C 113 -43.14 -14.61 26.85
N TYR C 114 -42.97 -14.77 25.52
CA TYR C 114 -43.71 -15.78 24.78
C TYR C 114 -42.96 -16.02 23.47
N PRO C 115 -43.30 -17.13 22.78
CA PRO C 115 -42.55 -17.58 21.59
C PRO C 115 -42.55 -16.69 20.41
N THR C 116 -41.41 -16.54 19.76
CA THR C 116 -41.40 -16.04 18.38
C THR C 116 -40.60 -16.97 17.49
N PRO C 117 -41.20 -18.08 17.05
CA PRO C 117 -40.44 -19.12 16.35
C PRO C 117 -39.92 -18.63 15.02
N LEU C 118 -38.73 -19.11 14.67
CA LEU C 118 -38.20 -18.87 13.32
C LEU C 118 -38.71 -19.94 12.41
N LEU C 119 -38.97 -21.13 12.95
CA LEU C 119 -39.44 -22.23 12.13
C LEU C 119 -40.78 -22.75 12.60
N ARG C 120 -41.82 -22.37 11.84
CA ARG C 120 -43.22 -22.78 12.02
C ARG C 120 -43.48 -23.84 13.08
N ASN C 121 -43.24 -25.09 12.66
CA ASN C 121 -43.70 -26.31 13.36
C ASN C 121 -45.23 -26.42 13.39
N ASP C 132 -49.90 -14.25 9.52
CA ASP C 132 -48.53 -13.88 9.83
C ASP C 132 -48.46 -12.46 10.41
N ARG C 133 -47.25 -11.91 10.40
CA ARG C 133 -46.97 -10.47 10.29
C ARG C 133 -47.32 -9.61 11.50
N GLU C 134 -48.60 -9.21 11.59
CA GLU C 134 -49.14 -8.40 12.72
C GLU C 134 -48.76 -8.98 14.09
N ALA C 135 -49.29 -10.16 14.39
CA ALA C 135 -48.82 -10.97 15.51
C ALA C 135 -47.29 -10.84 15.69
N MET C 136 -46.57 -10.61 14.58
CA MET C 136 -45.11 -10.52 14.62
C MET C 136 -44.63 -9.08 14.90
N GLU C 137 -45.28 -8.08 14.28
CA GLU C 137 -44.99 -6.68 14.53
C GLU C 137 -45.52 -6.14 15.85
N THR C 138 -46.57 -6.75 16.43
CA THR C 138 -47.02 -6.52 17.84
C THR C 138 -46.10 -7.19 18.84
N ALA C 139 -45.68 -8.41 18.51
CA ALA C 139 -44.75 -9.18 19.33
C ALA C 139 -43.42 -8.51 19.42
N THR C 140 -42.91 -8.05 18.30
CA THR C 140 -41.64 -7.34 18.29
C THR C 140 -41.68 -6.10 19.20
N ALA C 141 -42.76 -5.32 19.15
CA ALA C 141 -42.88 -4.08 19.91
C ALA C 141 -43.11 -4.31 21.39
N ASP C 142 -43.79 -5.39 21.67
CA ASP C 142 -44.08 -5.76 23.03
C ASP C 142 -42.86 -6.37 23.72
N LEU C 143 -42.15 -7.29 23.05
CA LEU C 143 -41.08 -8.03 23.70
C LEU C 143 -39.86 -7.18 23.75
N PHE C 144 -39.53 -6.50 22.66
CA PHE C 144 -38.45 -5.54 22.74
C PHE C 144 -38.69 -4.35 23.61
N GLY C 145 -39.93 -3.88 23.66
CA GLY C 145 -40.25 -2.68 24.42
C GLY C 145 -40.08 -2.92 25.91
N SER C 146 -40.75 -3.95 26.39
CA SER C 146 -40.85 -4.18 27.81
C SER C 146 -39.47 -4.56 28.34
N ASN C 147 -38.77 -5.41 27.57
CA ASN C 147 -37.53 -6.00 27.99
C ASN C 147 -36.28 -5.12 27.76
N ALA C 148 -36.35 -4.14 26.86
CA ALA C 148 -35.17 -3.42 26.43
C ALA C 148 -35.36 -1.93 26.18
N ILE C 149 -36.33 -1.57 25.33
CA ILE C 149 -36.49 -0.18 24.95
C ILE C 149 -37.08 0.68 26.08
N ALA C 150 -38.12 0.17 26.79
CA ALA C 150 -38.64 0.88 27.97
C ALA C 150 -37.57 1.05 29.03
N PRO C 151 -36.83 -0.01 29.40
CA PRO C 151 -35.70 0.14 30.32
C PRO C 151 -34.73 1.27 29.96
N TYR C 152 -34.36 1.38 28.69
CA TYR C 152 -33.48 2.44 28.25
C TYR C 152 -34.06 3.82 28.53
N PHE C 153 -35.32 4.03 28.14
CA PHE C 153 -35.97 5.31 28.33
C PHE C 153 -36.16 5.62 29.80
N LEU C 154 -36.43 4.60 30.59
CA LEU C 154 -36.63 4.77 32.02
C LEU C 154 -35.33 5.19 32.65
N ILE C 155 -34.26 4.48 32.31
CA ILE C 155 -32.88 4.86 32.74
C ILE C 155 -32.51 6.30 32.33
N LYS C 156 -32.90 6.67 31.12
CA LYS C 156 -32.70 8.04 30.63
C LYS C 156 -33.43 9.06 31.50
N ALA C 157 -34.72 8.84 31.73
CA ALA C 157 -35.54 9.75 32.53
C ALA C 157 -34.97 9.90 33.97
N PHE C 158 -34.70 8.75 34.57
CA PHE C 158 -34.08 8.62 35.87
C PHE C 158 -32.79 9.41 35.98
N ALA C 159 -31.90 9.29 34.99
CA ALA C 159 -30.59 9.97 35.00
C ALA C 159 -30.72 11.47 34.86
N HIS C 160 -31.66 11.89 34.03
CA HIS C 160 -31.93 13.31 33.83
C HIS C 160 -32.46 13.92 35.15
C HIS C 160 -32.82 14.04 34.88
N ARG C 161 -33.42 13.27 35.79
CA ARG C 161 -33.96 13.84 37.05
C ARG C 161 -32.83 14.02 38.08
N VAL C 162 -31.90 13.06 38.16
CA VAL C 162 -30.71 13.18 39.01
C VAL C 162 -29.78 14.29 38.54
N ALA C 163 -29.53 14.38 37.23
CA ALA C 163 -28.56 15.36 36.71
C ALA C 163 -29.07 16.74 37.04
N GLY C 164 -30.36 16.90 36.96
CA GLY C 164 -31.03 18.15 37.25
C GLY C 164 -31.21 18.46 38.74
N THR C 165 -30.97 17.51 39.62
CA THR C 165 -31.01 17.79 41.05
C THR C 165 -29.67 18.42 41.47
N PRO C 166 -29.73 19.60 42.13
CA PRO C 166 -28.51 20.25 42.64
C PRO C 166 -27.76 19.29 43.56
N ALA C 167 -26.48 19.19 43.40
CA ALA C 167 -25.74 18.14 44.06
C ALA C 167 -26.02 18.03 45.55
N LYS C 168 -26.16 19.15 46.25
CA LYS C 168 -26.25 19.01 47.70
C LYS C 168 -27.58 18.35 48.11
N HIS C 169 -28.61 18.56 47.28
CA HIS C 169 -29.96 17.96 47.41
C HIS C 169 -30.13 16.48 46.87
N ARG C 170 -29.04 15.82 46.47
CA ARG C 170 -29.11 14.48 45.82
C ARG C 170 -29.07 13.37 46.84
N GLY C 171 -29.67 12.23 46.50
CA GLY C 171 -29.59 11.05 47.30
C GLY C 171 -28.19 10.56 47.33
N THR C 172 -27.91 9.62 48.23
CA THR C 172 -26.56 9.09 48.40
C THR C 172 -26.46 7.61 47.99
N ASN C 173 -27.53 7.01 47.49
CA ASN C 173 -27.53 5.57 47.12
C ASN C 173 -28.43 5.33 45.92
N TYR C 174 -28.08 5.95 44.79
CA TYR C 174 -28.77 5.71 43.52
C TYR C 174 -28.46 4.33 42.92
N SER C 175 -29.50 3.58 42.59
CA SER C 175 -29.28 2.21 42.12
C SER C 175 -30.32 1.82 41.08
N ILE C 176 -29.84 1.25 39.96
CA ILE C 176 -30.72 0.69 38.93
C ILE C 176 -30.48 -0.79 38.78
N ILE C 177 -31.54 -1.55 38.80
CA ILE C 177 -31.43 -2.99 38.66
C ILE C 177 -32.24 -3.40 37.46
N ASN C 178 -31.58 -4.05 36.53
CA ASN C 178 -32.25 -4.69 35.39
C ASN C 178 -32.45 -6.19 35.61
N MET C 179 -33.68 -6.66 35.52
CA MET C 179 -33.94 -8.11 35.59
C MET C 179 -33.66 -8.77 34.24
N VAL C 180 -32.60 -9.57 34.22
CA VAL C 180 -32.13 -10.19 33.01
C VAL C 180 -32.42 -11.69 33.13
N ASP C 181 -31.63 -12.53 32.49
CA ASP C 181 -31.91 -13.95 32.44
C ASP C 181 -30.58 -14.70 32.52
N ALA C 182 -30.43 -15.56 33.55
CA ALA C 182 -29.25 -16.44 33.68
C ALA C 182 -29.09 -17.37 32.51
N MET C 183 -30.20 -17.75 31.88
CA MET C 183 -30.20 -18.85 30.90
C MET C 183 -30.15 -18.47 29.42
N THR C 184 -29.95 -17.20 29.07
CA THR C 184 -30.10 -16.81 27.66
C THR C 184 -28.89 -17.09 26.76
N ASN C 185 -27.74 -17.35 27.37
CA ASN C 185 -26.63 -17.93 26.64
C ASN C 185 -26.87 -19.40 26.24
N GLN C 186 -27.94 -19.95 26.79
CA GLN C 186 -28.39 -21.27 26.49
C GLN C 186 -29.84 -21.11 26.07
N PRO C 187 -30.06 -20.57 24.86
CA PRO C 187 -31.36 -20.04 24.52
C PRO C 187 -32.47 -21.09 24.55
N LEU C 188 -33.64 -20.59 24.92
CA LEU C 188 -34.84 -21.33 24.92
C LEU C 188 -35.32 -21.36 23.47
N LEU C 189 -35.61 -22.57 23.01
CA LEU C 189 -35.98 -22.81 21.67
C LEU C 189 -37.31 -22.10 21.32
N GLY C 190 -37.28 -21.26 20.29
CA GLY C 190 -38.48 -20.54 19.86
C GLY C 190 -38.70 -19.14 20.48
N TYR C 191 -37.77 -18.69 21.32
CA TYR C 191 -37.96 -17.44 22.05
C TYR C 191 -36.96 -16.35 21.64
N THR C 192 -36.73 -16.23 20.34
CA THR C 192 -35.64 -15.43 19.82
C THR C 192 -35.74 -13.93 20.15
N ILE C 193 -36.91 -13.34 19.95
CA ILE C 193 -37.04 -11.90 20.22
C ILE C 193 -36.86 -11.64 21.71
N TYR C 194 -37.48 -12.48 22.55
CA TYR C 194 -37.27 -12.37 23.99
C TYR C 194 -35.73 -12.38 24.29
N THR C 195 -35.03 -13.35 23.70
CA THR C 195 -33.62 -13.59 24.02
C THR C 195 -32.78 -12.41 23.58
N MET C 196 -33.10 -11.90 22.40
CA MET C 196 -32.39 -10.77 21.84
C MET C 196 -32.62 -9.55 22.73
N ALA C 197 -33.88 -9.34 23.13
CA ALA C 197 -34.24 -8.24 24.09
C ALA C 197 -33.47 -8.29 25.41
N LYS C 198 -33.38 -9.45 26.03
CA LYS C 198 -32.51 -9.64 27.22
C LYS C 198 -31.01 -9.37 26.96
N GLY C 199 -30.51 -9.75 25.76
CA GLY C 199 -29.11 -9.46 25.34
C GLY C 199 -28.97 -7.94 25.22
N ALA C 200 -29.99 -7.29 24.67
CA ALA C 200 -30.03 -5.84 24.64
C ALA C 200 -30.01 -5.20 26.04
N LEU C 201 -30.76 -5.76 26.98
CA LEU C 201 -30.84 -5.28 28.36
C LEU C 201 -29.46 -5.43 29.04
N GLU C 202 -28.81 -6.56 28.78
CA GLU C 202 -27.44 -6.73 29.30
C GLU C 202 -26.46 -5.64 28.83
N GLY C 203 -26.56 -5.23 27.57
CA GLY C 203 -25.74 -4.13 27.07
C GLY C 203 -26.11 -2.81 27.73
N LEU C 204 -27.42 -2.57 27.93
CA LEU C 204 -27.84 -1.41 28.70
C LEU C 204 -27.21 -1.36 30.08
N THR C 205 -27.19 -2.50 30.76
CA THR C 205 -26.57 -2.57 32.08
C THR C 205 -25.14 -2.02 32.07
N ARG C 206 -24.34 -2.51 31.11
CA ARG C 206 -22.92 -2.21 31.00
C ARG C 206 -22.70 -0.77 30.54
N SER C 207 -23.39 -0.38 29.48
CA SER C 207 -23.33 0.98 28.95
C SER C 207 -23.81 2.03 29.94
N ALA C 208 -24.97 1.80 30.58
CA ALA C 208 -25.45 2.76 31.59
C ALA C 208 -24.57 2.81 32.82
N ALA C 209 -24.05 1.67 33.25
CA ALA C 209 -23.18 1.67 34.39
C ALA C 209 -21.94 2.53 34.14
N LEU C 210 -21.39 2.47 32.92
CA LEU C 210 -20.24 3.29 32.55
C LEU C 210 -20.58 4.79 32.49
N GLU C 211 -21.60 5.16 31.73
CA GLU C 211 -21.97 6.57 31.53
C GLU C 211 -22.53 7.29 32.79
N LEU C 212 -23.18 6.55 33.69
CA LEU C 212 -23.79 7.16 34.88
C LEU C 212 -22.90 7.11 36.10
N ALA C 213 -21.77 6.41 36.00
CA ALA C 213 -20.79 6.36 37.10
C ALA C 213 -20.48 7.76 37.70
N PRO C 214 -20.25 8.78 36.87
CA PRO C 214 -19.90 10.11 37.42
C PRO C 214 -21.02 10.73 38.25
N LEU C 215 -22.25 10.28 38.07
CA LEU C 215 -23.40 10.69 38.89
C LEU C 215 -23.64 9.75 40.06
N GLN C 216 -22.77 8.75 40.19
CA GLN C 216 -22.82 7.75 41.22
C GLN C 216 -24.11 6.96 41.15
N ILE C 217 -24.61 6.77 39.92
CA ILE C 217 -25.73 5.85 39.67
C ILE C 217 -25.19 4.47 39.30
N ARG C 218 -25.40 3.52 40.18
CA ARG C 218 -24.98 2.16 39.92
C ARG C 218 -26.05 1.46 39.08
N VAL C 219 -25.57 0.62 38.16
CA VAL C 219 -26.40 -0.15 37.27
C VAL C 219 -25.95 -1.58 37.22
N ASN C 220 -26.81 -2.47 37.66
CA ASN C 220 -26.51 -3.92 37.68
C ASN C 220 -27.66 -4.74 37.17
N GLY C 221 -27.40 -6.02 36.93
CA GLY C 221 -28.43 -6.97 36.52
C GLY C 221 -28.53 -8.07 37.51
N VAL C 222 -29.71 -8.68 37.57
CA VAL C 222 -29.93 -9.91 38.30
C VAL C 222 -30.63 -10.84 37.35
N GLY C 223 -30.07 -12.04 37.20
CA GLY C 223 -30.62 -13.03 36.29
C GLY C 223 -31.13 -14.27 36.97
N PRO C 224 -32.45 -14.39 37.11
CA PRO C 224 -33.05 -15.66 37.52
C PRO C 224 -32.90 -16.78 36.51
N GLY C 225 -32.89 -18.02 37.00
CA GLY C 225 -32.92 -19.20 36.14
C GLY C 225 -34.36 -19.61 35.96
N LEU C 226 -34.84 -20.45 36.86
CA LEU C 226 -36.24 -20.84 36.89
C LEU C 226 -36.73 -20.43 38.26
N SER C 227 -37.71 -19.51 38.23
CA SER C 227 -38.33 -18.91 39.43
C SER C 227 -39.85 -18.96 39.35
N VAL C 228 -40.48 -19.46 40.41
CA VAL C 228 -41.95 -19.47 40.60
C VAL C 228 -42.76 -19.93 39.38
N LEU C 229 -42.44 -21.14 38.95
CA LEU C 229 -43.16 -21.82 37.88
C LEU C 229 -44.67 -21.89 38.11
N VAL C 230 -45.41 -21.38 37.15
CA VAL C 230 -46.88 -21.54 37.08
C VAL C 230 -47.26 -22.96 36.66
N GLU C 239 -42.11 -32.57 38.15
CA GLU C 239 -41.89 -31.61 37.07
C GLU C 239 -40.54 -31.78 36.34
N GLY C 240 -40.65 -31.97 35.03
CA GLY C 240 -39.55 -31.95 34.08
C GLY C 240 -38.48 -30.91 34.35
N HIS C 241 -38.84 -29.62 34.33
CA HIS C 241 -37.84 -28.51 34.38
C HIS C 241 -37.21 -28.43 35.74
N ARG C 242 -38.05 -28.33 36.75
CA ARG C 242 -37.65 -28.33 38.16
C ARG C 242 -36.50 -29.27 38.41
N SER C 243 -36.70 -30.54 38.06
CA SER C 243 -35.79 -31.64 38.37
C SER C 243 -34.40 -31.47 37.71
N LYS C 244 -34.33 -30.57 36.74
CA LYS C 244 -33.06 -30.28 36.09
C LYS C 244 -32.16 -29.27 36.83
N VAL C 245 -32.70 -28.58 37.83
CA VAL C 245 -31.86 -27.61 38.55
C VAL C 245 -30.88 -28.28 39.57
N PRO C 246 -29.56 -28.15 39.38
CA PRO C 246 -28.60 -28.87 40.24
C PRO C 246 -28.88 -28.69 41.72
N LEU C 247 -29.12 -27.44 42.15
CA LEU C 247 -29.31 -27.06 43.57
C LEU C 247 -30.78 -27.23 43.91
N TYR C 248 -31.08 -28.20 44.76
CA TYR C 248 -32.44 -28.37 45.32
C TYR C 248 -33.42 -28.98 44.33
N GLN C 249 -33.05 -28.99 43.05
CA GLN C 249 -33.87 -29.61 42.00
C GLN C 249 -35.27 -29.01 42.01
N ARG C 250 -35.32 -27.69 42.21
CA ARG C 250 -36.57 -26.94 42.03
C ARG C 250 -36.24 -25.55 41.50
N ASP C 251 -37.31 -24.86 41.10
CA ASP C 251 -37.25 -23.49 40.81
C ASP C 251 -37.13 -22.71 42.09
N SER C 252 -36.79 -21.44 41.97
CA SER C 252 -36.64 -20.60 43.14
C SER C 252 -38.00 -20.07 43.61
N SER C 253 -38.02 -19.56 44.86
CA SER C 253 -39.10 -18.69 45.30
C SER C 253 -38.83 -17.26 44.83
N ALA C 254 -39.85 -16.41 44.90
CA ALA C 254 -39.73 -15.01 44.57
C ALA C 254 -38.70 -14.29 45.43
N ALA C 255 -38.69 -14.60 46.73
CA ALA C 255 -37.79 -13.98 47.68
C ALA C 255 -36.35 -14.38 47.44
N GLU C 256 -36.15 -15.62 47.00
CA GLU C 256 -34.78 -16.10 46.67
C GLU C 256 -34.12 -15.28 45.57
N VAL C 257 -34.96 -14.63 44.74
CA VAL C 257 -34.54 -13.67 43.75
C VAL C 257 -34.50 -12.22 44.28
N SER C 258 -35.59 -11.81 44.94
CA SER C 258 -35.75 -10.40 45.32
C SER C 258 -34.77 -9.95 46.37
N ASP C 259 -34.31 -10.88 47.22
CA ASP C 259 -33.33 -10.55 48.26
C ASP C 259 -32.01 -10.12 47.67
N VAL C 260 -31.62 -10.76 46.58
CA VAL C 260 -30.43 -10.37 45.84
C VAL C 260 -30.58 -8.92 45.34
N VAL C 261 -31.72 -8.63 44.70
CA VAL C 261 -32.03 -7.32 44.21
C VAL C 261 -31.85 -6.27 45.32
N ILE C 262 -32.51 -6.53 46.46
CA ILE C 262 -32.45 -5.67 47.66
C ILE C 262 -31.01 -5.44 48.12
N PHE C 263 -30.22 -6.50 48.24
CA PHE C 263 -28.81 -6.35 48.57
C PHE C 263 -28.09 -5.39 47.61
N LEU C 264 -28.20 -5.63 46.30
CA LEU C 264 -27.58 -4.77 45.29
C LEU C 264 -27.95 -3.29 45.45
N CYS C 265 -29.17 -3.05 45.94
CA CYS C 265 -29.62 -1.71 46.17
C CYS C 265 -29.10 -1.13 47.48
N SER C 266 -28.62 -1.97 48.40
CA SER C 266 -28.15 -1.50 49.71
C SER C 266 -26.79 -0.82 49.63
N SER C 267 -26.56 0.12 50.53
CA SER C 267 -25.30 0.83 50.62
C SER C 267 -24.05 -0.09 50.79
N LYS C 268 -24.24 -1.28 51.30
CA LYS C 268 -23.20 -2.31 51.32
C LYS C 268 -22.68 -2.74 49.94
N ALA C 269 -23.50 -2.58 48.92
CA ALA C 269 -23.16 -2.91 47.56
C ALA C 269 -22.69 -1.68 46.74
N LYS C 270 -22.17 -0.64 47.40
CA LYS C 270 -21.96 0.63 46.71
C LYS C 270 -20.77 0.68 45.73
N TYR C 271 -19.91 -0.33 45.79
CA TYR C 271 -18.81 -0.46 44.86
C TYR C 271 -19.14 -1.36 43.66
N ILE C 272 -20.34 -1.93 43.67
CA ILE C 272 -20.76 -2.79 42.58
C ILE C 272 -21.57 -2.01 41.49
N THR C 273 -21.07 -2.09 40.27
CA THR C 273 -21.78 -1.55 39.14
C THR C 273 -21.35 -2.23 37.85
N GLY C 274 -22.25 -2.23 36.85
CA GLY C 274 -22.01 -2.86 35.56
C GLY C 274 -21.98 -4.38 35.52
N THR C 275 -22.30 -5.06 36.63
CA THR C 275 -22.24 -6.53 36.69
C THR C 275 -23.62 -7.19 36.84
N CYS C 276 -23.64 -8.50 36.63
CA CYS C 276 -24.82 -9.34 36.76
C CYS C 276 -24.66 -10.36 37.87
N VAL C 277 -25.77 -10.71 38.51
CA VAL C 277 -25.76 -11.80 39.43
C VAL C 277 -26.78 -12.83 38.94
N LYS C 278 -26.29 -14.04 38.66
CA LYS C 278 -27.12 -15.20 38.40
C LYS C 278 -27.70 -15.77 39.71
N VAL C 279 -29.02 -15.89 39.69
CA VAL C 279 -29.72 -16.53 40.77
C VAL C 279 -30.45 -17.74 40.18
N ASP C 280 -29.69 -18.82 40.01
CA ASP C 280 -30.20 -19.85 39.14
C ASP C 280 -30.03 -21.27 39.62
N GLY C 281 -29.49 -21.44 40.84
CA GLY C 281 -29.32 -22.80 41.35
C GLY C 281 -28.31 -23.67 40.57
N GLY C 282 -27.40 -23.04 39.86
CA GLY C 282 -26.47 -23.80 39.06
C GLY C 282 -27.03 -24.21 37.70
N TYR C 283 -28.25 -23.78 37.40
CA TYR C 283 -28.88 -24.23 36.14
C TYR C 283 -28.06 -23.96 34.86
N SER C 284 -27.38 -22.80 34.80
CA SER C 284 -26.59 -22.44 33.61
C SER C 284 -25.28 -23.25 33.45
N LEU C 285 -24.93 -23.99 34.50
CA LEU C 285 -23.82 -24.94 34.47
C LEU C 285 -24.17 -26.24 33.78
N THR C 286 -25.44 -26.45 33.43
CA THR C 286 -25.85 -27.70 32.80
C THR C 286 -25.74 -27.67 31.26
N ARG C 287 -25.70 -28.86 30.68
CA ARG C 287 -25.66 -29.12 29.24
C ARG C 287 -26.70 -30.20 28.97
N ALA C 288 -27.09 -30.38 27.70
CA ALA C 288 -28.07 -31.41 27.31
C ALA C 288 -27.50 -32.81 27.41
N THR D 5 -23.65 -25.16 -10.13
CA THR D 5 -24.19 -24.75 -8.80
C THR D 5 -23.32 -23.62 -8.25
N VAL D 6 -23.58 -22.39 -8.68
CA VAL D 6 -22.97 -21.21 -8.04
C VAL D 6 -23.84 -20.87 -6.82
N PRO D 7 -23.23 -20.86 -5.62
CA PRO D 7 -23.90 -20.41 -4.39
C PRO D 7 -24.10 -18.90 -4.36
N VAL D 8 -25.12 -18.47 -3.63
CA VAL D 8 -25.54 -17.07 -3.55
C VAL D 8 -25.35 -16.53 -2.14
N ALA D 9 -24.72 -15.36 -2.04
CA ALA D 9 -24.54 -14.57 -0.80
C ALA D 9 -25.34 -13.28 -0.84
N LEU D 10 -26.19 -13.04 0.15
CA LEU D 10 -26.74 -11.71 0.41
C LEU D 10 -25.91 -10.98 1.49
N VAL D 11 -25.38 -9.80 1.15
CA VAL D 11 -24.58 -9.03 2.08
C VAL D 11 -25.24 -7.69 2.26
N THR D 12 -25.63 -7.36 3.49
CA THR D 12 -26.29 -6.08 3.74
C THR D 12 -25.23 -5.02 3.97
N GLY D 13 -25.52 -3.78 3.62
CA GLY D 13 -24.54 -2.72 3.71
C GLY D 13 -23.30 -3.01 2.89
N ALA D 14 -23.47 -3.51 1.66
CA ALA D 14 -22.32 -4.05 0.91
C ALA D 14 -21.45 -3.05 0.15
N ALA D 15 -21.89 -1.79 0.11
CA ALA D 15 -21.31 -0.82 -0.83
C ALA D 15 -19.90 -0.45 -0.54
N LYS D 16 -19.57 -0.31 0.74
CA LYS D 16 -18.23 0.15 1.07
C LYS D 16 -17.62 -0.55 2.26
N ARG D 17 -16.33 -0.27 2.49
CA ARG D 17 -15.68 -0.65 3.74
C ARG D 17 -15.81 -2.15 3.98
N LEU D 18 -16.27 -2.58 5.13
CA LEU D 18 -16.11 -4.01 5.43
C LEU D 18 -17.10 -4.86 4.61
N GLY D 19 -18.33 -4.37 4.44
CA GLY D 19 -19.34 -5.03 3.64
C GLY D 19 -18.90 -5.26 2.20
N ARG D 20 -18.20 -4.28 1.64
CA ARG D 20 -17.62 -4.42 0.30
C ARG D 20 -16.57 -5.53 0.22
N SER D 21 -15.65 -5.53 1.19
CA SER D 21 -14.57 -6.49 1.33
C SER D 21 -15.08 -7.91 1.53
N ILE D 22 -16.27 -8.03 2.12
CA ILE D 22 -16.95 -9.32 2.37
C ILE D 22 -17.59 -9.82 1.10
N ALA D 23 -18.32 -8.91 0.41
CA ALA D 23 -18.88 -9.17 -0.91
C ALA D 23 -17.76 -9.63 -1.89
N GLU D 24 -16.66 -8.92 -1.89
CA GLU D 24 -15.53 -9.25 -2.73
C GLU D 24 -14.92 -10.60 -2.39
N GLY D 25 -14.81 -10.87 -1.07
CA GLY D 25 -14.14 -12.03 -0.56
C GLY D 25 -14.91 -13.26 -0.87
N LEU D 26 -16.24 -13.17 -0.76
CA LEU D 26 -17.14 -14.24 -1.12
C LEU D 26 -17.18 -14.41 -2.65
N HIS D 27 -17.30 -13.31 -3.39
CA HIS D 27 -17.15 -13.34 -4.85
C HIS D 27 -15.92 -14.15 -5.30
N ALA D 28 -14.75 -13.93 -4.67
CA ALA D 28 -13.50 -14.60 -5.05
C ALA D 28 -13.55 -16.12 -4.75
N GLU D 29 -14.50 -16.55 -3.93
CA GLU D 29 -14.63 -17.97 -3.60
C GLU D 29 -15.65 -18.63 -4.54
N GLY D 30 -16.26 -17.82 -5.41
CA GLY D 30 -17.22 -18.32 -6.37
C GLY D 30 -18.66 -17.91 -6.15
N TYR D 31 -18.99 -17.20 -5.07
CA TYR D 31 -20.38 -16.78 -4.84
C TYR D 31 -20.89 -15.75 -5.86
N ALA D 32 -22.16 -15.91 -6.23
CA ALA D 32 -22.94 -14.78 -6.71
C ALA D 32 -23.37 -13.95 -5.52
N VAL D 33 -23.34 -12.62 -5.65
CA VAL D 33 -23.56 -11.73 -4.50
C VAL D 33 -24.66 -10.70 -4.69
N CYS D 34 -25.70 -10.77 -3.85
CA CYS D 34 -26.67 -9.73 -3.69
C CYS D 34 -26.14 -8.65 -2.76
N LEU D 35 -25.82 -7.51 -3.33
CA LEU D 35 -25.27 -6.40 -2.62
C LEU D 35 -26.41 -5.46 -2.22
N HIS D 36 -26.76 -5.45 -0.93
CA HIS D 36 -27.75 -4.51 -0.37
C HIS D 36 -27.07 -3.16 -0.02
N TYR D 37 -27.80 -2.07 -0.22
CA TYR D 37 -27.30 -0.74 0.12
C TYR D 37 -28.57 0.09 0.49
N HIS D 38 -28.35 1.24 1.13
CA HIS D 38 -29.45 2.07 1.53
C HIS D 38 -29.31 3.39 0.82
N ARG D 39 -28.19 4.08 1.07
CA ARG D 39 -27.95 5.40 0.50
C ARG D 39 -26.83 5.35 -0.51
N SER D 40 -25.93 4.39 -0.35
CA SER D 40 -24.73 4.35 -1.19
C SER D 40 -24.98 3.64 -2.55
N ALA D 41 -25.93 4.18 -3.32
CA ALA D 41 -26.30 3.61 -4.63
C ALA D 41 -25.14 3.61 -5.65
N ALA D 42 -24.45 4.74 -5.74
CA ALA D 42 -23.33 4.88 -6.65
C ALA D 42 -22.23 3.87 -6.37
N GLU D 43 -21.91 3.68 -5.09
CA GLU D 43 -20.81 2.79 -4.74
C GLU D 43 -21.14 1.33 -4.91
N ALA D 44 -22.39 0.98 -4.60
CA ALA D 44 -22.88 -0.39 -4.77
C ALA D 44 -22.95 -0.77 -6.25
N ASN D 45 -23.43 0.15 -7.10
CA ASN D 45 -23.51 -0.12 -8.52
C ASN D 45 -22.12 -0.27 -9.18
N ALA D 46 -21.16 0.49 -8.68
CA ALA D 46 -19.83 0.44 -9.20
C ALA D 46 -19.18 -0.90 -8.79
N LEU D 47 -19.50 -1.36 -7.58
CA LEU D 47 -18.92 -2.57 -7.10
C LEU D 47 -19.52 -3.77 -7.86
N SER D 48 -20.84 -3.75 -8.05
CA SER D 48 -21.55 -4.72 -8.86
C SER D 48 -20.94 -4.81 -10.28
N ALA D 49 -20.64 -3.65 -10.88
CA ALA D 49 -19.99 -3.57 -12.20
C ALA D 49 -18.65 -4.27 -12.25
N THR D 50 -17.83 -4.06 -11.23
CA THR D 50 -16.53 -4.73 -11.12
C THR D 50 -16.69 -6.25 -11.09
N LEU D 51 -17.64 -6.72 -10.30
CA LEU D 51 -17.83 -8.14 -10.08
C LEU D 51 -18.44 -8.80 -11.29
N ASN D 52 -19.38 -8.09 -11.92
CA ASN D 52 -19.98 -8.60 -13.15
C ASN D 52 -18.96 -8.62 -14.32
N ALA D 53 -18.09 -7.64 -14.35
CA ALA D 53 -17.06 -7.61 -15.39
C ALA D 53 -16.18 -8.84 -15.28
N ARG D 54 -15.95 -9.33 -14.06
CA ARG D 54 -15.02 -10.43 -13.82
C ARG D 54 -15.71 -11.73 -14.08
N ARG D 55 -16.99 -11.73 -13.76
CA ARG D 55 -17.80 -12.91 -13.89
C ARG D 55 -19.23 -12.47 -14.15
N PRO D 56 -19.67 -12.61 -15.41
CA PRO D 56 -21.01 -12.18 -15.80
C PRO D 56 -22.10 -12.72 -14.90
N ASN D 57 -23.05 -11.86 -14.57
CA ASN D 57 -24.22 -12.24 -13.74
C ASN D 57 -23.85 -12.78 -12.35
N SER D 58 -22.80 -12.22 -11.75
CA SER D 58 -22.39 -12.69 -10.46
C SER D 58 -22.66 -11.66 -9.33
N ALA D 59 -23.56 -10.71 -9.57
CA ALA D 59 -23.82 -9.61 -8.64
C ALA D 59 -25.02 -8.81 -9.07
N ILE D 60 -25.81 -8.42 -8.08
CA ILE D 60 -26.93 -7.51 -8.26
C ILE D 60 -26.97 -6.53 -7.09
N THR D 61 -27.78 -5.48 -7.21
CA THR D 61 -28.02 -4.57 -6.09
C THR D 61 -29.51 -4.38 -5.79
N VAL D 62 -29.79 -4.24 -4.50
CA VAL D 62 -31.13 -4.02 -3.95
C VAL D 62 -31.06 -3.01 -2.82
N GLN D 63 -31.96 -2.06 -2.85
CA GLN D 63 -31.96 -0.94 -1.93
C GLN D 63 -32.97 -1.25 -0.82
N ALA D 64 -32.61 -0.96 0.42
CA ALA D 64 -33.58 -1.09 1.53
C ALA D 64 -33.13 -0.29 2.68
N ASP D 65 -34.04 0.56 3.19
CA ASP D 65 -33.92 1.09 4.58
C ASP D 65 -34.17 -0.02 5.58
N LEU D 66 -33.18 -0.27 6.43
CA LEU D 66 -33.25 -1.35 7.43
C LEU D 66 -33.61 -0.86 8.84
N SER D 67 -33.84 0.43 8.95
CA SER D 67 -34.46 1.05 10.10
C SER D 67 -35.82 0.44 10.42
N ASN D 68 -36.11 0.30 11.71
CA ASN D 68 -37.41 -0.25 12.13
C ASN D 68 -38.55 0.74 11.94
N VAL D 69 -38.81 1.04 10.67
CA VAL D 69 -39.90 1.96 10.30
C VAL D 69 -40.76 1.33 9.21
N ALA D 70 -42.04 1.70 9.11
CA ALA D 70 -42.81 1.45 7.90
C ALA D 70 -42.53 2.52 6.86
N THR D 71 -42.30 2.15 5.60
CA THR D 71 -42.22 3.16 4.49
C THR D 71 -43.50 3.26 3.60
N ALA D 72 -43.48 4.10 2.58
CA ALA D 72 -44.61 4.32 1.66
C ALA D 72 -44.34 3.59 0.39
N PRO D 73 -45.36 3.20 -0.31
CA PRO D 73 -45.34 3.19 -1.81
C PRO D 73 -45.39 4.49 -2.76
N VAL D 74 -45.16 5.72 -2.31
CA VAL D 74 -44.41 6.76 -3.18
C VAL D 74 -43.83 7.96 -2.43
N ALA D 81 -51.50 0.57 2.75
CA ALA D 81 -50.26 -0.19 2.99
C ALA D 81 -49.01 0.73 2.96
N PRO D 82 -48.57 1.15 4.11
CA PRO D 82 -47.14 1.41 4.31
C PRO D 82 -46.46 0.04 4.33
N VAL D 83 -45.24 -0.03 3.83
CA VAL D 83 -44.48 -1.29 3.85
C VAL D 83 -43.68 -1.34 5.15
N THR D 84 -43.91 -2.39 5.94
CA THR D 84 -43.07 -2.64 7.12
C THR D 84 -41.70 -3.25 6.84
N LEU D 85 -40.79 -3.08 7.80
CA LEU D 85 -39.41 -3.58 7.79
C LEU D 85 -39.40 -5.06 7.51
N PHE D 86 -40.33 -5.80 8.11
CA PHE D 86 -40.37 -7.24 7.88
C PHE D 86 -40.50 -7.56 6.39
N THR D 87 -41.42 -6.87 5.73
CA THR D 87 -41.66 -7.04 4.29
C THR D 87 -40.43 -6.68 3.44
N ARG D 88 -39.82 -5.53 3.70
CA ARG D 88 -38.58 -5.16 2.99
C ARG D 88 -37.47 -6.19 3.16
N CYS D 89 -37.45 -6.81 4.33
CA CYS D 89 -36.46 -7.83 4.60
C CYS D 89 -36.74 -9.10 3.81
N ALA D 90 -38.01 -9.49 3.78
CA ALA D 90 -38.42 -10.67 3.04
C ALA D 90 -38.11 -10.49 1.56
N GLU D 91 -38.42 -9.29 1.04
CA GLU D 91 -38.12 -8.92 -0.34
C GLU D 91 -36.64 -8.99 -0.70
N LEU D 92 -35.76 -8.77 0.29
CA LEU D 92 -34.31 -8.88 0.05
C LEU D 92 -33.88 -10.30 -0.25
N VAL D 93 -34.36 -11.21 0.57
CA VAL D 93 -34.10 -12.63 0.40
C VAL D 93 -34.80 -13.14 -0.85
N ALA D 94 -36.06 -12.73 -1.05
CA ALA D 94 -36.80 -13.04 -2.27
C ALA D 94 -36.06 -12.60 -3.56
N ALA D 95 -35.41 -11.43 -3.55
CA ALA D 95 -34.60 -10.95 -4.66
C ALA D 95 -33.58 -11.97 -5.07
N CYS D 96 -33.03 -12.71 -4.08
CA CYS D 96 -31.98 -13.71 -4.36
C CYS D 96 -32.53 -14.95 -5.04
N TYR D 97 -33.73 -15.34 -4.63
CA TYR D 97 -34.38 -16.50 -5.20
C TYR D 97 -34.91 -16.20 -6.61
N THR D 98 -35.49 -15.02 -6.79
CA THR D 98 -36.01 -14.56 -8.06
C THR D 98 -34.91 -14.50 -9.12
N HIS D 99 -33.73 -14.06 -8.74
CA HIS D 99 -32.70 -13.83 -9.71
C HIS D 99 -31.81 -15.05 -9.98
N TRP D 100 -31.49 -15.80 -8.94
CA TRP D 100 -30.62 -16.98 -9.05
C TRP D 100 -31.26 -18.25 -8.50
N GLY D 101 -32.49 -18.17 -8.01
CA GLY D 101 -33.18 -19.35 -7.43
C GLY D 101 -32.54 -19.95 -6.16
N ARG D 102 -31.71 -19.17 -5.48
CA ARG D 102 -31.18 -19.59 -4.19
C ARG D 102 -30.60 -18.47 -3.30
N CYS D 103 -30.34 -18.81 -2.03
CA CYS D 103 -29.62 -17.96 -1.07
C CYS D 103 -28.96 -18.82 0.00
N ASP D 104 -27.63 -18.91 -0.04
CA ASP D 104 -26.89 -19.89 0.74
C ASP D 104 -26.22 -19.23 1.93
N VAL D 105 -25.81 -17.98 1.73
CA VAL D 105 -25.10 -17.21 2.70
C VAL D 105 -25.83 -15.89 2.97
N LEU D 106 -25.96 -15.54 4.27
CA LEU D 106 -26.45 -14.21 4.64
C LEU D 106 -25.45 -13.59 5.59
N VAL D 107 -25.02 -12.37 5.27
CA VAL D 107 -24.14 -11.61 6.14
C VAL D 107 -24.88 -10.35 6.62
N ASN D 108 -25.16 -10.30 7.94
CA ASN D 108 -25.83 -9.11 8.49
C ASN D 108 -24.74 -8.09 8.88
N ASN D 109 -24.44 -7.22 7.95
CA ASN D 109 -23.32 -6.30 8.07
C ASN D 109 -23.79 -4.86 8.24
N ALA D 110 -24.91 -4.49 7.57
CA ALA D 110 -25.34 -3.09 7.58
C ALA D 110 -25.64 -2.65 8.99
N SER D 111 -25.22 -1.43 9.35
CA SER D 111 -25.30 -1.03 10.76
C SER D 111 -25.05 0.45 10.95
N SER D 112 -26.00 1.12 11.60
CA SER D 112 -25.75 2.54 11.95
C SER D 112 -24.99 2.61 13.27
N PHE D 113 -24.27 3.69 13.48
CA PHE D 113 -23.34 3.80 14.59
C PHE D 113 -23.12 5.31 14.84
N TYR D 114 -23.86 5.84 15.81
CA TYR D 114 -23.69 7.19 16.26
C TYR D 114 -24.17 7.26 17.74
N PRO D 115 -23.81 8.36 18.43
CA PRO D 115 -24.09 8.51 19.87
C PRO D 115 -25.56 8.61 20.25
N THR D 116 -25.93 7.98 21.33
CA THR D 116 -27.19 8.27 22.02
C THR D 116 -26.84 8.46 23.50
N PRO D 117 -26.38 9.66 23.87
CA PRO D 117 -25.96 9.92 25.25
C PRO D 117 -27.14 9.83 26.25
N LEU D 118 -26.88 9.28 27.43
CA LEU D 118 -27.81 9.33 28.54
C LEU D 118 -27.81 10.72 29.21
N LEU D 119 -26.67 11.40 29.15
CA LEU D 119 -26.50 12.75 29.73
C LEU D 119 -25.89 13.74 28.75
N ARG D 120 -26.43 14.96 28.68
CA ARG D 120 -25.67 16.10 28.11
C ARG D 120 -24.21 16.02 28.62
N ARG D 133 -37.16 14.55 21.18
CA ARG D 133 -38.02 13.38 21.08
C ARG D 133 -38.24 13.05 19.63
N GLU D 134 -37.99 14.04 18.78
CA GLU D 134 -37.93 13.84 17.35
C GLU D 134 -36.78 12.83 17.07
N ALA D 135 -35.56 13.29 17.29
CA ALA D 135 -34.36 12.55 16.89
C ALA D 135 -34.16 11.34 17.76
N MET D 136 -34.77 11.34 18.95
CA MET D 136 -34.62 10.22 19.89
C MET D 136 -35.22 8.96 19.30
N GLU D 137 -36.46 9.09 18.85
CA GLU D 137 -37.17 7.97 18.30
C GLU D 137 -36.64 7.50 16.95
N THR D 138 -36.16 8.41 16.08
CA THR D 138 -35.62 7.96 14.78
C THR D 138 -34.31 7.24 14.99
N ALA D 139 -33.52 7.70 15.98
CA ALA D 139 -32.28 7.03 16.37
C ALA D 139 -32.53 5.61 16.87
N THR D 140 -33.51 5.46 17.73
CA THR D 140 -33.88 4.16 18.25
C THR D 140 -34.24 3.18 17.13
N ALA D 141 -35.18 3.57 16.25
CA ALA D 141 -35.59 2.80 15.08
C ALA D 141 -34.44 2.45 14.10
N ASP D 142 -33.56 3.41 13.89
CA ASP D 142 -32.45 3.24 12.95
C ASP D 142 -31.38 2.30 13.55
N LEU D 143 -30.96 2.58 14.79
CA LEU D 143 -29.85 1.83 15.39
C LEU D 143 -30.27 0.44 15.76
N PHE D 144 -31.44 0.31 16.39
CA PHE D 144 -32.04 -1.00 16.59
C PHE D 144 -32.43 -1.78 15.35
N GLY D 145 -33.02 -1.11 14.37
CA GLY D 145 -33.43 -1.78 13.14
C GLY D 145 -32.23 -2.41 12.42
N SER D 146 -31.25 -1.57 12.10
CA SER D 146 -30.13 -1.98 11.25
C SER D 146 -29.32 -3.06 11.89
N ASN D 147 -29.03 -2.86 13.19
CA ASN D 147 -28.15 -3.70 13.98
C ASN D 147 -28.79 -4.98 14.55
N ALA D 148 -30.12 -5.01 14.68
CA ALA D 148 -30.77 -6.10 15.41
C ALA D 148 -32.08 -6.59 14.80
N ILE D 149 -33.03 -5.68 14.55
CA ILE D 149 -34.37 -6.13 14.20
C ILE D 149 -34.38 -6.61 12.75
N ALA D 150 -33.70 -5.85 11.86
CA ALA D 150 -33.61 -6.26 10.44
C ALA D 150 -32.93 -7.62 10.32
N PRO D 151 -31.79 -7.81 11.01
CA PRO D 151 -31.18 -9.13 11.05
C PRO D 151 -32.16 -10.25 11.40
N TYR D 152 -32.96 -10.04 12.43
CA TYR D 152 -33.89 -11.06 12.86
C TYR D 152 -34.84 -11.45 11.70
N PHE D 153 -35.44 -10.44 11.10
CA PHE D 153 -36.34 -10.62 9.98
C PHE D 153 -35.68 -11.23 8.76
N LEU D 154 -34.48 -10.78 8.46
CA LEU D 154 -33.69 -11.39 7.40
C LEU D 154 -33.46 -12.86 7.66
N ILE D 155 -32.99 -13.20 8.87
CA ILE D 155 -32.76 -14.64 9.25
C ILE D 155 -34.04 -15.46 9.17
N LYS D 156 -35.15 -14.86 9.58
CA LYS D 156 -36.46 -15.46 9.45
C LYS D 156 -36.82 -15.74 7.99
N ALA D 157 -36.68 -14.74 7.12
CA ALA D 157 -37.01 -14.91 5.69
C ALA D 157 -36.16 -16.01 5.06
N PHE D 158 -34.85 -15.91 5.34
CA PHE D 158 -33.81 -16.88 4.93
C PHE D 158 -34.16 -18.29 5.33
N ALA D 159 -34.55 -18.51 6.60
CA ALA D 159 -34.85 -19.85 7.08
C ALA D 159 -36.12 -20.41 6.46
N HIS D 160 -37.09 -19.53 6.21
CA HIS D 160 -38.35 -19.95 5.62
C HIS D 160 -38.14 -20.41 4.16
N ARG D 161 -37.29 -19.72 3.42
CA ARG D 161 -37.05 -20.11 2.04
C ARG D 161 -36.40 -21.48 2.02
N VAL D 162 -35.40 -21.70 2.90
CA VAL D 162 -34.80 -23.04 3.08
C VAL D 162 -35.83 -24.09 3.53
N ALA D 163 -36.64 -23.77 4.55
CA ALA D 163 -37.57 -24.78 5.06
C ALA D 163 -38.52 -25.22 3.94
N GLY D 164 -38.91 -24.26 3.10
CA GLY D 164 -39.78 -24.51 1.97
C GLY D 164 -39.13 -25.17 0.75
N THR D 165 -37.81 -25.21 0.69
CA THR D 165 -37.08 -25.93 -0.38
C THR D 165 -37.10 -27.42 -0.05
N PRO D 166 -37.60 -28.25 -0.97
CA PRO D 166 -37.60 -29.71 -0.78
C PRO D 166 -36.19 -30.17 -0.52
N ALA D 167 -36.00 -31.07 0.44
CA ALA D 167 -34.66 -31.39 0.90
C ALA D 167 -33.71 -31.77 -0.23
N LYS D 168 -34.19 -32.50 -1.23
CA LYS D 168 -33.46 -32.79 -2.48
C LYS D 168 -32.70 -31.65 -3.14
N HIS D 169 -33.34 -30.50 -3.21
CA HIS D 169 -32.79 -29.34 -3.91
C HIS D 169 -32.16 -28.27 -3.01
N ARG D 170 -31.88 -28.66 -1.77
CA ARG D 170 -31.26 -27.75 -0.80
C ARG D 170 -29.76 -27.63 -0.97
N GLY D 171 -29.23 -26.44 -0.70
CA GLY D 171 -27.77 -26.27 -0.65
C GLY D 171 -27.16 -27.17 0.42
N THR D 172 -25.83 -27.28 0.40
CA THR D 172 -25.15 -28.11 1.37
C THR D 172 -24.28 -27.28 2.36
N ASN D 173 -24.28 -25.96 2.20
CA ASN D 173 -23.46 -25.09 3.05
C ASN D 173 -24.15 -23.79 3.35
N TYR D 174 -25.31 -23.85 4.01
CA TYR D 174 -26.02 -22.66 4.50
C TYR D 174 -25.32 -22.02 5.67
N SER D 175 -25.10 -20.70 5.56
CA SER D 175 -24.28 -19.97 6.57
C SER D 175 -24.75 -18.56 6.79
N ILE D 176 -24.98 -18.16 8.05
CA ILE D 176 -25.35 -16.81 8.37
C ILE D 176 -24.31 -16.19 9.27
N ILE D 177 -23.82 -15.02 8.92
CA ILE D 177 -22.82 -14.35 9.70
C ILE D 177 -23.34 -13.01 10.13
N ASN D 178 -23.31 -12.80 11.43
CA ASN D 178 -23.71 -11.51 12.00
C ASN D 178 -22.45 -10.71 12.37
N MET D 179 -22.30 -9.50 11.85
CA MET D 179 -21.21 -8.62 12.24
C MET D 179 -21.55 -7.92 13.56
N VAL D 180 -20.81 -8.32 14.60
CA VAL D 180 -21.04 -7.84 15.93
C VAL D 180 -19.91 -6.89 16.28
N ASP D 181 -19.57 -6.83 17.54
CA ASP D 181 -18.56 -5.91 17.97
C ASP D 181 -17.75 -6.56 19.09
N ALA D 182 -16.46 -6.70 18.90
CA ALA D 182 -15.55 -7.22 19.93
C ALA D 182 -15.54 -6.38 21.21
N MET D 183 -15.78 -5.08 21.06
CA MET D 183 -15.54 -4.14 22.15
C MET D 183 -16.75 -3.73 23.02
N THR D 184 -17.92 -4.35 22.85
CA THR D 184 -19.14 -3.84 23.48
C THR D 184 -19.35 -4.25 24.95
N ASN D 185 -18.63 -5.28 25.39
CA ASN D 185 -18.42 -5.52 26.82
C ASN D 185 -17.63 -4.45 27.53
N GLN D 186 -16.96 -3.62 26.75
CA GLN D 186 -16.21 -2.45 27.19
C GLN D 186 -16.83 -1.29 26.44
N PRO D 187 -18.04 -0.90 26.86
CA PRO D 187 -18.87 -0.02 26.06
C PRO D 187 -18.23 1.33 25.76
N LEU D 188 -18.51 1.81 24.56
CA LEU D 188 -18.07 3.10 24.14
C LEU D 188 -19.05 4.08 24.77
N LEU D 189 -18.48 5.10 25.40
CA LEU D 189 -19.20 6.07 26.15
C LEU D 189 -20.12 6.88 25.23
N GLY D 190 -21.43 6.84 25.53
CA GLY D 190 -22.44 7.63 24.82
C GLY D 190 -23.07 6.87 23.65
N TYR D 191 -22.78 5.57 23.52
CA TYR D 191 -23.28 4.78 22.40
C TYR D 191 -24.23 3.70 22.86
N THR D 192 -25.14 4.03 23.76
CA THR D 192 -25.94 3.03 24.47
C THR D 192 -26.84 2.21 23.57
N ILE D 193 -27.63 2.87 22.73
CA ILE D 193 -28.54 2.15 21.84
C ILE D 193 -27.77 1.22 20.89
N TYR D 194 -26.66 1.72 20.34
CA TYR D 194 -25.84 0.91 19.46
C TYR D 194 -25.40 -0.36 20.21
N THR D 195 -24.93 -0.15 21.44
CA THR D 195 -24.35 -1.24 22.24
C THR D 195 -25.40 -2.24 22.56
N MET D 196 -26.62 -1.75 22.83
CA MET D 196 -27.73 -2.63 23.19
C MET D 196 -28.09 -3.44 21.97
N ALA D 197 -28.25 -2.76 20.83
CA ALA D 197 -28.49 -3.46 19.51
C ALA D 197 -27.50 -4.60 19.17
N LYS D 198 -26.20 -4.34 19.32
CA LYS D 198 -25.20 -5.38 19.23
C LYS D 198 -25.36 -6.54 20.27
N GLY D 199 -25.70 -6.19 21.53
CA GLY D 199 -26.09 -7.22 22.50
C GLY D 199 -27.30 -8.03 22.01
N ALA D 200 -28.29 -7.35 21.45
CA ALA D 200 -29.42 -8.06 20.82
C ALA D 200 -28.99 -9.00 19.65
N LEU D 201 -28.11 -8.50 18.79
CA LEU D 201 -27.55 -9.31 17.70
C LEU D 201 -26.80 -10.57 18.19
N GLU D 202 -26.04 -10.43 19.27
CA GLU D 202 -25.36 -11.57 19.89
C GLU D 202 -26.33 -12.64 20.36
N GLY D 203 -27.45 -12.22 20.94
CA GLY D 203 -28.53 -13.12 21.31
C GLY D 203 -29.17 -13.81 20.11
N LEU D 204 -29.39 -13.04 19.02
CA LEU D 204 -29.86 -13.63 17.76
C LEU D 204 -28.91 -14.69 17.21
N THR D 205 -27.61 -14.45 17.25
CA THR D 205 -26.63 -15.43 16.82
C THR D 205 -26.84 -16.78 17.53
N ARG D 206 -27.03 -16.76 18.85
CA ARG D 206 -27.07 -17.95 19.68
C ARG D 206 -28.39 -18.65 19.49
N SER D 207 -29.45 -17.86 19.59
CA SER D 207 -30.80 -18.34 19.46
C SER D 207 -31.06 -18.92 18.05
N ALA D 208 -30.61 -18.21 17.01
CA ALA D 208 -30.83 -18.71 15.63
C ALA D 208 -29.97 -19.92 15.37
N ALA D 209 -28.74 -19.93 15.88
CA ALA D 209 -27.92 -21.09 15.67
C ALA D 209 -28.57 -22.36 16.26
N LEU D 210 -29.16 -22.26 17.46
CA LEU D 210 -29.89 -23.36 18.08
C LEU D 210 -31.14 -23.80 17.27
N GLU D 211 -32.04 -22.87 16.96
CA GLU D 211 -33.27 -23.21 16.27
C GLU D 211 -33.13 -23.71 14.80
N LEU D 212 -32.08 -23.24 14.12
CA LEU D 212 -31.90 -23.56 12.69
C LEU D 212 -30.94 -24.72 12.51
N ALA D 213 -30.35 -25.21 13.60
CA ALA D 213 -29.46 -26.37 13.51
C ALA D 213 -30.07 -27.56 12.74
N PRO D 214 -31.34 -27.91 13.01
CA PRO D 214 -31.98 -29.03 12.29
C PRO D 214 -32.07 -28.85 10.77
N LEU D 215 -32.06 -27.62 10.31
CA LEU D 215 -31.97 -27.30 8.89
C LEU D 215 -30.51 -27.12 8.42
N GLN D 216 -29.56 -27.36 9.32
CA GLN D 216 -28.15 -27.24 9.00
C GLN D 216 -27.77 -25.82 8.54
N ILE D 217 -28.47 -24.83 9.09
CA ILE D 217 -28.13 -23.42 8.89
C ILE D 217 -27.25 -23.03 10.10
N ARG D 218 -26.00 -22.74 9.81
CA ARG D 218 -25.04 -22.34 10.83
C ARG D 218 -25.20 -20.86 11.01
N VAL D 219 -25.06 -20.42 12.27
CA VAL D 219 -25.18 -19.01 12.57
C VAL D 219 -24.07 -18.56 13.49
N ASN D 220 -23.23 -17.67 13.00
CA ASN D 220 -22.10 -17.18 13.77
C ASN D 220 -21.94 -15.67 13.74
N GLY D 221 -21.02 -15.16 14.56
CA GLY D 221 -20.74 -13.75 14.63
C GLY D 221 -19.28 -13.52 14.38
N VAL D 222 -18.98 -12.34 13.87
CA VAL D 222 -17.62 -11.87 13.76
C VAL D 222 -17.60 -10.49 14.36
N GLY D 223 -16.72 -10.28 15.35
CA GLY D 223 -16.63 -8.98 15.98
C GLY D 223 -15.32 -8.27 15.70
N PRO D 224 -15.33 -7.25 14.84
CA PRO D 224 -14.17 -6.38 14.72
C PRO D 224 -13.92 -5.54 15.97
N GLY D 225 -12.68 -5.15 16.17
CA GLY D 225 -12.34 -4.17 17.18
C GLY D 225 -12.32 -2.79 16.58
N LEU D 226 -11.15 -2.41 16.09
CA LEU D 226 -11.00 -1.18 15.32
C LEU D 226 -10.56 -1.53 13.92
N SER D 227 -11.43 -1.24 12.94
CA SER D 227 -11.24 -1.57 11.50
C SER D 227 -11.51 -0.35 10.60
N VAL D 228 -10.58 -0.06 9.71
CA VAL D 228 -10.74 0.97 8.64
C VAL D 228 -11.25 2.35 9.08
N LEU D 229 -10.59 2.88 10.10
CA LEU D 229 -10.88 4.23 10.55
C LEU D 229 -10.75 5.34 9.49
N VAL D 230 -11.82 6.10 9.26
CA VAL D 230 -11.69 7.36 8.55
C VAL D 230 -10.89 8.24 9.47
N ASP D 231 -9.86 8.91 8.95
CA ASP D 231 -9.02 9.83 9.74
C ASP D 231 -9.81 11.05 10.29
N ASP D 232 -10.53 10.83 11.38
CA ASP D 232 -11.32 11.87 12.04
C ASP D 232 -10.47 13.07 12.45
N MET D 233 -9.15 12.95 12.27
CA MET D 233 -8.24 14.09 12.41
C MET D 233 -6.82 13.70 11.96
N VAL D 237 -5.60 12.51 16.76
CA VAL D 237 -6.62 11.69 17.41
C VAL D 237 -6.74 10.28 16.77
N TRP D 238 -6.75 10.25 15.43
CA TRP D 238 -6.72 9.01 14.66
C TRP D 238 -5.62 8.07 15.20
N GLU D 239 -4.43 8.66 15.44
CA GLU D 239 -3.27 8.00 16.04
C GLU D 239 -3.47 7.62 17.49
N GLY D 240 -4.38 8.35 18.17
CA GLY D 240 -4.70 8.08 19.56
C GLY D 240 -5.10 6.64 19.78
N HIS D 241 -6.21 6.23 19.12
CA HIS D 241 -6.88 4.93 19.33
C HIS D 241 -5.99 3.80 18.83
N ARG D 242 -5.60 3.97 17.57
CA ARG D 242 -4.60 3.18 16.87
C ARG D 242 -3.54 2.66 17.79
N SER D 243 -2.89 3.57 18.49
CA SER D 243 -1.76 3.25 19.34
C SER D 243 -2.01 2.37 20.62
N LYS D 244 -3.26 2.07 20.99
CA LYS D 244 -3.50 1.07 22.13
C LYS D 244 -4.09 -0.27 21.68
N VAL D 245 -4.00 -0.54 20.38
CA VAL D 245 -4.22 -1.88 19.93
C VAL D 245 -2.90 -2.63 20.16
N PRO D 246 -2.93 -3.64 21.04
CA PRO D 246 -1.71 -4.37 21.37
C PRO D 246 -1.03 -4.85 20.06
N LEU D 247 -1.79 -5.54 19.18
CA LEU D 247 -1.23 -6.12 17.96
C LEU D 247 -1.07 -5.09 16.85
N TYR D 248 0.18 -4.73 16.55
CA TYR D 248 0.52 -3.82 15.43
C TYR D 248 0.26 -2.37 15.73
N GLN D 249 -0.44 -2.09 16.85
CA GLN D 249 -0.82 -0.69 17.21
C GLN D 249 -1.50 0.05 16.03
N ARG D 250 -2.37 -0.65 15.32
CA ARG D 250 -3.21 -0.02 14.33
C ARG D 250 -4.54 -0.70 14.31
N ASP D 251 -5.49 -0.05 13.61
CA ASP D 251 -6.71 -0.66 13.21
C ASP D 251 -6.50 -1.68 12.09
N SER D 252 -7.46 -2.55 11.90
CA SER D 252 -7.37 -3.58 10.88
C SER D 252 -7.75 -3.02 9.47
N SER D 253 -7.37 -3.76 8.44
CA SER D 253 -7.85 -3.51 7.09
C SER D 253 -9.15 -4.24 6.93
N ALA D 254 -9.87 -3.91 5.87
CA ALA D 254 -11.16 -4.58 5.65
C ALA D 254 -11.00 -6.10 5.47
N ALA D 255 -9.96 -6.50 4.76
CA ALA D 255 -9.75 -7.90 4.44
C ALA D 255 -9.37 -8.68 5.70
N GLU D 256 -8.66 -8.04 6.61
CA GLU D 256 -8.28 -8.71 7.88
C GLU D 256 -9.52 -9.14 8.65
N VAL D 257 -10.66 -8.52 8.38
CA VAL D 257 -11.96 -8.89 8.91
C VAL D 257 -12.71 -9.83 7.99
N SER D 258 -12.82 -9.47 6.70
CA SER D 258 -13.62 -10.25 5.76
C SER D 258 -13.11 -11.67 5.54
N ASP D 259 -11.79 -11.84 5.62
CA ASP D 259 -11.23 -13.17 5.44
C ASP D 259 -11.74 -14.20 6.47
N VAL D 260 -12.04 -13.72 7.67
CA VAL D 260 -12.58 -14.51 8.76
C VAL D 260 -14.02 -14.85 8.41
N VAL D 261 -14.78 -13.84 7.99
CA VAL D 261 -16.16 -14.06 7.51
C VAL D 261 -16.19 -15.18 6.45
N ILE D 262 -15.34 -15.07 5.43
CA ILE D 262 -15.25 -16.05 4.33
C ILE D 262 -14.92 -17.44 4.84
N PHE D 263 -13.93 -17.53 5.73
CA PHE D 263 -13.64 -18.82 6.36
C PHE D 263 -14.88 -19.44 7.01
N LEU D 264 -15.55 -18.66 7.85
CA LEU D 264 -16.72 -19.13 8.56
C LEU D 264 -17.81 -19.66 7.63
N CYS D 265 -17.86 -19.06 6.41
CA CYS D 265 -18.82 -19.50 5.42
C CYS D 265 -18.38 -20.75 4.64
N SER D 266 -17.08 -21.07 4.68
CA SER D 266 -16.51 -22.23 3.97
C SER D 266 -16.88 -23.57 4.62
N SER D 267 -16.95 -24.61 3.79
CA SER D 267 -17.34 -25.95 4.23
C SER D 267 -16.38 -26.51 5.29
N LYS D 268 -15.18 -25.97 5.33
CA LYS D 268 -14.23 -26.31 6.33
C LYS D 268 -14.66 -25.89 7.75
N ALA D 269 -15.65 -25.00 7.84
CA ALA D 269 -16.08 -24.45 9.09
C ALA D 269 -17.46 -25.00 9.42
N LYS D 270 -17.72 -26.20 8.92
CA LYS D 270 -19.08 -26.76 8.95
C LYS D 270 -19.59 -27.27 10.31
N TYR D 271 -18.67 -27.47 11.26
CA TYR D 271 -19.04 -27.79 12.62
C TYR D 271 -19.16 -26.57 13.57
N ILE D 272 -18.87 -25.37 13.07
CA ILE D 272 -18.97 -24.17 13.86
C ILE D 272 -20.35 -23.53 13.70
N THR D 273 -21.01 -23.32 14.82
CA THR D 273 -22.26 -22.59 14.86
C THR D 273 -22.48 -22.06 16.28
N GLY D 274 -23.13 -20.91 16.39
CA GLY D 274 -23.53 -20.32 17.66
C GLY D 274 -22.42 -19.53 18.32
N THR D 275 -21.31 -19.33 17.62
CA THR D 275 -20.13 -18.74 18.24
C THR D 275 -19.69 -17.42 17.56
N CYS D 276 -18.79 -16.70 18.24
CA CYS D 276 -18.29 -15.43 17.75
C CYS D 276 -16.80 -15.54 17.60
N VAL D 277 -16.26 -14.82 16.64
CA VAL D 277 -14.82 -14.69 16.55
C VAL D 277 -14.48 -13.23 16.62
N LYS D 278 -13.63 -12.90 17.61
CA LYS D 278 -13.15 -11.51 17.73
C LYS D 278 -12.01 -11.30 16.75
N VAL D 279 -12.06 -10.19 16.03
CA VAL D 279 -10.95 -9.82 15.13
C VAL D 279 -10.48 -8.43 15.56
N ASP D 280 -9.74 -8.41 16.65
CA ASP D 280 -9.54 -7.09 17.26
C ASP D 280 -8.10 -6.77 17.62
N GLY D 281 -7.14 -7.60 17.23
CA GLY D 281 -5.77 -7.30 17.60
C GLY D 281 -5.51 -7.27 19.11
N GLY D 282 -6.30 -8.01 19.89
CA GLY D 282 -6.12 -8.01 21.35
C GLY D 282 -6.72 -6.79 22.05
N TYR D 283 -7.31 -5.87 21.29
CA TYR D 283 -7.91 -4.68 21.87
C TYR D 283 -8.84 -4.91 23.13
N SER D 284 -9.68 -5.94 23.10
CA SER D 284 -10.58 -6.25 24.23
C SER D 284 -9.88 -6.74 25.49
N LEU D 285 -8.60 -7.14 25.36
CA LEU D 285 -7.76 -7.51 26.48
C LEU D 285 -7.29 -6.29 27.24
N THR D 286 -7.58 -5.10 26.75
CA THR D 286 -7.06 -3.88 27.41
C THR D 286 -8.00 -3.34 28.51
N ARG D 287 -7.43 -2.50 29.37
CA ARG D 287 -8.13 -1.83 30.47
C ARG D 287 -7.56 -0.41 30.48
N ALA D 288 -8.27 0.52 31.13
CA ALA D 288 -7.87 1.93 31.17
C ALA D 288 -6.60 2.17 32.02
N VAL E 6 -12.02 18.69 -4.87
CA VAL E 6 -12.13 17.93 -6.18
C VAL E 6 -11.85 18.71 -7.47
N PRO E 7 -10.74 18.30 -8.03
CA PRO E 7 -10.09 18.92 -9.16
C PRO E 7 -10.78 18.63 -10.47
N VAL E 8 -10.50 19.46 -11.48
CA VAL E 8 -11.15 19.37 -12.81
C VAL E 8 -10.08 19.15 -13.86
N ALA E 9 -10.37 18.20 -14.77
CA ALA E 9 -9.54 17.89 -15.93
C ALA E 9 -10.34 18.20 -17.20
N LEU E 10 -9.77 19.00 -18.09
CA LEU E 10 -10.26 19.10 -19.50
C LEU E 10 -9.44 18.23 -20.45
N VAL E 11 -10.11 17.27 -21.09
CA VAL E 11 -9.45 16.34 -22.01
C VAL E 11 -10.09 16.60 -23.41
N THR E 12 -9.23 16.92 -24.41
CA THR E 12 -9.69 17.10 -25.81
C THR E 12 -9.68 15.79 -26.56
N GLY E 13 -10.59 15.65 -27.51
CA GLY E 13 -10.81 14.40 -28.20
C GLY E 13 -11.00 13.21 -27.28
N ALA E 14 -11.82 13.41 -26.23
CA ALA E 14 -12.03 12.41 -25.15
C ALA E 14 -12.99 11.19 -25.44
N ALA E 15 -13.63 11.18 -26.59
CA ALA E 15 -14.74 10.23 -26.77
C ALA E 15 -14.32 8.74 -26.85
N LYS E 16 -13.20 8.47 -27.52
CA LYS E 16 -12.75 7.13 -27.80
C LYS E 16 -11.26 6.97 -27.56
N ARG E 17 -10.80 5.71 -27.53
CA ARG E 17 -9.40 5.38 -27.67
C ARG E 17 -8.59 6.03 -26.54
N LEU E 18 -7.41 6.59 -26.80
CA LEU E 18 -6.56 7.11 -25.71
C LEU E 18 -7.19 8.19 -24.87
N GLY E 19 -7.94 9.09 -25.51
CA GLY E 19 -8.57 10.20 -24.84
C GLY E 19 -9.66 9.77 -23.91
N ARG E 20 -10.27 8.62 -24.22
CA ARG E 20 -11.29 8.03 -23.36
C ARG E 20 -10.62 7.47 -22.11
N SER E 21 -9.61 6.65 -22.35
CA SER E 21 -8.85 6.01 -21.28
C SER E 21 -8.18 7.04 -20.36
N ILE E 22 -7.97 8.29 -20.84
CA ILE E 22 -7.32 9.35 -20.05
C ILE E 22 -8.38 9.98 -19.16
N ALA E 23 -9.46 10.42 -19.79
CA ALA E 23 -10.65 10.81 -19.05
C ALA E 23 -10.99 9.80 -17.90
N GLU E 24 -11.05 8.51 -18.22
CA GLU E 24 -11.43 7.50 -17.26
C GLU E 24 -10.37 7.41 -16.16
N GLY E 25 -9.12 7.46 -16.59
CA GLY E 25 -7.95 7.25 -15.71
C GLY E 25 -7.82 8.41 -14.75
N LEU E 26 -8.13 9.62 -15.23
CA LEU E 26 -8.21 10.76 -14.33
C LEU E 26 -9.40 10.59 -13.40
N HIS E 27 -10.57 10.34 -14.00
CA HIS E 27 -11.83 10.10 -13.21
C HIS E 27 -11.63 9.12 -12.04
N ALA E 28 -10.88 8.03 -12.27
CA ALA E 28 -10.53 7.06 -11.19
C ALA E 28 -9.69 7.65 -10.06
N GLU E 29 -9.01 8.78 -10.32
CA GLU E 29 -8.16 9.41 -9.32
C GLU E 29 -8.88 10.48 -8.54
N GLY E 30 -10.14 10.75 -8.90
CA GLY E 30 -10.92 11.80 -8.23
C GLY E 30 -11.28 13.00 -9.09
N TYR E 31 -10.76 13.12 -10.33
CA TYR E 31 -11.12 14.32 -11.15
C TYR E 31 -12.59 14.40 -11.60
N ALA E 32 -13.08 15.64 -11.65
CA ALA E 32 -14.28 15.87 -12.53
C ALA E 32 -13.74 16.14 -14.00
N VAL E 33 -14.48 15.72 -15.01
CA VAL E 33 -13.86 15.67 -16.36
C VAL E 33 -14.71 16.38 -17.39
N CYS E 34 -14.11 17.41 -18.00
CA CYS E 34 -14.69 18.02 -19.18
C CYS E 34 -14.20 17.24 -20.40
N LEU E 35 -15.13 16.49 -21.00
CA LEU E 35 -14.81 15.64 -22.12
C LEU E 35 -15.17 16.40 -23.39
N HIS E 36 -14.13 16.75 -24.16
CA HIS E 36 -14.36 17.44 -25.42
C HIS E 36 -14.34 16.42 -26.59
N TYR E 37 -15.15 16.74 -27.61
CA TYR E 37 -15.35 15.95 -28.78
C TYR E 37 -15.71 16.90 -29.94
N HIS E 38 -15.58 16.40 -31.17
CA HIS E 38 -15.85 17.22 -32.36
C HIS E 38 -16.98 16.54 -33.12
N ARG E 39 -16.72 15.32 -33.58
CA ARG E 39 -17.70 14.55 -34.33
C ARG E 39 -18.33 13.44 -33.54
N SER E 40 -17.59 12.91 -32.55
CA SER E 40 -18.04 11.71 -31.81
C SER E 40 -18.96 12.05 -30.62
N ALA E 41 -20.12 12.65 -30.92
CA ALA E 41 -21.12 13.07 -29.93
C ALA E 41 -21.70 11.92 -29.09
N ALA E 42 -21.98 10.81 -29.78
CA ALA E 42 -22.70 9.67 -29.19
C ALA E 42 -21.77 8.98 -28.24
N GLU E 43 -20.52 8.83 -28.68
CA GLU E 43 -19.56 8.18 -27.83
C GLU E 43 -19.36 9.04 -26.56
N ALA E 44 -18.99 10.32 -26.73
CA ALA E 44 -18.73 11.22 -25.59
C ALA E 44 -19.92 11.29 -24.58
N ASN E 45 -21.12 11.52 -25.09
CA ASN E 45 -22.29 11.42 -24.22
C ASN E 45 -22.49 10.10 -23.44
N ALA E 46 -22.16 8.97 -24.07
CA ALA E 46 -22.23 7.69 -23.39
C ALA E 46 -21.14 7.57 -22.33
N LEU E 47 -19.95 8.10 -22.65
CA LEU E 47 -18.84 8.08 -21.68
C LEU E 47 -19.19 8.95 -20.46
N SER E 48 -19.77 10.11 -20.74
CA SER E 48 -20.16 11.00 -19.67
C SER E 48 -21.16 10.29 -18.70
N ALA E 49 -22.17 9.66 -19.30
CA ALA E 49 -23.20 8.85 -18.56
C ALA E 49 -22.53 7.83 -17.63
N THR E 50 -21.60 7.05 -18.14
CA THR E 50 -20.90 6.09 -17.28
C THR E 50 -20.28 6.76 -16.07
N LEU E 51 -19.56 7.86 -16.30
CA LEU E 51 -18.79 8.54 -15.26
C LEU E 51 -19.71 9.21 -14.28
N ASN E 52 -20.75 9.84 -14.80
CA ASN E 52 -21.68 10.42 -13.92
C ASN E 52 -22.34 9.35 -13.04
N ALA E 53 -22.80 8.25 -13.65
CA ALA E 53 -23.43 7.19 -12.92
C ALA E 53 -22.57 6.77 -11.76
N ARG E 54 -21.25 6.76 -11.99
CA ARG E 54 -20.26 6.31 -11.01
C ARG E 54 -20.07 7.32 -9.90
N ARG E 55 -20.36 8.57 -10.25
CA ARG E 55 -20.13 9.73 -9.39
C ARG E 55 -20.88 10.90 -10.03
N PRO E 56 -22.02 11.24 -9.45
CA PRO E 56 -22.86 12.34 -9.91
C PRO E 56 -22.09 13.66 -10.18
N ASN E 57 -22.49 14.34 -11.25
CA ASN E 57 -21.87 15.58 -11.68
C ASN E 57 -20.33 15.57 -11.85
N SER E 58 -19.76 14.44 -12.24
CA SER E 58 -18.29 14.37 -12.33
C SER E 58 -17.90 14.35 -13.81
N ALA E 59 -18.80 14.81 -14.68
CA ALA E 59 -18.43 14.85 -16.12
C ALA E 59 -19.42 15.64 -16.94
N ILE E 60 -18.86 16.33 -17.96
CA ILE E 60 -19.66 17.08 -18.96
C ILE E 60 -19.10 16.82 -20.40
N THR E 61 -19.91 16.96 -21.45
CA THR E 61 -19.40 16.97 -22.84
C THR E 61 -19.60 18.33 -23.48
N VAL E 62 -18.56 18.85 -24.14
CA VAL E 62 -18.63 20.10 -24.93
C VAL E 62 -18.03 19.82 -26.31
N GLN E 63 -18.62 20.39 -27.35
CA GLN E 63 -18.14 20.17 -28.70
C GLN E 63 -17.37 21.37 -29.24
N ALA E 64 -16.30 21.08 -29.99
CA ALA E 64 -15.51 22.10 -30.69
C ALA E 64 -14.69 21.46 -31.82
N ASP E 65 -14.80 22.07 -33.00
CA ASP E 65 -13.83 21.89 -34.09
C ASP E 65 -12.58 22.69 -33.70
N LEU E 66 -11.45 21.98 -33.60
CA LEU E 66 -10.15 22.54 -33.21
C LEU E 66 -9.24 22.79 -34.42
N SER E 67 -9.80 22.63 -35.62
CA SER E 67 -9.08 23.01 -36.81
C SER E 67 -8.93 24.53 -36.85
N ASN E 68 -7.83 25.00 -37.39
CA ASN E 68 -7.52 26.44 -37.46
C ASN E 68 -8.35 27.18 -38.53
N VAL E 69 -9.66 27.29 -38.27
CA VAL E 69 -10.65 27.87 -39.18
C VAL E 69 -11.63 28.68 -38.33
N ALA E 70 -12.18 29.72 -38.97
CA ALA E 70 -13.36 30.39 -38.45
C ALA E 70 -14.56 29.46 -38.68
N THR E 71 -15.52 29.50 -37.76
CA THR E 71 -16.75 28.72 -37.91
C THR E 71 -17.98 29.63 -37.93
N ALA E 72 -19.11 29.05 -38.33
CA ALA E 72 -20.43 29.71 -38.31
C ALA E 72 -20.72 30.33 -36.93
N PRO E 73 -21.02 31.62 -36.88
CA PRO E 73 -21.35 32.33 -35.64
C PRO E 73 -22.33 31.60 -34.72
N ALA E 81 -20.87 37.44 -36.74
CA ALA E 81 -19.38 37.47 -36.81
C ALA E 81 -18.73 36.07 -36.63
N PRO E 82 -17.77 35.67 -37.49
CA PRO E 82 -17.26 34.30 -37.45
C PRO E 82 -16.47 34.06 -36.18
N VAL E 83 -16.60 32.85 -35.62
CA VAL E 83 -15.93 32.56 -34.36
C VAL E 83 -14.57 31.98 -34.66
N THR E 84 -13.53 32.64 -34.15
CA THR E 84 -12.14 32.15 -34.32
C THR E 84 -11.89 30.89 -33.50
N LEU E 85 -10.90 30.09 -33.93
CA LEU E 85 -10.37 29.02 -33.09
C LEU E 85 -10.03 29.51 -31.70
N PHE E 86 -9.39 30.69 -31.59
CA PHE E 86 -8.94 31.15 -30.29
C PHE E 86 -10.11 31.22 -29.31
N THR E 87 -11.21 31.86 -29.76
CA THR E 87 -12.46 31.97 -29.00
C THR E 87 -13.01 30.59 -28.62
N ARG E 88 -13.09 29.67 -29.56
CA ARG E 88 -13.62 28.35 -29.23
C ARG E 88 -12.83 27.69 -28.15
N CYS E 89 -11.51 27.93 -28.17
CA CYS E 89 -10.62 27.34 -27.19
C CYS E 89 -10.82 27.99 -25.83
N ALA E 90 -11.00 29.29 -25.82
CA ALA E 90 -11.30 30.01 -24.59
C ALA E 90 -12.57 29.48 -23.93
N GLU E 91 -13.59 29.31 -24.76
CA GLU E 91 -14.88 28.78 -24.34
C GLU E 91 -14.84 27.35 -23.79
N LEU E 92 -13.87 26.54 -24.25
CA LEU E 92 -13.65 25.24 -23.64
C LEU E 92 -13.21 25.31 -22.18
N VAL E 93 -12.19 26.12 -21.94
CA VAL E 93 -11.69 26.30 -20.61
C VAL E 93 -12.78 27.02 -19.80
N ALA E 94 -13.36 28.08 -20.33
CA ALA E 94 -14.45 28.73 -19.61
C ALA E 94 -15.49 27.72 -19.13
N ALA E 95 -15.87 26.77 -19.99
CA ALA E 95 -16.85 25.71 -19.66
C ALA E 95 -16.57 25.02 -18.35
N CYS E 96 -15.29 24.77 -18.07
CA CYS E 96 -14.83 24.17 -16.82
C CYS E 96 -14.95 25.11 -15.62
N TYR E 97 -14.82 26.42 -15.83
CA TYR E 97 -14.94 27.34 -14.71
C TYR E 97 -16.41 27.55 -14.41
N THR E 98 -17.17 27.89 -15.45
CA THR E 98 -18.63 28.01 -15.38
C THR E 98 -19.29 26.87 -14.59
N HIS E 99 -18.84 25.61 -14.78
CA HIS E 99 -19.60 24.45 -14.29
C HIS E 99 -19.07 23.96 -12.97
N TRP E 100 -17.78 24.06 -12.78
CA TRP E 100 -17.14 23.61 -11.55
C TRP E 100 -16.23 24.69 -10.92
N GLY E 101 -16.24 25.91 -11.47
CA GLY E 101 -15.39 27.00 -10.96
C GLY E 101 -13.88 26.69 -10.90
N ARG E 102 -13.40 25.68 -11.64
CA ARG E 102 -11.97 25.53 -11.82
C ARG E 102 -11.55 24.69 -13.04
N CYS E 103 -10.24 24.62 -13.29
CA CYS E 103 -9.66 23.73 -14.27
C CYS E 103 -8.23 23.47 -13.88
N ASP E 104 -7.89 22.27 -13.43
CA ASP E 104 -6.56 22.06 -12.89
C ASP E 104 -5.64 21.36 -13.89
N VAL E 105 -6.27 20.50 -14.72
CA VAL E 105 -5.53 19.63 -15.66
C VAL E 105 -6.07 19.88 -17.07
N LEU E 106 -5.15 19.96 -18.02
CA LEU E 106 -5.56 20.09 -19.44
C LEU E 106 -4.74 19.06 -20.13
N VAL E 107 -5.44 18.19 -20.86
CA VAL E 107 -4.75 17.18 -21.70
C VAL E 107 -5.05 17.52 -23.15
N ASN E 108 -4.01 17.82 -23.92
CA ASN E 108 -4.20 18.15 -25.38
C ASN E 108 -4.01 16.88 -26.14
N ASN E 109 -5.13 16.22 -26.37
CA ASN E 109 -5.12 14.86 -26.92
C ASN E 109 -5.69 14.79 -28.36
N ALA E 110 -6.68 15.64 -28.66
CA ALA E 110 -7.34 15.66 -29.97
C ALA E 110 -6.35 15.88 -31.06
N SER E 111 -6.48 15.15 -32.15
CA SER E 111 -5.49 15.20 -33.17
C SER E 111 -5.96 14.46 -34.36
N SER E 112 -5.97 15.15 -35.48
CA SER E 112 -6.22 14.48 -36.74
C SER E 112 -4.92 13.89 -37.32
N PHE E 113 -5.04 12.85 -38.14
CA PHE E 113 -3.81 12.10 -38.55
C PHE E 113 -4.12 11.38 -39.81
N TYR E 114 -3.54 11.85 -40.91
CA TYR E 114 -3.79 11.33 -42.24
C TYR E 114 -2.74 11.97 -43.12
N PRO E 115 -2.46 11.35 -44.27
CA PRO E 115 -1.32 11.72 -45.15
C PRO E 115 -1.35 13.10 -45.79
N THR E 116 -0.18 13.73 -45.95
CA THR E 116 -0.07 14.94 -46.81
C THR E 116 1.18 14.79 -47.71
N PRO E 117 1.09 13.96 -48.75
CA PRO E 117 2.29 13.63 -49.53
C PRO E 117 2.94 14.86 -50.20
N LEU E 118 4.27 14.90 -50.32
CA LEU E 118 4.96 15.89 -51.16
C LEU E 118 5.03 15.49 -52.62
N LEU E 119 4.58 14.27 -52.93
CA LEU E 119 4.72 13.71 -54.28
C LEU E 119 3.46 13.03 -54.78
N ARG E 120 3.02 13.47 -55.96
CA ARG E 120 1.89 12.89 -56.71
C ARG E 120 2.11 11.38 -57.02
N GLY E 131 -12.32 18.04 -52.45
CA GLY E 131 -11.87 18.74 -53.64
C GLY E 131 -10.42 19.15 -53.51
N ASP E 132 -9.74 19.25 -54.64
CA ASP E 132 -8.26 19.30 -54.72
C ASP E 132 -7.50 20.39 -53.96
N ARG E 133 -7.66 21.65 -54.31
CA ARG E 133 -6.89 22.68 -53.60
C ARG E 133 -7.60 23.08 -52.32
N GLU E 134 -8.84 22.62 -52.17
CA GLU E 134 -9.55 22.75 -50.91
C GLU E 134 -9.03 21.76 -49.87
N ALA E 135 -8.70 20.55 -50.34
CA ALA E 135 -8.02 19.53 -49.53
C ALA E 135 -6.77 20.08 -48.87
N MET E 136 -5.88 20.67 -49.66
CA MET E 136 -4.67 21.29 -49.10
C MET E 136 -4.90 22.45 -48.14
N GLU E 137 -5.83 23.37 -48.41
CA GLU E 137 -6.13 24.38 -47.38
C GLU E 137 -6.73 23.75 -46.09
N THR E 138 -7.69 22.82 -46.25
CA THR E 138 -8.38 22.23 -45.11
C THR E 138 -7.51 21.25 -44.35
N ALA E 139 -6.65 20.53 -45.05
CA ALA E 139 -5.75 19.61 -44.36
C ALA E 139 -4.82 20.33 -43.45
N THR E 140 -4.28 21.43 -43.99
CA THR E 140 -3.31 22.28 -43.28
C THR E 140 -3.88 22.85 -42.00
N ALA E 141 -4.99 23.54 -42.14
CA ALA E 141 -5.77 24.02 -41.02
C ALA E 141 -6.17 22.93 -39.97
N ASP E 142 -6.58 21.75 -40.45
CA ASP E 142 -7.08 20.68 -39.56
C ASP E 142 -5.99 19.96 -38.79
N LEU E 143 -4.97 19.53 -39.51
CA LEU E 143 -3.82 18.92 -38.87
C LEU E 143 -3.05 19.87 -37.95
N PHE E 144 -2.65 21.03 -38.48
CA PHE E 144 -1.97 22.00 -37.62
C PHE E 144 -2.85 22.54 -36.52
N GLY E 145 -4.17 22.70 -36.76
CA GLY E 145 -5.04 23.24 -35.72
C GLY E 145 -5.06 22.30 -34.51
N SER E 146 -5.51 21.07 -34.76
CA SER E 146 -5.83 20.11 -33.74
C SER E 146 -4.54 19.70 -32.98
N ASN E 147 -3.47 19.50 -33.74
CA ASN E 147 -2.20 19.11 -33.14
C ASN E 147 -1.37 20.19 -32.45
N ALA E 148 -1.55 21.47 -32.84
CA ALA E 148 -0.57 22.53 -32.50
C ALA E 148 -1.17 23.85 -32.12
N ILE E 149 -1.96 24.44 -33.00
CA ILE E 149 -2.45 25.76 -32.76
C ILE E 149 -3.50 25.70 -31.66
N ALA E 150 -4.41 24.71 -31.67
CA ALA E 150 -5.46 24.69 -30.59
C ALA E 150 -4.81 24.47 -29.22
N PRO E 151 -3.88 23.52 -29.10
CA PRO E 151 -3.15 23.39 -27.84
C PRO E 151 -2.66 24.75 -27.38
N TYR E 152 -2.05 25.53 -28.27
CA TYR E 152 -1.44 26.78 -27.86
C TYR E 152 -2.46 27.71 -27.24
N PHE E 153 -3.59 27.83 -27.91
CA PHE E 153 -4.67 28.67 -27.45
C PHE E 153 -5.32 28.12 -26.18
N LEU E 154 -5.38 26.81 -26.05
CA LEU E 154 -5.95 26.18 -24.88
C LEU E 154 -5.05 26.50 -23.74
N ILE E 155 -3.76 26.23 -23.88
CA ILE E 155 -2.77 26.55 -22.87
C ILE E 155 -2.78 28.02 -22.43
N LYS E 156 -2.89 28.94 -23.41
CA LYS E 156 -3.08 30.36 -23.14
C LYS E 156 -4.31 30.65 -22.23
N ALA E 157 -5.47 30.10 -22.62
CA ALA E 157 -6.75 30.36 -21.90
C ALA E 157 -6.64 29.82 -20.45
N PHE E 158 -6.09 28.62 -20.35
CA PHE E 158 -5.86 27.93 -19.11
C PHE E 158 -4.92 28.71 -18.21
N ALA E 159 -3.95 29.40 -18.82
CA ALA E 159 -2.94 30.11 -18.05
C ALA E 159 -3.53 31.41 -17.56
N HIS E 160 -4.21 32.13 -18.46
CA HIS E 160 -4.83 33.42 -18.11
C HIS E 160 -5.74 33.25 -16.93
N ARG E 161 -6.42 32.10 -16.92
CA ARG E 161 -7.48 31.82 -15.94
C ARG E 161 -6.93 31.54 -14.57
N VAL E 162 -5.75 30.91 -14.53
CA VAL E 162 -5.01 30.71 -13.29
C VAL E 162 -4.39 32.02 -12.87
N ALA E 163 -3.77 32.74 -13.79
CA ALA E 163 -3.19 34.05 -13.48
C ALA E 163 -4.23 34.95 -12.84
N GLY E 164 -5.46 34.86 -13.38
CA GLY E 164 -6.59 35.65 -12.90
C GLY E 164 -7.19 35.21 -11.56
N THR E 165 -6.78 34.03 -11.07
CA THR E 165 -7.27 33.48 -9.81
C THR E 165 -6.38 34.02 -8.71
N PRO E 166 -6.96 34.68 -7.69
CA PRO E 166 -6.17 35.19 -6.56
C PRO E 166 -5.42 34.01 -5.92
N ALA E 167 -4.15 34.22 -5.62
CA ALA E 167 -3.32 33.11 -5.24
C ALA E 167 -3.96 32.26 -4.14
N LYS E 168 -4.98 32.81 -3.45
CA LYS E 168 -5.52 32.18 -2.23
C LYS E 168 -6.66 31.19 -2.48
N HIS E 169 -6.96 30.99 -3.76
CA HIS E 169 -8.02 30.09 -4.24
C HIS E 169 -7.45 29.10 -5.25
N ARG E 170 -6.19 29.31 -5.58
CA ARG E 170 -5.57 28.56 -6.62
C ARG E 170 -5.42 27.11 -6.20
N GLY E 171 -5.52 26.21 -7.18
CA GLY E 171 -5.26 24.80 -6.93
C GLY E 171 -3.78 24.65 -6.60
N THR E 172 -3.36 23.40 -6.32
CA THR E 172 -2.02 23.12 -5.86
C THR E 172 -1.32 22.12 -6.77
N ASN E 173 -1.99 21.69 -7.84
CA ASN E 173 -1.38 20.70 -8.74
C ASN E 173 -1.77 20.92 -10.19
N TYR E 174 -1.57 22.14 -10.70
CA TYR E 174 -1.83 22.45 -12.12
C TYR E 174 -0.93 21.66 -13.05
N SER E 175 -1.54 20.97 -14.01
CA SER E 175 -0.79 20.07 -14.93
C SER E 175 -1.34 20.12 -16.36
N ILE E 176 -0.46 20.23 -17.36
CA ILE E 176 -0.87 20.20 -18.74
C ILE E 176 -0.08 19.12 -19.39
N ILE E 177 -0.80 18.23 -20.07
CA ILE E 177 -0.17 17.15 -20.83
C ILE E 177 -0.49 17.28 -22.31
N ASN E 178 0.55 17.21 -23.14
CA ASN E 178 0.39 17.28 -24.57
C ASN E 178 0.72 15.92 -25.09
N MET E 179 -0.18 15.37 -25.94
CA MET E 179 0.06 14.03 -26.52
C MET E 179 0.79 14.24 -27.83
N VAL E 180 2.01 13.78 -27.83
CA VAL E 180 2.92 13.95 -28.95
C VAL E 180 3.17 12.59 -29.55
N ASP E 181 4.38 12.31 -30.01
CA ASP E 181 4.53 11.10 -30.80
C ASP E 181 5.93 10.66 -30.56
N ALA E 182 6.13 9.47 -30.00
CA ALA E 182 7.49 8.89 -29.83
C ALA E 182 8.26 8.75 -31.14
N MET E 183 7.53 8.61 -32.26
CA MET E 183 8.12 8.18 -33.53
C MET E 183 8.38 9.28 -34.55
N THR E 184 8.33 10.55 -34.15
CA THR E 184 8.30 11.54 -35.22
C THR E 184 9.69 11.95 -35.68
N ASN E 185 10.69 11.56 -34.89
CA ASN E 185 12.09 11.69 -35.33
C ASN E 185 12.46 10.64 -36.36
N GLN E 186 11.59 9.65 -36.49
CA GLN E 186 11.67 8.65 -37.54
C GLN E 186 10.31 8.83 -38.28
N PRO E 187 10.23 9.79 -39.18
CA PRO E 187 8.94 10.21 -39.71
C PRO E 187 8.25 9.21 -40.63
N LEU E 188 6.94 9.22 -40.57
CA LEU E 188 6.12 8.30 -41.31
C LEU E 188 5.93 8.91 -42.68
N LEU E 189 6.19 8.07 -43.66
CA LEU E 189 6.38 8.48 -45.03
C LEU E 189 5.11 9.01 -45.61
N GLY E 190 5.11 10.29 -46.01
CA GLY E 190 3.91 11.05 -46.53
C GLY E 190 3.00 11.72 -45.54
N TYR E 191 3.44 11.81 -44.28
CA TYR E 191 2.67 12.44 -43.18
C TYR E 191 3.33 13.75 -42.68
N THR E 192 3.82 14.52 -43.63
CA THR E 192 4.62 15.76 -43.30
C THR E 192 3.96 16.80 -42.35
N ILE E 193 2.75 17.21 -42.68
CA ILE E 193 2.06 18.21 -41.89
C ILE E 193 1.79 17.68 -40.46
N TYR E 194 1.41 16.42 -40.36
CA TYR E 194 1.15 15.85 -39.07
C TYR E 194 2.41 15.95 -38.22
N THR E 195 3.52 15.51 -38.81
CA THR E 195 4.83 15.43 -38.17
C THR E 195 5.34 16.82 -37.84
N MET E 196 5.17 17.77 -38.76
CA MET E 196 5.52 19.15 -38.41
C MET E 196 4.68 19.61 -37.22
N ALA E 197 3.38 19.33 -37.23
CA ALA E 197 2.51 19.75 -36.08
C ALA E 197 2.93 19.19 -34.68
N LYS E 198 3.01 17.89 -34.55
CA LYS E 198 3.75 17.27 -33.43
C LYS E 198 5.15 17.90 -33.08
N GLY E 199 5.98 18.16 -34.04
CA GLY E 199 7.17 19.03 -33.70
C GLY E 199 6.88 20.42 -33.06
N ALA E 200 5.96 21.18 -33.68
CA ALA E 200 5.30 22.38 -33.05
C ALA E 200 4.73 22.12 -31.70
N LEU E 201 4.03 21.00 -31.49
CA LEU E 201 3.54 20.69 -30.12
C LEU E 201 4.68 20.41 -29.08
N GLU E 202 5.77 19.79 -29.54
CA GLU E 202 6.97 19.59 -28.72
C GLU E 202 7.60 20.92 -28.29
N GLY E 203 7.57 21.91 -29.18
CA GLY E 203 8.00 23.25 -28.90
C GLY E 203 7.14 23.91 -27.87
N LEU E 204 5.84 23.76 -28.06
CA LEU E 204 4.89 24.29 -27.07
C LEU E 204 5.06 23.74 -25.65
N THR E 205 5.41 22.45 -25.53
CA THR E 205 5.67 21.80 -24.23
C THR E 205 6.87 22.46 -23.52
N ARG E 206 7.95 22.64 -24.23
CA ARG E 206 9.16 23.26 -23.65
C ARG E 206 8.95 24.75 -23.33
N SER E 207 8.56 25.53 -24.33
CA SER E 207 8.19 26.92 -24.13
C SER E 207 7.12 27.19 -23.06
N ALA E 208 6.03 26.45 -23.08
CA ALA E 208 5.00 26.70 -22.02
C ALA E 208 5.50 26.30 -20.62
N ALA E 209 6.46 25.38 -20.56
CA ALA E 209 6.89 24.85 -19.25
C ALA E 209 7.80 25.89 -18.63
N LEU E 210 8.57 26.54 -19.48
CA LEU E 210 9.40 27.65 -19.07
C LEU E 210 8.54 28.84 -18.57
N GLU E 211 7.56 29.27 -19.36
CA GLU E 211 6.86 30.53 -19.07
C GLU E 211 5.85 30.41 -17.95
N LEU E 212 5.33 29.18 -17.78
CA LEU E 212 4.29 28.96 -16.78
C LEU E 212 4.84 28.41 -15.45
N ALA E 213 6.09 28.01 -15.44
CA ALA E 213 6.73 27.70 -14.19
C ALA E 213 6.35 28.65 -13.05
N PRO E 214 6.45 29.98 -13.19
CA PRO E 214 6.28 30.81 -11.99
C PRO E 214 4.86 30.69 -11.42
N LEU E 215 3.95 30.12 -12.20
CA LEU E 215 2.58 29.99 -11.74
C LEU E 215 2.47 28.50 -11.32
N GLN E 216 3.59 27.79 -11.39
CA GLN E 216 3.60 26.37 -10.96
C GLN E 216 2.70 25.46 -11.86
N ILE E 217 2.44 25.95 -13.08
CA ILE E 217 1.84 25.11 -14.10
C ILE E 217 2.91 24.23 -14.77
N ARG E 218 2.83 22.93 -14.50
CA ARG E 218 3.73 22.02 -15.19
C ARG E 218 3.21 21.67 -16.57
N VAL E 219 4.12 21.41 -17.50
CA VAL E 219 3.74 21.14 -18.85
C VAL E 219 4.64 20.07 -19.39
N ASN E 220 4.05 18.88 -19.59
CA ASN E 220 4.85 17.80 -20.16
C ASN E 220 4.22 17.14 -21.36
N GLY E 221 5.01 16.34 -22.09
CA GLY E 221 4.50 15.54 -23.22
C GLY E 221 4.46 14.06 -22.88
N VAL E 222 3.56 13.30 -23.52
CA VAL E 222 3.61 11.83 -23.49
C VAL E 222 3.54 11.40 -24.94
N GLY E 223 4.54 10.67 -25.41
CA GLY E 223 4.57 10.20 -26.76
C GLY E 223 4.33 8.69 -26.85
N PRO E 224 3.14 8.25 -27.26
CA PRO E 224 2.92 6.85 -27.66
C PRO E 224 3.73 6.47 -28.90
N GLY E 225 3.97 5.16 -29.09
CA GLY E 225 4.60 4.69 -30.34
C GLY E 225 3.50 4.09 -31.17
N LEU E 226 3.16 2.81 -30.98
CA LEU E 226 1.97 2.22 -31.64
C LEU E 226 1.00 1.82 -30.55
N SER E 227 -0.18 2.46 -30.55
CA SER E 227 -1.18 2.21 -29.51
C SER E 227 -2.58 2.01 -30.13
N VAL E 228 -3.37 1.11 -29.51
CA VAL E 228 -4.71 0.74 -29.99
C VAL E 228 -4.76 0.80 -31.56
N LEU E 229 -3.79 0.13 -32.16
CA LEU E 229 -3.58 0.12 -33.62
C LEU E 229 -4.79 -0.35 -34.46
N VAL E 230 -5.12 0.46 -35.48
CA VAL E 230 -6.31 0.26 -36.32
C VAL E 230 -6.02 -0.84 -37.33
N ASP E 231 -6.95 -1.79 -37.47
CA ASP E 231 -6.68 -2.96 -38.30
C ASP E 231 -7.50 -3.09 -39.60
N ASP E 232 -7.72 -1.95 -40.24
CA ASP E 232 -8.43 -1.84 -41.50
C ASP E 232 -7.56 -2.17 -42.69
N MET E 233 -7.03 -3.40 -42.73
CA MET E 233 -5.97 -3.82 -43.66
C MET E 233 -5.76 -5.34 -43.49
N PRO E 234 -5.12 -6.02 -44.44
CA PRO E 234 -4.99 -7.49 -44.28
C PRO E 234 -4.42 -7.86 -42.89
N PRO E 235 -4.80 -9.00 -42.32
CA PRO E 235 -4.25 -9.45 -41.02
C PRO E 235 -2.76 -9.42 -40.88
N ALA E 236 -2.09 -10.01 -41.87
CA ALA E 236 -0.66 -10.34 -41.83
C ALA E 236 0.08 -9.04 -41.94
N VAL E 237 -0.48 -8.13 -42.75
CA VAL E 237 0.01 -6.77 -42.76
C VAL E 237 -0.09 -6.16 -41.36
N TRP E 238 -1.16 -6.47 -40.60
CA TRP E 238 -1.44 -5.72 -39.35
C TRP E 238 -0.60 -6.16 -38.21
N GLU E 239 -0.45 -7.48 -38.08
CA GLU E 239 0.41 -8.03 -37.03
C GLU E 239 1.93 -7.89 -37.41
N GLY E 240 2.22 -7.66 -38.69
CA GLY E 240 3.59 -7.48 -39.14
C GLY E 240 4.09 -6.17 -38.53
N HIS E 241 3.17 -5.21 -38.42
CA HIS E 241 3.48 -3.88 -37.93
C HIS E 241 3.75 -3.92 -36.42
N ARG E 242 2.87 -4.61 -35.70
CA ARG E 242 3.04 -4.96 -34.27
C ARG E 242 4.42 -5.52 -33.92
N SER E 243 4.86 -6.47 -34.74
CA SER E 243 6.08 -7.22 -34.48
C SER E 243 7.26 -6.39 -34.92
N LYS E 244 7.17 -5.08 -34.69
CA LYS E 244 8.32 -4.18 -34.81
C LYS E 244 8.56 -3.60 -33.40
N VAL E 245 7.50 -3.24 -32.67
CA VAL E 245 7.61 -2.91 -31.25
C VAL E 245 8.48 -3.97 -30.54
N PRO E 246 9.73 -3.65 -30.20
CA PRO E 246 10.69 -4.69 -29.76
C PRO E 246 10.16 -5.37 -28.51
N LEU E 247 9.44 -4.58 -27.73
CA LEU E 247 8.78 -5.07 -26.55
C LEU E 247 7.37 -5.64 -26.87
N TYR E 248 7.17 -6.90 -26.46
CA TYR E 248 5.93 -7.66 -26.57
C TYR E 248 5.53 -7.90 -28.00
N GLN E 249 6.19 -7.23 -28.94
CA GLN E 249 5.82 -7.46 -30.31
C GLN E 249 4.38 -7.01 -30.61
N ARG E 250 3.87 -6.02 -29.89
CA ARG E 250 2.49 -5.57 -30.11
C ARG E 250 2.39 -4.07 -29.76
N ASP E 251 1.34 -3.44 -30.30
CA ASP E 251 0.98 -2.09 -29.93
C ASP E 251 0.43 -2.10 -28.52
N SER E 252 0.42 -0.93 -27.89
CA SER E 252 0.01 -0.82 -26.52
C SER E 252 -1.51 -0.82 -26.40
N SER E 253 -2.02 -0.91 -25.18
CA SER E 253 -3.45 -0.67 -24.94
C SER E 253 -3.56 0.81 -24.55
N ALA E 254 -4.78 1.31 -24.54
CA ALA E 254 -5.03 2.65 -24.18
C ALA E 254 -4.52 2.92 -22.75
N ALA E 255 -4.87 2.02 -21.82
CA ALA E 255 -4.46 2.21 -20.40
C ALA E 255 -2.96 2.21 -20.19
N GLU E 256 -2.23 1.48 -21.03
CA GLU E 256 -0.77 1.50 -21.03
C GLU E 256 -0.17 2.87 -21.30
N VAL E 257 -0.93 3.72 -21.97
CA VAL E 257 -0.50 5.06 -22.27
C VAL E 257 -1.07 5.98 -21.22
N SER E 258 -2.39 5.89 -20.95
CA SER E 258 -3.07 6.84 -20.09
C SER E 258 -2.65 6.77 -18.65
N ASP E 259 -2.08 5.65 -18.21
CA ASP E 259 -1.57 5.54 -16.82
C ASP E 259 -0.34 6.43 -16.63
N VAL E 260 0.47 6.59 -17.66
CA VAL E 260 1.60 7.53 -17.64
C VAL E 260 1.02 8.98 -17.51
N VAL E 261 0.09 9.32 -18.40
CA VAL E 261 -0.58 10.60 -18.30
C VAL E 261 -0.98 10.85 -16.87
N ILE E 262 -1.70 9.90 -16.28
CA ILE E 262 -2.24 10.08 -14.91
C ILE E 262 -1.16 10.28 -13.84
N PHE E 263 -0.09 9.47 -13.89
CA PHE E 263 1.07 9.74 -13.07
C PHE E 263 1.54 11.20 -13.21
N LEU E 264 2.05 11.55 -14.39
CA LEU E 264 2.48 12.93 -14.67
C LEU E 264 1.57 13.98 -14.05
N CYS E 265 0.26 13.73 -14.01
CA CYS E 265 -0.66 14.72 -13.37
C CYS E 265 -0.75 14.64 -11.85
N SER E 266 -0.13 13.58 -11.28
CA SER E 266 -0.21 13.35 -9.83
C SER E 266 0.84 14.16 -9.08
N SER E 267 0.54 14.47 -7.81
CA SER E 267 1.43 15.30 -6.99
C SER E 267 2.82 14.65 -6.81
N LYS E 268 2.89 13.34 -6.98
CA LYS E 268 4.17 12.66 -7.02
C LYS E 268 4.99 13.09 -8.25
N ALA E 269 4.38 13.82 -9.17
CA ALA E 269 5.13 14.18 -10.39
C ALA E 269 5.56 15.68 -10.44
N LYS E 270 5.48 16.33 -9.28
CA LYS E 270 5.40 17.78 -9.16
C LYS E 270 6.71 18.54 -9.38
N TYR E 271 7.76 17.84 -9.79
CA TYR E 271 9.07 18.43 -10.06
C TYR E 271 9.44 18.19 -11.52
N ILE E 272 8.56 17.44 -12.17
CA ILE E 272 8.69 17.19 -13.59
C ILE E 272 7.91 18.25 -14.39
N THR E 273 8.61 18.83 -15.38
CA THR E 273 8.01 19.84 -16.28
C THR E 273 8.92 20.01 -17.43
N GLY E 274 8.36 20.30 -18.58
CA GLY E 274 9.18 20.52 -19.80
C GLY E 274 9.77 19.30 -20.46
N THR E 275 9.29 18.13 -20.03
CA THR E 275 9.80 16.87 -20.58
C THR E 275 8.75 16.02 -21.31
N CYS E 276 9.27 14.99 -21.97
CA CYS E 276 8.48 14.01 -22.70
C CYS E 276 8.70 12.62 -22.14
N VAL E 277 7.65 11.83 -22.19
CA VAL E 277 7.79 10.43 -21.85
C VAL E 277 7.36 9.64 -23.06
N LYS E 278 8.29 8.99 -23.75
CA LYS E 278 7.99 8.03 -24.79
C LYS E 278 7.38 6.82 -24.17
N VAL E 279 6.14 6.46 -24.58
CA VAL E 279 5.46 5.15 -24.26
C VAL E 279 5.41 4.23 -25.50
N ASP E 280 6.49 3.55 -25.82
CA ASP E 280 6.55 3.00 -27.16
C ASP E 280 7.15 1.59 -27.27
N GLY E 281 7.28 0.92 -26.12
CA GLY E 281 7.91 -0.43 -26.07
C GLY E 281 9.22 -0.50 -26.82
N GLY E 282 9.92 0.63 -26.91
CA GLY E 282 11.26 0.64 -27.53
C GLY E 282 11.23 0.77 -29.02
N TYR E 283 10.05 0.96 -29.59
CA TYR E 283 9.94 1.08 -31.02
C TYR E 283 10.88 2.18 -31.64
N SER E 284 11.08 3.33 -30.94
CA SER E 284 12.00 4.37 -31.50
C SER E 284 13.51 3.99 -31.58
N LEU E 285 13.87 2.99 -30.76
CA LEU E 285 15.20 2.37 -30.85
C LEU E 285 15.46 1.59 -32.12
N THR E 286 14.46 1.48 -33.02
CA THR E 286 14.64 0.59 -34.18
C THR E 286 15.15 1.30 -35.43
N ARG E 287 15.63 0.54 -36.40
CA ARG E 287 16.11 1.05 -37.62
C ARG E 287 15.70 0.06 -38.73
N ALA E 288 15.68 0.53 -39.98
CA ALA E 288 15.23 -0.28 -41.12
C ALA E 288 16.16 -1.43 -41.41
N THR F 5 24.72 25.88 -68.16
CA THR F 5 25.00 24.90 -67.06
C THR F 5 25.09 25.60 -65.71
N VAL F 6 24.48 26.79 -65.62
CA VAL F 6 24.46 27.57 -64.38
C VAL F 6 23.34 27.04 -63.47
N PRO F 7 23.68 26.45 -62.30
CA PRO F 7 22.65 26.06 -61.33
C PRO F 7 21.87 27.28 -60.79
N VAL F 8 20.65 27.03 -60.32
CA VAL F 8 19.85 28.06 -59.72
C VAL F 8 19.54 27.82 -58.22
N ALA F 9 19.62 28.92 -57.45
CA ALA F 9 19.24 28.94 -56.03
C ALA F 9 18.13 29.94 -55.77
N LEU F 10 17.04 29.49 -55.15
CA LEU F 10 16.03 30.39 -54.61
C LEU F 10 16.26 30.52 -53.08
N VAL F 11 16.47 31.78 -52.65
CA VAL F 11 16.72 32.08 -51.25
C VAL F 11 15.58 33.01 -50.81
N THR F 12 14.79 32.60 -49.84
CA THR F 12 13.70 33.48 -49.37
C THR F 12 14.28 34.35 -48.30
N GLY F 13 13.63 35.52 -48.10
CA GLY F 13 14.19 36.47 -47.15
C GLY F 13 15.62 36.81 -47.48
N ALA F 14 15.90 37.06 -48.77
CA ALA F 14 17.32 37.20 -49.17
C ALA F 14 17.93 38.61 -49.07
N ALA F 15 17.16 39.61 -48.66
CA ALA F 15 17.60 41.03 -48.86
C ALA F 15 18.78 41.39 -47.94
N LYS F 16 18.75 40.94 -46.69
CA LYS F 16 19.76 41.35 -45.77
C LYS F 16 20.19 40.26 -44.88
N ARG F 17 21.13 40.64 -44.04
CA ARG F 17 21.61 39.79 -42.92
C ARG F 17 21.96 38.35 -43.40
N LEU F 18 21.41 37.31 -42.77
CA LEU F 18 21.78 35.91 -43.13
C LEU F 18 21.41 35.50 -44.57
N GLY F 19 20.24 35.94 -45.03
CA GLY F 19 19.77 35.55 -46.35
C GLY F 19 20.54 36.16 -47.52
N ARG F 20 21.15 37.32 -47.29
CA ARG F 20 22.02 38.01 -48.25
C ARG F 20 23.41 37.34 -48.25
N SER F 21 23.93 37.06 -47.09
CA SER F 21 25.20 36.39 -47.02
C SER F 21 25.07 34.95 -47.57
N ILE F 22 23.83 34.40 -47.67
CA ILE F 22 23.61 33.09 -48.32
C ILE F 22 23.50 33.28 -49.85
N ALA F 23 22.68 34.21 -50.26
CA ALA F 23 22.59 34.50 -51.64
C ALA F 23 23.98 34.76 -52.27
N GLU F 24 24.75 35.69 -51.66
CA GLU F 24 26.10 36.03 -52.02
C GLU F 24 27.02 34.81 -51.99
N GLY F 25 26.90 34.01 -50.94
CA GLY F 25 27.81 32.85 -50.71
C GLY F 25 27.60 31.75 -51.75
N LEU F 26 26.36 31.64 -52.22
CA LEU F 26 26.02 30.74 -53.31
C LEU F 26 26.48 31.36 -54.63
N HIS F 27 26.19 32.64 -54.80
CA HIS F 27 26.61 33.34 -56.04
C HIS F 27 28.13 33.23 -56.25
N ALA F 28 28.91 33.31 -55.18
CA ALA F 28 30.37 33.06 -55.29
C ALA F 28 30.75 31.67 -55.81
N GLU F 29 29.87 30.67 -55.61
CA GLU F 29 30.15 29.29 -56.03
C GLU F 29 29.65 29.02 -57.41
N GLY F 30 28.93 29.95 -58.00
CA GLY F 30 28.48 29.82 -59.40
C GLY F 30 26.97 29.88 -59.64
N TYR F 31 26.17 29.92 -58.56
CA TYR F 31 24.74 29.84 -58.75
C TYR F 31 24.15 31.10 -59.35
N ALA F 32 23.12 30.97 -60.16
CA ALA F 32 22.26 32.14 -60.30
C ALA F 32 21.31 32.16 -59.06
N VAL F 33 20.83 33.34 -58.66
CA VAL F 33 20.09 33.42 -57.41
C VAL F 33 18.79 34.18 -57.54
N CYS F 34 17.67 33.50 -57.27
CA CYS F 34 16.37 34.13 -57.09
C CYS F 34 16.30 34.67 -55.68
N LEU F 35 16.20 36.00 -55.55
CA LEU F 35 16.28 36.61 -54.24
C LEU F 35 14.91 37.02 -53.89
N HIS F 36 14.34 36.40 -52.87
CA HIS F 36 12.96 36.71 -52.52
C HIS F 36 12.99 37.79 -51.43
N TYR F 37 11.94 38.59 -51.37
CA TYR F 37 11.85 39.56 -50.30
C TYR F 37 10.36 39.78 -50.10
N HIS F 38 10.00 40.41 -49.00
CA HIS F 38 8.58 40.73 -48.75
C HIS F 38 8.47 42.24 -48.70
N ARG F 39 9.22 42.91 -47.82
CA ARG F 39 9.07 44.35 -47.61
C ARG F 39 10.34 45.08 -47.95
N SER F 40 11.47 44.37 -47.91
CA SER F 40 12.76 44.99 -48.22
C SER F 40 13.08 45.05 -49.72
N ALA F 41 12.19 45.70 -50.50
CA ALA F 41 12.37 45.85 -51.97
C ALA F 41 13.68 46.50 -52.36
N ALA F 42 14.03 47.61 -51.67
CA ALA F 42 15.24 48.42 -51.96
C ALA F 42 16.52 47.65 -51.75
N GLU F 43 16.60 46.91 -50.65
CA GLU F 43 17.79 46.14 -50.39
C GLU F 43 17.95 45.02 -51.41
N ALA F 44 16.83 44.34 -51.75
CA ALA F 44 16.90 43.15 -52.63
C ALA F 44 17.31 43.55 -54.05
N ASN F 45 16.68 44.61 -54.56
CA ASN F 45 17.11 45.19 -55.80
C ASN F 45 18.59 45.65 -55.85
N ALA F 46 19.12 46.17 -54.73
CA ALA F 46 20.49 46.63 -54.74
C ALA F 46 21.40 45.45 -54.70
N LEU F 47 20.95 44.41 -53.98
CA LEU F 47 21.76 43.18 -53.91
C LEU F 47 21.80 42.47 -55.29
N SER F 48 20.63 42.39 -55.91
CA SER F 48 20.54 41.90 -57.28
C SER F 48 21.57 42.63 -58.19
N ALA F 49 21.47 43.97 -58.25
CA ALA F 49 22.41 44.85 -59.00
C ALA F 49 23.88 44.51 -58.82
N THR F 50 24.31 44.30 -57.60
CA THR F 50 25.71 43.96 -57.32
C THR F 50 26.04 42.61 -57.95
N LEU F 51 25.07 41.70 -57.93
CA LEU F 51 25.39 40.31 -58.35
C LEU F 51 25.38 40.25 -59.87
N ASN F 52 24.40 40.94 -60.44
CA ASN F 52 24.32 41.08 -61.86
C ASN F 52 25.57 41.78 -62.42
N ALA F 53 26.00 42.88 -61.80
CA ALA F 53 27.17 43.57 -62.30
C ALA F 53 28.39 42.65 -62.32
N ARG F 54 28.50 41.75 -61.34
CA ARG F 54 29.64 40.88 -61.26
C ARG F 54 29.56 39.75 -62.27
N ARG F 55 28.32 39.42 -62.67
CA ARG F 55 28.02 38.30 -63.56
C ARG F 55 26.61 38.56 -64.07
N PRO F 56 26.51 39.01 -65.32
CA PRO F 56 25.24 39.29 -65.93
C PRO F 56 24.20 38.17 -65.77
N ASN F 57 22.94 38.60 -65.65
CA ASN F 57 21.83 37.66 -65.54
C ASN F 57 21.94 36.55 -64.48
N SER F 58 22.72 36.79 -63.42
CA SER F 58 22.91 35.79 -62.39
C SER F 58 22.02 36.09 -61.15
N ALA F 59 20.98 36.96 -61.29
CA ALA F 59 20.11 37.27 -60.16
C ALA F 59 18.83 37.93 -60.56
N ILE F 60 17.80 37.68 -59.77
CA ILE F 60 16.48 38.30 -59.95
C ILE F 60 15.84 38.51 -58.56
N THR F 61 14.84 39.38 -58.47
CA THR F 61 14.07 39.57 -57.25
C THR F 61 12.64 39.10 -57.45
N VAL F 62 12.04 38.53 -56.41
CA VAL F 62 10.60 38.23 -56.40
C VAL F 62 10.07 38.58 -55.05
N GLN F 63 8.88 39.14 -55.02
CA GLN F 63 8.28 39.56 -53.78
C GLN F 63 7.17 38.60 -53.45
N ALA F 64 7.03 38.28 -52.17
CA ALA F 64 5.95 37.44 -51.68
C ALA F 64 5.78 37.61 -50.17
N ASP F 65 4.54 37.89 -49.74
CA ASP F 65 4.20 37.66 -48.33
C ASP F 65 4.09 36.11 -48.13
N LEU F 66 4.88 35.58 -47.19
CA LEU F 66 4.86 34.14 -46.87
C LEU F 66 4.06 33.83 -45.61
N SER F 67 3.40 34.85 -45.06
CA SER F 67 2.43 34.61 -44.00
C SER F 67 1.31 33.70 -44.51
N ASN F 68 0.81 32.80 -43.66
CA ASN F 68 -0.28 31.90 -44.08
C ASN F 68 -1.57 32.61 -44.19
N VAL F 69 -1.68 33.54 -45.16
CA VAL F 69 -2.95 34.28 -45.46
C VAL F 69 -3.18 34.19 -46.95
N ALA F 70 -4.41 34.29 -47.37
CA ALA F 70 -4.70 34.42 -48.79
C ALA F 70 -4.66 35.90 -49.15
N THR F 71 -4.02 36.24 -50.26
CA THR F 71 -3.87 37.65 -50.65
C THR F 71 -4.78 38.03 -51.85
N ALA F 72 -4.93 39.34 -52.09
CA ALA F 72 -5.81 39.82 -53.15
C ALA F 72 -5.17 39.77 -54.56
N PRO F 73 -5.89 39.20 -55.54
CA PRO F 73 -5.36 38.97 -56.88
C PRO F 73 -5.08 40.25 -57.67
N SER F 80 -9.61 37.25 -60.37
CA SER F 80 -10.63 36.27 -59.98
C SER F 80 -10.94 36.34 -58.48
N ALA F 81 -10.35 35.41 -57.72
CA ALA F 81 -10.55 35.31 -56.26
C ALA F 81 -9.17 35.13 -55.59
N PRO F 82 -9.13 35.15 -54.22
CA PRO F 82 -7.90 35.48 -53.43
C PRO F 82 -6.79 34.49 -53.68
N VAL F 83 -5.54 34.96 -53.63
CA VAL F 83 -4.39 34.10 -53.89
C VAL F 83 -3.88 33.45 -52.59
N THR F 84 -3.88 32.11 -52.58
CA THR F 84 -3.43 31.29 -51.45
C THR F 84 -1.92 31.39 -51.22
N LEU F 85 -1.49 31.10 -49.99
CA LEU F 85 -0.06 30.97 -49.70
C LEU F 85 0.53 29.91 -50.59
N PHE F 86 -0.12 28.75 -50.69
CA PHE F 86 0.38 27.70 -51.56
C PHE F 86 0.72 28.19 -52.99
N THR F 87 -0.22 28.89 -53.64
CA THR F 87 -0.05 29.48 -54.98
C THR F 87 1.14 30.43 -55.06
N ARG F 88 1.27 31.34 -54.09
CA ARG F 88 2.42 32.31 -54.14
C ARG F 88 3.75 31.56 -54.00
N CYS F 89 3.73 30.51 -53.21
CA CYS F 89 4.89 29.65 -53.09
C CYS F 89 5.26 28.91 -54.38
N ALA F 90 4.25 28.40 -55.07
CA ALA F 90 4.45 27.71 -56.34
C ALA F 90 4.99 28.69 -57.40
N GLU F 91 4.45 29.91 -57.40
CA GLU F 91 4.91 31.00 -58.28
C GLU F 91 6.38 31.36 -58.05
N LEU F 92 6.84 31.22 -56.80
CA LEU F 92 8.22 31.51 -56.48
C LEU F 92 9.17 30.58 -57.18
N VAL F 93 8.95 29.28 -57.00
CA VAL F 93 9.74 28.24 -57.67
C VAL F 93 9.52 28.35 -59.18
N ALA F 94 8.28 28.57 -59.63
CA ALA F 94 7.97 28.78 -61.09
C ALA F 94 8.78 29.91 -61.72
N ALA F 95 8.95 31.03 -60.99
CA ALA F 95 9.80 32.15 -61.41
C ALA F 95 11.17 31.71 -61.81
N CYS F 96 11.72 30.72 -61.08
CA CYS F 96 13.07 30.22 -61.35
C CYS F 96 13.09 29.40 -62.63
N TYR F 97 12.07 28.59 -62.88
CA TYR F 97 12.04 27.82 -64.13
C TYR F 97 11.76 28.75 -65.35
N THR F 98 10.80 29.65 -65.18
CA THR F 98 10.53 30.61 -66.22
C THR F 98 11.78 31.33 -66.66
N HIS F 99 12.67 31.69 -65.74
CA HIS F 99 13.69 32.65 -66.11
C HIS F 99 14.98 31.94 -66.45
N TRP F 100 15.25 30.83 -65.78
CA TRP F 100 16.46 30.07 -66.00
C TRP F 100 16.20 28.62 -66.30
N GLY F 101 14.93 28.25 -66.43
CA GLY F 101 14.55 26.84 -66.70
C GLY F 101 14.97 25.81 -65.66
N ARG F 102 15.27 26.24 -64.43
CA ARG F 102 15.62 25.28 -63.37
C ARG F 102 15.66 25.88 -61.98
N CYS F 103 15.79 25.02 -60.96
CA CYS F 103 15.90 25.40 -59.56
C CYS F 103 16.56 24.25 -58.80
N ASP F 104 17.82 24.40 -58.36
CA ASP F 104 18.54 23.26 -57.81
C ASP F 104 18.68 23.28 -56.31
N VAL F 105 18.62 24.50 -55.78
CA VAL F 105 18.81 24.77 -54.34
C VAL F 105 17.61 25.58 -53.83
N LEU F 106 17.16 25.26 -52.64
CA LEU F 106 16.14 26.08 -52.00
C LEU F 106 16.61 26.25 -50.60
N VAL F 107 16.72 27.52 -50.18
CA VAL F 107 17.02 27.88 -48.78
C VAL F 107 15.79 28.57 -48.13
N ASN F 108 15.21 27.96 -47.13
CA ASN F 108 14.01 28.53 -46.46
C ASN F 108 14.53 29.33 -45.31
N ASN F 109 14.75 30.63 -45.58
CA ASN F 109 15.47 31.51 -44.65
C ASN F 109 14.56 32.52 -44.06
N ALA F 110 13.61 33.05 -44.87
CA ALA F 110 12.71 34.11 -44.42
C ALA F 110 12.01 33.64 -43.15
N SER F 111 11.85 34.57 -42.21
CA SER F 111 11.28 34.17 -40.92
C SER F 111 10.99 35.41 -40.07
N SER F 112 9.75 35.52 -39.63
CA SER F 112 9.38 36.54 -38.72
C SER F 112 9.72 36.07 -37.26
N PHE F 113 9.97 36.99 -36.36
CA PHE F 113 10.47 36.65 -35.03
C PHE F 113 10.12 37.79 -34.08
N TYR F 114 9.14 37.52 -33.23
CA TYR F 114 8.69 38.51 -32.26
C TYR F 114 7.85 37.74 -31.22
N PRO F 115 7.68 38.34 -30.05
CA PRO F 115 7.02 37.70 -28.90
C PRO F 115 5.57 37.34 -29.09
N THR F 116 5.19 36.20 -28.53
CA THR F 116 3.80 35.82 -28.37
C THR F 116 3.59 35.29 -26.93
N PRO F 117 3.56 36.16 -25.97
CA PRO F 117 3.47 35.72 -24.57
C PRO F 117 2.16 35.01 -24.21
N LEU F 118 2.18 34.09 -23.25
CA LEU F 118 0.98 33.40 -22.79
C LEU F 118 0.30 34.25 -21.74
N LEU F 119 1.08 35.04 -21.01
CA LEU F 119 0.59 35.80 -19.86
C LEU F 119 0.73 37.33 -20.01
N ARG F 120 -0.09 38.05 -19.22
CA ARG F 120 -0.04 39.52 -19.11
C ARG F 120 0.93 40.01 -18.04
N ASN F 121 0.42 40.16 -16.81
CA ASN F 121 1.21 40.67 -15.66
C ASN F 121 1.49 39.61 -14.57
N ASP F 122 0.48 38.78 -14.30
CA ASP F 122 0.66 37.59 -13.46
C ASP F 122 0.57 36.32 -14.32
N GLY F 131 -8.95 46.14 -30.89
CA GLY F 131 -7.54 46.25 -30.48
C GLY F 131 -6.64 45.17 -31.06
N ASP F 132 -6.68 43.98 -30.46
CA ASP F 132 -5.76 42.90 -30.80
C ASP F 132 -6.36 41.48 -30.70
N ARG F 133 -7.54 41.31 -31.28
CA ARG F 133 -7.89 39.96 -31.70
C ARG F 133 -7.10 39.77 -32.99
N GLU F 134 -7.12 40.81 -33.83
CA GLU F 134 -6.41 40.81 -35.13
C GLU F 134 -4.89 40.59 -34.99
N ALA F 135 -4.24 41.25 -34.04
CA ALA F 135 -2.86 40.98 -33.70
C ALA F 135 -2.67 39.52 -33.34
N MET F 136 -3.70 38.91 -32.76
CA MET F 136 -3.54 37.50 -32.34
C MET F 136 -3.49 36.67 -33.59
N GLU F 137 -4.40 37.01 -34.49
CA GLU F 137 -4.64 36.28 -35.70
C GLU F 137 -3.56 36.39 -36.73
N THR F 138 -2.93 37.54 -36.73
CA THR F 138 -2.01 37.85 -37.77
C THR F 138 -0.65 37.36 -37.38
N ALA F 139 -0.32 37.42 -36.09
CA ALA F 139 0.92 36.85 -35.55
C ALA F 139 1.05 35.36 -35.85
N THR F 140 -0.01 34.61 -35.59
CA THR F 140 -0.05 33.19 -35.79
C THR F 140 0.19 32.87 -37.26
N ALA F 141 -0.53 33.55 -38.14
CA ALA F 141 -0.41 33.29 -39.56
C ALA F 141 0.96 33.67 -40.11
N ASP F 142 1.53 34.77 -39.57
CA ASP F 142 2.80 35.33 -40.03
C ASP F 142 3.99 34.49 -39.49
N LEU F 143 3.98 34.19 -38.20
CA LEU F 143 5.07 33.40 -37.63
C LEU F 143 5.03 31.98 -38.17
N PHE F 144 3.90 31.31 -38.07
CA PHE F 144 3.80 29.95 -38.60
C PHE F 144 3.96 29.87 -40.11
N GLY F 145 3.46 30.88 -40.85
CA GLY F 145 3.55 30.89 -42.33
C GLY F 145 5.00 30.92 -42.77
N SER F 146 5.77 31.87 -42.22
CA SER F 146 7.11 32.21 -42.74
C SER F 146 8.09 31.13 -42.33
N ASN F 147 7.89 30.68 -41.10
CA ASN F 147 8.78 29.74 -40.46
C ASN F 147 8.56 28.26 -40.77
N ALA F 148 7.35 27.88 -41.18
CA ALA F 148 6.95 26.48 -41.28
C ALA F 148 6.04 26.21 -42.46
N ILE F 149 4.91 26.95 -42.59
CA ILE F 149 3.94 26.60 -43.66
C ILE F 149 4.41 26.97 -45.08
N ALA F 150 5.03 28.14 -45.21
CA ALA F 150 5.63 28.48 -46.54
C ALA F 150 6.76 27.51 -46.95
N PRO F 151 7.71 27.22 -46.05
CA PRO F 151 8.67 26.20 -46.34
C PRO F 151 8.02 24.89 -46.80
N TYR F 152 7.01 24.40 -46.10
CA TYR F 152 6.38 23.16 -46.59
C TYR F 152 6.00 23.27 -48.06
N PHE F 153 5.30 24.37 -48.44
CA PHE F 153 4.71 24.50 -49.77
C PHE F 153 5.80 24.75 -50.77
N LEU F 154 6.81 25.52 -50.39
CA LEU F 154 7.94 25.74 -51.25
C LEU F 154 8.56 24.40 -51.59
N ILE F 155 8.91 23.61 -50.58
CA ILE F 155 9.45 22.26 -50.78
C ILE F 155 8.54 21.34 -51.63
N LYS F 156 7.21 21.44 -51.43
CA LYS F 156 6.25 20.80 -52.33
C LYS F 156 6.40 21.22 -53.82
N ALA F 157 6.59 22.52 -54.04
CA ALA F 157 6.55 23.06 -55.41
C ALA F 157 7.82 22.63 -56.12
N PHE F 158 8.94 22.72 -55.40
CA PHE F 158 10.26 22.37 -55.78
C PHE F 158 10.36 20.90 -56.11
N ALA F 159 9.69 20.06 -55.30
CA ALA F 159 9.77 18.62 -55.49
C ALA F 159 8.99 18.28 -56.76
N HIS F 160 7.84 18.93 -56.94
CA HIS F 160 7.01 18.66 -58.08
C HIS F 160 7.65 18.97 -59.44
N ARG F 161 8.39 20.08 -59.52
CA ARG F 161 9.07 20.47 -60.76
C ARG F 161 10.27 19.53 -61.09
N VAL F 162 10.93 19.04 -60.06
CA VAL F 162 11.91 17.96 -60.22
C VAL F 162 11.23 16.64 -60.66
N ALA F 163 10.17 16.23 -59.98
CA ALA F 163 9.49 14.99 -60.36
C ALA F 163 9.09 15.09 -61.81
N GLY F 164 8.70 16.29 -62.23
CA GLY F 164 8.15 16.53 -63.58
C GLY F 164 9.25 16.65 -64.63
N THR F 165 10.49 16.73 -64.19
CA THR F 165 11.61 16.87 -65.10
C THR F 165 12.04 15.47 -65.49
N PRO F 166 12.05 15.16 -66.80
CA PRO F 166 12.51 13.87 -67.28
C PRO F 166 13.90 13.61 -66.71
N ALA F 167 14.12 12.45 -66.14
CA ALA F 167 15.42 12.20 -65.46
C ALA F 167 16.64 12.66 -66.31
N LYS F 168 16.48 12.65 -67.64
CA LYS F 168 17.52 13.00 -68.64
C LYS F 168 17.75 14.52 -68.83
N HIS F 169 17.10 15.35 -68.00
CA HIS F 169 17.38 16.78 -67.97
C HIS F 169 17.61 17.29 -66.53
N ARG F 170 17.67 16.35 -65.58
CA ARG F 170 17.65 16.70 -64.16
C ARG F 170 19.01 17.14 -63.69
N GLY F 171 19.05 18.03 -62.68
CA GLY F 171 20.30 18.47 -62.09
C GLY F 171 20.83 17.28 -61.34
N THR F 172 22.04 17.43 -60.80
CA THR F 172 22.78 16.32 -60.14
C THR F 172 23.12 16.69 -58.68
N ASN F 173 22.71 17.89 -58.28
CA ASN F 173 22.98 18.33 -56.89
C ASN F 173 21.80 19.18 -56.34
N TYR F 174 20.61 18.57 -56.27
CA TYR F 174 19.43 19.17 -55.62
C TYR F 174 19.52 19.21 -54.14
N SER F 175 19.38 20.41 -53.56
CA SER F 175 19.60 20.58 -52.11
C SER F 175 18.62 21.58 -51.47
N ILE F 176 18.16 21.28 -50.26
CA ILE F 176 17.18 22.15 -49.61
C ILE F 176 17.69 22.43 -48.25
N ILE F 177 17.79 23.72 -47.90
CA ILE F 177 18.28 24.08 -46.56
C ILE F 177 17.23 24.87 -45.82
N ASN F 178 17.00 24.46 -44.59
CA ASN F 178 16.01 25.09 -43.71
C ASN F 178 16.74 25.78 -42.57
N MET F 179 16.52 27.09 -42.42
CA MET F 179 17.22 27.80 -41.37
C MET F 179 16.36 27.67 -40.16
N VAL F 180 16.85 26.83 -39.25
CA VAL F 180 16.20 26.52 -38.02
C VAL F 180 16.89 27.35 -36.93
N ASP F 181 16.87 26.84 -35.71
CA ASP F 181 17.34 27.57 -34.53
C ASP F 181 18.02 26.60 -33.56
N ALA F 182 19.31 26.79 -33.31
CA ALA F 182 20.08 25.96 -32.37
C ALA F 182 19.58 26.02 -30.94
N MET F 183 18.87 27.08 -30.60
CA MET F 183 18.50 27.40 -29.20
C MET F 183 17.08 27.11 -28.80
N THR F 184 16.33 26.39 -29.64
CA THR F 184 14.86 26.31 -29.38
C THR F 184 14.49 25.21 -28.39
N ASN F 185 15.43 24.30 -28.15
CA ASN F 185 15.28 23.38 -27.03
C ASN F 185 15.52 24.08 -25.70
N GLN F 186 16.10 25.26 -25.76
CA GLN F 186 16.22 26.16 -24.60
C GLN F 186 15.42 27.40 -24.94
N PRO F 187 14.09 27.34 -24.81
CA PRO F 187 13.22 28.30 -25.48
C PRO F 187 13.40 29.67 -24.92
N LEU F 188 13.26 30.67 -25.79
CA LEU F 188 13.33 32.06 -25.42
C LEU F 188 12.00 32.41 -24.83
N LEU F 189 11.98 33.02 -23.66
CA LEU F 189 10.78 33.32 -22.95
C LEU F 189 9.77 34.34 -23.67
N GLY F 190 8.53 33.94 -23.88
CA GLY F 190 7.60 34.78 -24.56
C GLY F 190 7.56 34.60 -26.12
N TYR F 191 8.31 33.65 -26.66
CA TYR F 191 8.34 33.48 -28.12
C TYR F 191 7.72 32.13 -28.58
N THR F 192 6.60 31.74 -27.95
CA THR F 192 6.08 30.41 -28.15
C THR F 192 5.72 30.01 -29.57
N ILE F 193 4.98 30.87 -30.29
CA ILE F 193 4.63 30.54 -31.65
C ILE F 193 5.87 30.40 -32.51
N TYR F 194 6.84 31.29 -32.33
CA TYR F 194 8.07 31.23 -33.11
C TYR F 194 8.78 29.85 -32.87
N THR F 195 8.93 29.48 -31.63
CA THR F 195 9.53 28.22 -31.23
C THR F 195 8.74 27.01 -31.70
N MET F 196 7.42 27.04 -31.61
CA MET F 196 6.66 25.95 -32.18
C MET F 196 6.95 25.89 -33.68
N ALA F 197 6.92 27.05 -34.36
CA ALA F 197 7.11 27.09 -35.82
C ALA F 197 8.47 26.45 -36.27
N LYS F 198 9.53 26.68 -35.51
CA LYS F 198 10.83 26.13 -35.74
C LYS F 198 10.86 24.63 -35.49
N GLY F 199 10.11 24.18 -34.48
CA GLY F 199 9.92 22.75 -34.25
C GLY F 199 9.26 22.23 -35.51
N ALA F 200 8.25 22.97 -36.00
CA ALA F 200 7.58 22.46 -37.21
C ALA F 200 8.54 22.34 -38.36
N LEU F 201 9.44 23.32 -38.48
CA LEU F 201 10.43 23.31 -39.55
C LEU F 201 11.40 22.13 -39.40
N GLU F 202 11.71 21.78 -38.15
CA GLU F 202 12.56 20.67 -37.87
C GLU F 202 11.89 19.39 -38.37
N GLY F 203 10.60 19.24 -38.07
CA GLY F 203 9.84 18.09 -38.56
C GLY F 203 9.91 17.96 -40.06
N LEU F 204 9.55 19.04 -40.78
CA LEU F 204 9.71 19.14 -42.23
C LEU F 204 11.04 18.71 -42.78
N THR F 205 12.14 19.06 -42.11
CA THR F 205 13.50 18.69 -42.58
C THR F 205 13.63 17.15 -42.62
N ARG F 206 13.31 16.51 -41.52
CA ARG F 206 13.33 15.07 -41.41
C ARG F 206 12.30 14.40 -42.34
N SER F 207 11.02 14.75 -42.21
CA SER F 207 10.02 14.22 -43.14
C SER F 207 10.29 14.46 -44.64
N ALA F 208 10.73 15.66 -45.03
CA ALA F 208 11.04 15.88 -46.48
C ALA F 208 12.28 15.12 -46.89
N ALA F 209 13.20 14.90 -45.96
CA ALA F 209 14.46 14.30 -46.37
C ALA F 209 14.11 12.85 -46.74
N LEU F 210 13.23 12.26 -45.94
CA LEU F 210 12.87 10.86 -46.12
C LEU F 210 12.19 10.70 -47.49
N GLU F 211 11.14 11.50 -47.75
CA GLU F 211 10.28 11.30 -48.89
C GLU F 211 10.85 11.74 -50.25
N LEU F 212 11.82 12.64 -50.20
CA LEU F 212 12.46 13.14 -51.43
C LEU F 212 13.80 12.40 -51.75
N ALA F 213 14.33 11.69 -50.77
CA ALA F 213 15.45 10.83 -51.03
C ALA F 213 15.42 10.14 -52.40
N PRO F 214 14.30 9.49 -52.83
CA PRO F 214 14.31 8.73 -54.10
C PRO F 214 14.57 9.63 -55.31
N LEU F 215 14.32 10.93 -55.14
CA LEU F 215 14.56 11.89 -56.22
C LEU F 215 15.92 12.46 -56.02
N GLN F 216 16.59 12.07 -54.97
CA GLN F 216 17.92 12.62 -54.74
C GLN F 216 17.90 14.12 -54.38
N ILE F 217 16.84 14.56 -53.71
CA ILE F 217 16.74 15.88 -53.14
C ILE F 217 17.11 15.74 -51.70
N ARG F 218 18.22 16.38 -51.29
CA ARG F 218 18.69 16.30 -49.89
C ARG F 218 18.09 17.47 -49.13
N VAL F 219 17.87 17.27 -47.83
CA VAL F 219 17.10 18.24 -47.04
C VAL F 219 17.67 18.36 -45.70
N ASN F 220 18.23 19.52 -45.40
CA ASN F 220 18.97 19.61 -44.12
C ASN F 220 18.68 20.93 -43.41
N GLY F 221 19.03 21.04 -42.14
CA GLY F 221 18.84 22.30 -41.42
C GLY F 221 20.16 22.96 -41.04
N VAL F 222 20.20 24.30 -40.94
CA VAL F 222 21.27 24.97 -40.26
C VAL F 222 20.63 25.79 -39.12
N GLY F 223 20.99 25.57 -37.86
CA GLY F 223 20.47 26.40 -36.81
C GLY F 223 21.53 27.31 -36.20
N PRO F 224 21.48 28.63 -36.54
CA PRO F 224 22.20 29.66 -35.77
C PRO F 224 21.80 29.76 -34.30
N GLY F 225 22.72 30.34 -33.55
CA GLY F 225 22.51 30.58 -32.15
C GLY F 225 22.25 32.07 -32.11
N LEU F 226 23.31 32.87 -31.97
CA LEU F 226 23.22 34.31 -31.98
C LEU F 226 24.08 34.76 -33.10
N SER F 227 23.46 35.26 -34.15
CA SER F 227 24.17 35.81 -35.32
C SER F 227 23.70 37.24 -35.55
N VAL F 228 24.68 38.11 -35.83
CA VAL F 228 24.46 39.52 -36.21
C VAL F 228 23.39 40.14 -35.31
N LEU F 229 23.68 40.10 -34.04
CA LEU F 229 22.76 40.53 -32.98
C LEU F 229 22.30 42.01 -33.05
N VAL F 230 20.98 42.21 -32.93
CA VAL F 230 20.35 43.54 -33.06
C VAL F 230 20.70 44.42 -31.85
N ASP F 231 21.11 45.69 -32.09
CA ASP F 231 21.65 46.50 -31.02
C ASP F 231 20.72 47.48 -30.30
N ASP F 232 19.41 47.29 -30.48
CA ASP F 232 18.36 48.20 -29.97
C ASP F 232 18.20 48.21 -28.45
N MET F 233 19.31 48.35 -27.74
CA MET F 233 19.33 48.18 -26.29
C MET F 233 20.62 48.74 -25.68
N PRO F 234 20.60 49.04 -24.38
CA PRO F 234 21.81 49.50 -23.74
C PRO F 234 23.02 48.59 -24.04
N PRO F 235 24.16 49.22 -24.42
CA PRO F 235 25.43 48.51 -24.66
C PRO F 235 25.80 47.41 -23.61
N ALA F 236 25.76 47.71 -22.30
CA ALA F 236 25.92 46.67 -21.29
C ALA F 236 25.06 45.47 -21.65
N VAL F 237 23.75 45.64 -21.66
CA VAL F 237 22.84 44.55 -22.07
C VAL F 237 23.38 43.71 -23.26
N TRP F 238 23.57 44.37 -24.41
CA TRP F 238 23.99 43.71 -25.66
C TRP F 238 25.30 42.97 -25.47
N GLU F 239 26.34 43.65 -25.03
CA GLU F 239 27.62 43.03 -24.73
C GLU F 239 27.45 41.92 -23.75
N GLY F 240 26.39 42.05 -22.94
CA GLY F 240 26.06 41.14 -21.88
C GLY F 240 25.51 39.89 -22.52
N HIS F 241 24.42 40.05 -23.29
CA HIS F 241 23.81 38.92 -23.99
C HIS F 241 24.89 38.12 -24.77
N ARG F 242 25.64 38.78 -25.65
CA ARG F 242 26.71 38.07 -26.35
C ARG F 242 28.00 37.64 -25.56
N SER F 243 28.24 38.16 -24.36
CA SER F 243 29.33 37.63 -23.51
C SER F 243 29.04 36.23 -23.03
N LYS F 244 28.21 35.48 -23.75
CA LYS F 244 27.69 34.24 -23.22
C LYS F 244 27.84 33.12 -24.19
N VAL F 245 28.03 33.44 -25.45
CA VAL F 245 28.49 32.40 -26.38
C VAL F 245 29.88 31.97 -25.83
N PRO F 246 30.08 30.67 -25.60
CA PRO F 246 31.31 30.19 -25.00
C PRO F 246 32.47 30.30 -25.99
N LEU F 247 32.22 30.01 -27.25
CA LEU F 247 33.16 30.43 -28.28
C LEU F 247 33.12 31.99 -28.42
N TYR F 248 34.32 32.62 -28.34
CA TYR F 248 34.58 34.04 -28.67
C TYR F 248 33.75 35.06 -27.88
N GLN F 249 32.84 34.59 -27.05
CA GLN F 249 31.95 35.47 -26.33
C GLN F 249 31.43 36.58 -27.25
N ARG F 250 31.02 36.22 -28.48
CA ARG F 250 30.28 37.13 -29.37
C ARG F 250 29.30 36.39 -30.28
N ASP F 251 28.33 37.09 -30.85
CA ASP F 251 27.44 36.51 -31.84
C ASP F 251 28.25 36.30 -33.09
N SER F 252 27.70 35.55 -34.04
CA SER F 252 28.44 35.23 -35.24
C SER F 252 28.30 36.34 -36.26
N SER F 253 29.08 36.28 -37.34
CA SER F 253 28.81 37.14 -38.49
C SER F 253 27.88 36.37 -39.39
N ALA F 254 27.39 37.05 -40.43
CA ALA F 254 26.48 36.40 -41.37
C ALA F 254 27.22 35.26 -42.07
N ALA F 255 28.43 35.51 -42.55
CA ALA F 255 29.23 34.51 -43.32
C ALA F 255 29.59 33.30 -42.50
N GLU F 256 29.78 33.47 -41.20
CA GLU F 256 30.05 32.32 -40.30
C GLU F 256 28.91 31.31 -40.32
N VAL F 257 27.72 31.82 -40.73
CA VAL F 257 26.55 30.98 -40.85
C VAL F 257 26.41 30.47 -42.27
N SER F 258 26.42 31.41 -43.23
CA SER F 258 26.16 31.12 -44.62
C SER F 258 27.14 30.19 -45.29
N ASP F 259 28.34 30.07 -44.70
CA ASP F 259 29.41 29.24 -45.27
C ASP F 259 29.04 27.78 -45.10
N VAL F 260 28.43 27.47 -43.95
CA VAL F 260 27.90 26.13 -43.65
C VAL F 260 26.79 25.85 -44.69
N VAL F 261 25.78 26.73 -44.73
CA VAL F 261 24.76 26.58 -45.75
C VAL F 261 25.41 26.21 -47.09
N ILE F 262 26.34 27.02 -47.58
CA ILE F 262 27.04 26.74 -48.87
C ILE F 262 27.70 25.35 -49.00
N PHE F 263 28.39 24.93 -47.94
CA PHE F 263 28.94 23.62 -47.89
C PHE F 263 27.83 22.59 -48.15
N LEU F 264 26.79 22.63 -47.30
CA LEU F 264 25.77 21.60 -47.31
C LEU F 264 25.17 21.52 -48.69
N CYS F 265 25.26 22.60 -49.44
CA CYS F 265 24.73 22.55 -50.83
C CYS F 265 25.78 22.07 -51.81
N SER F 266 26.99 21.85 -51.35
CA SER F 266 28.03 21.49 -52.32
C SER F 266 28.05 19.96 -52.48
N SER F 267 28.50 19.53 -53.68
CA SER F 267 28.53 18.13 -54.03
C SER F 267 29.31 17.30 -53.03
N LYS F 268 30.18 17.94 -52.28
CA LYS F 268 30.95 17.26 -51.22
C LYS F 268 30.09 16.92 -50.03
N ALA F 269 28.85 17.42 -50.04
CA ALA F 269 27.91 17.14 -48.91
C ALA F 269 26.81 16.13 -49.36
N LYS F 270 26.93 15.54 -50.56
CA LYS F 270 25.84 14.77 -51.16
C LYS F 270 25.51 13.40 -50.53
N TYR F 271 26.04 13.11 -49.35
CA TYR F 271 25.59 11.96 -48.53
C TYR F 271 24.89 12.38 -47.26
N ILE F 272 24.85 13.68 -47.00
CA ILE F 272 24.17 14.25 -45.84
C ILE F 272 22.76 14.64 -46.25
N THR F 273 21.77 14.15 -45.51
CA THR F 273 20.37 14.57 -45.68
C THR F 273 19.68 14.17 -44.42
N GLY F 274 18.61 14.90 -44.06
CA GLY F 274 17.84 14.65 -42.83
C GLY F 274 18.37 15.20 -41.53
N THR F 275 19.47 15.97 -41.60
CA THR F 275 20.21 16.44 -40.39
C THR F 275 20.34 17.97 -40.28
N CYS F 276 20.69 18.42 -39.08
CA CYS F 276 20.79 19.81 -38.74
C CYS F 276 22.20 20.10 -38.31
N VAL F 277 22.71 21.26 -38.75
CA VAL F 277 24.02 21.72 -38.23
C VAL F 277 23.80 22.96 -37.42
N LYS F 278 24.04 22.85 -36.09
CA LYS F 278 24.09 23.98 -35.17
C LYS F 278 25.35 24.86 -35.33
N VAL F 279 25.17 26.16 -35.65
CA VAL F 279 26.28 27.16 -35.76
C VAL F 279 26.13 28.22 -34.65
N ASP F 280 26.69 27.97 -33.48
CA ASP F 280 26.19 28.66 -32.30
C ASP F 280 27.28 28.79 -31.25
N GLY F 281 28.50 28.48 -31.65
CA GLY F 281 29.63 28.76 -30.75
C GLY F 281 29.48 28.10 -29.40
N GLY F 282 28.77 26.97 -29.36
CA GLY F 282 28.60 26.24 -28.10
C GLY F 282 27.51 26.78 -27.21
N TYR F 283 26.78 27.77 -27.67
CA TYR F 283 25.76 28.44 -26.85
C TYR F 283 24.74 27.47 -26.31
N SER F 284 24.33 26.50 -27.14
CA SER F 284 23.33 25.48 -26.64
C SER F 284 23.79 24.60 -25.48
N LEU F 285 25.12 24.52 -25.28
CA LEU F 285 25.72 23.77 -24.18
C LEU F 285 25.60 24.44 -22.87
N THR F 286 24.97 25.62 -22.82
CA THR F 286 24.97 26.41 -21.56
C THR F 286 23.66 26.26 -20.79
N ARG F 287 23.67 26.58 -19.51
CA ARG F 287 22.55 26.44 -18.66
C ARG F 287 22.61 27.73 -17.83
N ALA F 288 21.52 28.07 -17.14
CA ALA F 288 21.39 29.32 -16.41
C ALA F 288 22.19 29.29 -15.10
N VAL G 6 7.27 -12.64 -4.31
CA VAL G 6 7.66 -11.19 -4.18
C VAL G 6 9.03 -10.80 -4.83
N PRO G 7 9.16 -9.58 -5.33
CA PRO G 7 10.26 -9.30 -6.21
C PRO G 7 11.50 -8.71 -5.50
N VAL G 8 12.63 -8.96 -6.17
CA VAL G 8 13.95 -8.56 -5.76
C VAL G 8 14.45 -7.36 -6.60
N ALA G 9 14.78 -6.26 -5.91
CA ALA G 9 15.55 -5.10 -6.47
C ALA G 9 17.02 -5.04 -6.00
N LEU G 10 17.94 -5.09 -6.96
CA LEU G 10 19.32 -4.74 -6.68
C LEU G 10 19.57 -3.26 -6.98
N VAL G 11 19.84 -2.53 -5.90
CA VAL G 11 20.11 -1.08 -5.92
C VAL G 11 21.60 -0.72 -5.62
N THR G 12 22.32 -0.29 -6.63
CA THR G 12 23.71 0.06 -6.38
C THR G 12 23.75 1.49 -5.81
N GLY G 13 24.90 1.88 -5.23
CA GLY G 13 25.03 3.18 -4.53
C GLY G 13 23.93 3.42 -3.46
N ALA G 14 23.34 2.34 -2.96
CA ALA G 14 22.09 2.40 -2.22
C ALA G 14 22.14 3.08 -0.83
N ALA G 15 23.36 3.35 -0.35
CA ALA G 15 23.70 3.89 0.98
C ALA G 15 22.96 5.13 1.45
N LYS G 16 22.94 6.15 0.57
CA LYS G 16 22.40 7.49 0.87
C LYS G 16 21.63 8.13 -0.31
N ARG G 17 21.06 9.31 -0.06
CA ARG G 17 20.52 10.20 -1.12
C ARG G 17 19.63 9.48 -2.13
N LEU G 18 19.90 9.67 -3.41
CA LEU G 18 19.11 9.00 -4.48
C LEU G 18 19.13 7.42 -4.39
N GLY G 19 20.32 6.80 -4.40
CA GLY G 19 20.51 5.41 -4.06
C GLY G 19 19.70 4.93 -2.85
N ARG G 20 19.58 5.75 -1.79
CA ARG G 20 18.78 5.40 -0.59
C ARG G 20 17.31 5.54 -0.90
N SER G 21 17.00 6.61 -1.60
CA SER G 21 15.64 6.96 -1.85
C SER G 21 14.88 5.89 -2.72
N ILE G 22 15.48 5.54 -3.87
CA ILE G 22 15.03 4.51 -4.80
C ILE G 22 14.83 3.15 -4.12
N ALA G 23 15.87 2.72 -3.38
CA ALA G 23 15.84 1.50 -2.58
C ALA G 23 14.73 1.57 -1.49
N GLU G 24 14.66 2.70 -0.76
CA GLU G 24 13.61 2.92 0.21
C GLU G 24 12.29 2.67 -0.46
N GLY G 25 12.19 3.24 -1.68
CA GLY G 25 10.94 3.38 -2.42
C GLY G 25 10.37 2.05 -2.86
N LEU G 26 11.18 1.32 -3.63
CA LEU G 26 10.91 -0.03 -4.07
C LEU G 26 10.50 -0.94 -2.89
N HIS G 27 11.30 -0.97 -1.81
CA HIS G 27 10.92 -1.72 -0.58
C HIS G 27 9.48 -1.37 -0.17
N ALA G 28 9.20 -0.07 -0.01
CA ALA G 28 7.89 0.42 0.43
C ALA G 28 6.76 -0.08 -0.46
N GLU G 29 7.07 -0.41 -1.70
CA GLU G 29 6.08 -1.05 -2.57
C GLU G 29 6.17 -2.60 -2.55
N GLY G 30 6.65 -3.13 -1.40
CA GLY G 30 6.79 -4.55 -1.14
C GLY G 30 8.04 -5.25 -1.68
N TYR G 31 9.15 -4.53 -1.82
CA TYR G 31 10.31 -5.19 -2.44
C TYR G 31 11.40 -5.78 -1.53
N ALA G 32 12.17 -6.69 -2.11
CA ALA G 32 13.39 -7.17 -1.50
C ALA G 32 14.53 -6.28 -2.00
N VAL G 33 15.29 -5.70 -1.06
CA VAL G 33 16.41 -4.81 -1.41
C VAL G 33 17.83 -5.28 -1.05
N CYS G 34 18.63 -5.44 -2.09
CA CYS G 34 20.03 -5.68 -1.99
C CYS G 34 20.69 -4.30 -2.20
N LEU G 35 21.07 -3.66 -1.07
CA LEU G 35 21.71 -2.33 -1.03
C LEU G 35 23.19 -2.49 -1.31
N HIS G 36 23.64 -1.98 -2.46
CA HIS G 36 25.06 -2.04 -2.76
C HIS G 36 25.70 -0.77 -2.26
N TYR G 37 26.96 -0.92 -1.89
CA TYR G 37 27.78 0.14 -1.35
C TYR G 37 29.23 -0.26 -1.58
N HIS G 38 30.12 0.66 -1.24
CA HIS G 38 31.56 0.47 -1.40
C HIS G 38 32.27 1.12 -0.18
N ARG G 39 32.08 2.42 0.00
CA ARG G 39 32.81 3.10 1.08
C ARG G 39 31.87 3.56 2.18
N SER G 40 30.65 2.98 2.20
CA SER G 40 29.54 3.45 3.03
C SER G 40 29.00 2.35 3.95
N ALA G 41 29.92 1.53 4.47
CA ALA G 41 29.61 0.41 5.37
C ALA G 41 28.52 0.68 6.44
N ALA G 42 28.72 1.72 7.25
CA ALA G 42 27.88 2.03 8.41
C ALA G 42 26.47 2.51 8.07
N GLU G 43 26.36 3.29 6.99
CA GLU G 43 25.07 3.79 6.54
C GLU G 43 24.26 2.66 5.96
N ALA G 44 24.92 1.87 5.11
CA ALA G 44 24.33 0.65 4.51
C ALA G 44 23.55 -0.17 5.56
N ASN G 45 24.30 -0.70 6.55
CA ASN G 45 23.78 -1.58 7.61
C ASN G 45 22.81 -0.91 8.60
N ALA G 46 22.82 0.43 8.63
CA ALA G 46 21.81 1.16 9.37
C ALA G 46 20.49 1.02 8.61
N LEU G 47 20.44 1.56 7.38
CA LEU G 47 19.26 1.52 6.52
C LEU G 47 18.65 0.13 6.39
N SER G 48 19.48 -0.90 6.39
CA SER G 48 18.99 -2.27 6.21
C SER G 48 18.29 -2.78 7.48
N ALA G 49 18.65 -2.24 8.62
CA ALA G 49 18.02 -2.66 9.86
C ALA G 49 16.71 -1.92 10.03
N THR G 50 16.45 -0.97 9.12
CA THR G 50 15.20 -0.15 9.10
C THR G 50 14.10 -0.86 8.33
N LEU G 51 14.53 -1.38 7.19
CA LEU G 51 13.68 -2.05 6.24
C LEU G 51 13.41 -3.48 6.74
N ASN G 52 14.40 -4.04 7.44
CA ASN G 52 14.22 -5.35 8.05
C ASN G 52 13.31 -5.24 9.24
N ALA G 53 13.42 -4.11 9.95
CA ALA G 53 12.56 -3.79 11.09
C ALA G 53 11.14 -3.82 10.61
N ARG G 54 10.90 -3.18 9.45
CA ARG G 54 9.54 -3.09 8.90
C ARG G 54 9.07 -4.43 8.32
N ARG G 55 9.99 -5.08 7.60
CA ARG G 55 9.70 -6.33 6.89
C ARG G 55 10.90 -7.29 6.95
N PRO G 56 10.76 -8.33 7.77
CA PRO G 56 11.81 -9.32 7.91
C PRO G 56 12.30 -9.81 6.53
N ASN G 57 13.64 -9.87 6.35
CA ASN G 57 14.32 -10.39 5.15
C ASN G 57 13.90 -9.72 3.80
N SER G 58 13.99 -8.38 3.79
CA SER G 58 13.54 -7.50 2.73
C SER G 58 14.72 -6.62 2.32
N ALA G 59 15.90 -7.03 2.76
CA ALA G 59 17.10 -6.20 2.78
C ALA G 59 18.34 -6.99 3.11
N ILE G 60 19.20 -7.21 2.11
CA ILE G 60 20.65 -7.42 2.31
C ILE G 60 21.53 -6.20 1.87
N THR G 61 22.85 -6.36 1.90
CA THR G 61 23.80 -5.25 1.73
C THR G 61 25.11 -5.74 1.14
N VAL G 62 25.34 -5.44 -0.12
CA VAL G 62 26.55 -5.92 -0.81
C VAL G 62 27.63 -4.82 -1.01
N GLN G 63 28.83 -5.05 -0.47
CA GLN G 63 29.99 -4.16 -0.75
C GLN G 63 30.77 -4.54 -2.04
N ALA G 64 31.02 -3.52 -2.87
CA ALA G 64 31.92 -3.60 -4.07
C ALA G 64 32.56 -2.25 -4.59
N ASP G 65 33.74 -2.37 -5.20
CA ASP G 65 34.45 -1.25 -5.84
C ASP G 65 34.08 -1.31 -7.31
N LEU G 66 33.40 -0.27 -7.79
CA LEU G 66 32.70 -0.41 -9.05
C LEU G 66 33.57 0.02 -10.18
N SER G 67 34.46 0.96 -9.88
CA SER G 67 35.66 1.22 -10.66
C SER G 67 36.14 0.03 -11.49
N ASN G 68 36.35 0.26 -12.77
CA ASN G 68 37.10 -0.64 -13.64
C ASN G 68 38.58 -0.90 -13.27
N VAL G 69 38.77 -1.54 -12.11
CA VAL G 69 40.06 -2.11 -11.69
C VAL G 69 39.85 -3.58 -11.30
N ALA G 70 40.93 -4.36 -11.24
CA ALA G 70 40.90 -5.67 -10.59
C ALA G 70 41.21 -5.39 -9.12
N THR G 71 40.61 -6.18 -8.21
CA THR G 71 40.94 -6.12 -6.78
C THR G 71 41.04 -7.53 -6.18
N ALA G 72 42.27 -7.97 -5.89
CA ALA G 72 42.60 -9.34 -5.43
C ALA G 72 41.61 -10.01 -4.44
N PRO G 73 41.53 -11.35 -4.48
CA PRO G 73 40.60 -12.11 -3.63
C PRO G 73 40.94 -12.03 -2.13
N ALA G 81 44.83 -14.77 -9.33
CA ALA G 81 43.66 -14.10 -9.92
C ALA G 81 43.12 -12.99 -8.99
N PRO G 82 43.55 -11.74 -9.20
CA PRO G 82 42.95 -10.61 -8.49
C PRO G 82 41.53 -10.45 -8.99
N VAL G 83 40.58 -10.34 -8.05
CA VAL G 83 39.16 -10.28 -8.39
C VAL G 83 38.81 -9.05 -9.27
N THR G 84 38.37 -9.31 -10.51
CA THR G 84 38.11 -8.22 -11.46
C THR G 84 36.65 -7.75 -11.36
N LEU G 85 36.33 -6.72 -12.17
CA LEU G 85 35.10 -5.89 -12.07
C LEU G 85 33.88 -6.63 -12.56
N PHE G 86 34.06 -7.34 -13.67
CA PHE G 86 33.03 -8.22 -14.20
C PHE G 86 32.69 -9.32 -13.21
N THR G 87 33.74 -9.96 -12.69
CA THR G 87 33.61 -10.99 -11.69
C THR G 87 32.91 -10.47 -10.43
N ARG G 88 33.17 -9.22 -10.03
CA ARG G 88 32.42 -8.63 -8.92
C ARG G 88 30.98 -8.29 -9.30
N CYS G 89 30.77 -7.67 -10.47
CA CYS G 89 29.40 -7.34 -10.90
C CYS G 89 28.60 -8.66 -10.85
N ALA G 90 29.03 -9.64 -11.65
CA ALA G 90 28.45 -10.99 -11.62
C ALA G 90 28.04 -11.47 -10.21
N GLU G 91 28.89 -11.23 -9.21
CA GLU G 91 28.61 -11.56 -7.80
C GLU G 91 27.44 -10.79 -7.13
N LEU G 92 27.02 -9.67 -7.71
CA LEU G 92 25.98 -8.81 -7.11
C LEU G 92 24.63 -9.40 -7.35
N VAL G 93 24.50 -9.88 -8.58
CA VAL G 93 23.36 -10.62 -9.10
C VAL G 93 23.24 -12.00 -8.42
N ALA G 94 24.38 -12.67 -8.24
CA ALA G 94 24.45 -13.97 -7.57
C ALA G 94 24.05 -13.87 -6.06
N ALA G 95 24.45 -12.77 -5.41
CA ALA G 95 23.99 -12.48 -4.06
C ALA G 95 22.45 -12.41 -4.01
N CYS G 96 21.82 -11.97 -5.11
CA CYS G 96 20.36 -11.87 -5.13
C CYS G 96 19.69 -13.23 -5.42
N TYR G 97 20.34 -14.01 -6.27
CA TYR G 97 19.99 -15.43 -6.53
C TYR G 97 20.25 -16.37 -5.32
N THR G 98 21.44 -16.29 -4.69
CA THR G 98 21.78 -17.05 -3.47
C THR G 98 20.80 -16.79 -2.26
N HIS G 99 20.93 -15.66 -1.58
CA HIS G 99 20.03 -15.31 -0.47
C HIS G 99 18.51 -15.50 -0.70
N TRP G 100 18.06 -15.31 -1.95
CA TRP G 100 16.63 -15.02 -2.29
C TRP G 100 16.06 -15.72 -3.51
N GLY G 101 16.94 -16.21 -4.40
CA GLY G 101 16.53 -17.01 -5.56
C GLY G 101 15.94 -16.30 -6.77
N ARG G 102 16.25 -15.00 -6.94
CA ARG G 102 15.68 -14.18 -8.03
C ARG G 102 16.37 -12.80 -8.15
N CYS G 103 16.11 -12.08 -9.23
CA CYS G 103 16.48 -10.64 -9.29
C CYS G 103 15.67 -9.99 -10.36
N ASP G 104 14.74 -9.14 -9.94
CA ASP G 104 13.74 -8.59 -10.80
C ASP G 104 14.15 -7.25 -11.37
N VAL G 105 14.86 -6.47 -10.55
CA VAL G 105 15.19 -5.06 -10.82
C VAL G 105 16.67 -4.80 -10.55
N LEU G 106 17.34 -4.23 -11.55
CA LEU G 106 18.63 -3.61 -11.33
C LEU G 106 18.51 -2.08 -11.46
N VAL G 107 18.98 -1.38 -10.44
CA VAL G 107 19.29 0.07 -10.51
C VAL G 107 20.83 0.29 -10.62
N ASN G 108 21.25 0.88 -11.73
CA ASN G 108 22.61 1.40 -11.75
C ASN G 108 22.59 2.84 -11.23
N ASN G 109 22.54 2.99 -9.90
CA ASN G 109 22.51 4.33 -9.30
C ASN G 109 23.92 4.84 -8.98
N ALA G 110 24.87 3.92 -9.08
CA ALA G 110 26.17 4.11 -8.46
C ALA G 110 27.10 4.97 -9.33
N SER G 111 27.57 6.09 -8.76
CA SER G 111 28.23 7.16 -9.54
C SER G 111 29.20 8.03 -8.77
N SER G 112 30.39 8.12 -9.34
CA SER G 112 31.43 9.01 -8.83
C SER G 112 31.26 10.40 -9.46
N PHE G 113 31.39 11.44 -8.65
CA PHE G 113 31.11 12.81 -9.07
C PHE G 113 32.24 13.79 -8.74
N TYR G 114 33.09 14.06 -9.74
CA TYR G 114 34.34 14.87 -9.59
C TYR G 114 35.06 15.16 -10.95
N PRO G 115 35.85 16.26 -10.95
CA PRO G 115 36.38 16.90 -12.17
C PRO G 115 37.62 16.29 -12.85
N THR G 116 37.63 16.21 -14.18
CA THR G 116 38.89 15.98 -14.93
C THR G 116 39.29 17.19 -15.77
N PRO G 117 39.72 18.27 -15.12
CA PRO G 117 40.18 19.44 -15.82
C PRO G 117 40.93 19.11 -17.11
N LEU G 118 40.39 19.51 -18.26
CA LEU G 118 41.25 19.53 -19.46
C LEU G 118 42.18 20.73 -19.29
N LEU G 119 41.73 21.94 -19.63
CA LEU G 119 42.44 23.15 -19.17
C LEU G 119 42.34 23.14 -17.64
N ARG G 120 43.52 22.97 -17.01
CA ARG G 120 43.71 22.40 -15.66
C ARG G 120 43.59 23.29 -14.42
N ASN G 121 44.38 24.38 -14.40
CA ASN G 121 44.71 25.17 -13.20
C ASN G 121 44.10 24.70 -11.86
N ASP G 132 49.96 11.44 -9.08
CA ASP G 132 49.89 12.71 -9.80
C ASP G 132 49.30 12.56 -11.20
N ARG G 133 50.13 12.10 -12.14
CA ARG G 133 49.69 11.78 -13.51
C ARG G 133 49.01 10.39 -13.53
N GLU G 134 48.43 10.05 -12.38
CA GLU G 134 47.80 8.76 -12.13
C GLU G 134 46.43 8.96 -11.49
N ALA G 135 46.23 10.09 -10.80
CA ALA G 135 44.93 10.43 -10.25
C ALA G 135 44.01 10.72 -11.45
N MET G 136 44.62 10.66 -12.64
CA MET G 136 43.93 10.56 -13.91
C MET G 136 43.80 9.10 -14.41
N GLU G 137 44.66 8.19 -13.92
CA GLU G 137 44.48 6.75 -14.13
C GLU G 137 43.30 6.30 -13.31
N THR G 138 43.28 6.68 -12.02
CA THR G 138 42.13 6.38 -11.12
C THR G 138 40.82 7.05 -11.60
N ALA G 139 40.90 8.35 -11.89
CA ALA G 139 39.82 9.10 -12.54
C ALA G 139 39.11 8.33 -13.68
N THR G 140 39.81 8.06 -14.77
CA THR G 140 39.29 7.22 -15.86
C THR G 140 38.62 5.93 -15.33
N ALA G 141 39.34 5.19 -14.45
CA ALA G 141 38.94 3.85 -13.95
C ALA G 141 37.81 3.90 -12.99
N ASP G 142 37.78 4.89 -12.08
CA ASP G 142 36.61 5.05 -11.23
C ASP G 142 35.41 5.70 -11.98
N LEU G 143 35.65 6.82 -12.64
CA LEU G 143 34.54 7.56 -13.24
C LEU G 143 33.77 6.70 -14.24
N PHE G 144 34.46 6.19 -15.27
CA PHE G 144 33.88 5.27 -16.22
C PHE G 144 33.34 3.99 -15.59
N GLY G 145 34.05 3.50 -14.57
CA GLY G 145 33.69 2.27 -13.83
C GLY G 145 32.33 2.36 -13.16
N SER G 146 32.17 3.35 -12.28
CA SER G 146 30.91 3.59 -11.61
C SER G 146 29.74 3.78 -12.60
N ASN G 147 29.99 4.55 -13.65
CA ASN G 147 28.89 5.11 -14.48
C ASN G 147 28.52 4.24 -15.64
N ALA G 148 29.54 3.88 -16.43
CA ALA G 148 29.38 3.20 -17.71
C ALA G 148 29.70 1.70 -17.67
N ILE G 149 30.93 1.33 -17.28
CA ILE G 149 31.37 -0.07 -17.30
C ILE G 149 30.74 -0.96 -16.20
N ALA G 150 30.76 -0.51 -14.94
CA ALA G 150 30.12 -1.35 -13.90
C ALA G 150 28.76 -1.79 -14.37
N PRO G 151 27.91 -0.79 -14.69
CA PRO G 151 26.53 -1.02 -15.24
C PRO G 151 26.37 -2.09 -16.33
N TYR G 152 27.23 -2.01 -17.37
CA TYR G 152 27.26 -2.92 -18.50
C TYR G 152 27.57 -4.36 -18.14
N PHE G 153 28.50 -4.55 -17.21
CA PHE G 153 28.68 -5.86 -16.57
C PHE G 153 27.43 -6.21 -15.71
N LEU G 154 27.01 -5.33 -14.81
CA LEU G 154 25.80 -5.65 -14.03
C LEU G 154 24.58 -5.98 -14.92
N ILE G 155 24.46 -5.30 -16.05
CA ILE G 155 23.36 -5.73 -16.93
C ILE G 155 23.62 -7.18 -17.42
N LYS G 156 24.62 -7.37 -18.28
CA LYS G 156 24.98 -8.68 -18.79
C LYS G 156 24.57 -9.79 -17.83
N ALA G 157 25.08 -9.70 -16.61
CA ALA G 157 24.80 -10.71 -15.60
C ALA G 157 23.28 -10.83 -15.30
N PHE G 158 22.61 -9.69 -15.06
CA PHE G 158 21.14 -9.69 -14.83
C PHE G 158 20.35 -10.48 -15.93
N ALA G 159 20.66 -10.18 -17.19
CA ALA G 159 20.06 -10.81 -18.36
C ALA G 159 20.45 -12.29 -18.51
N HIS G 160 21.74 -12.59 -18.28
CA HIS G 160 22.28 -13.97 -18.18
C HIS G 160 21.50 -14.82 -17.19
N ARG G 161 21.11 -14.23 -16.04
CA ARG G 161 20.42 -15.01 -15.01
C ARG G 161 18.96 -15.28 -15.32
N VAL G 162 18.30 -14.29 -15.93
CA VAL G 162 16.95 -14.44 -16.48
C VAL G 162 16.94 -15.54 -17.55
N ALA G 163 17.86 -15.41 -18.52
CA ALA G 163 18.06 -16.39 -19.62
C ALA G 163 18.27 -17.82 -19.08
N GLY G 164 19.24 -17.94 -18.18
CA GLY G 164 19.41 -19.13 -17.35
C GLY G 164 18.10 -19.66 -16.79
N THR G 165 17.32 -18.83 -16.09
CA THR G 165 16.05 -19.31 -15.55
C THR G 165 15.08 -19.79 -16.63
N PRO G 166 14.62 -21.06 -16.50
CA PRO G 166 13.69 -21.65 -17.46
C PRO G 166 12.40 -20.83 -17.47
N ALA G 167 11.93 -20.52 -18.68
CA ALA G 167 10.86 -19.55 -18.94
C ALA G 167 9.64 -19.55 -18.00
N LYS G 168 9.61 -20.47 -17.04
CA LYS G 168 8.44 -20.67 -16.21
C LYS G 168 8.67 -20.21 -14.79
N HIS G 169 9.92 -19.93 -14.44
CA HIS G 169 10.09 -19.35 -13.13
C HIS G 169 10.70 -17.95 -13.26
N ARG G 170 10.42 -17.38 -14.42
CA ARG G 170 10.56 -15.95 -14.69
C ARG G 170 9.36 -15.17 -14.10
N GLY G 171 9.71 -14.18 -13.30
CA GLY G 171 8.83 -13.14 -12.84
C GLY G 171 8.40 -12.43 -14.08
N THR G 172 7.43 -11.56 -13.91
CA THR G 172 6.70 -10.96 -15.01
C THR G 172 7.08 -9.48 -15.24
N ASN G 173 8.01 -8.94 -14.48
CA ASN G 173 8.27 -7.47 -14.39
C ASN G 173 9.78 -7.20 -14.19
N TYR G 174 10.63 -7.66 -15.14
CA TYR G 174 12.07 -7.25 -15.24
C TYR G 174 12.27 -5.79 -15.75
N SER G 175 12.97 -4.99 -14.91
CA SER G 175 13.28 -3.56 -15.19
C SER G 175 14.66 -3.11 -14.67
N ILE G 176 15.51 -2.69 -15.60
CA ILE G 176 16.76 -2.06 -15.28
C ILE G 176 16.53 -0.56 -15.52
N ILE G 177 16.92 0.22 -14.51
CA ILE G 177 17.03 1.70 -14.55
C ILE G 177 18.51 2.04 -14.49
N ASN G 178 18.81 3.17 -15.11
CA ASN G 178 20.14 3.67 -15.13
C ASN G 178 20.12 5.16 -14.81
N MET G 179 20.51 5.54 -13.59
CA MET G 179 20.56 6.98 -13.19
C MET G 179 21.43 7.78 -14.12
N VAL G 180 20.79 8.46 -15.07
CA VAL G 180 21.51 9.25 -16.05
C VAL G 180 21.62 10.69 -15.57
N ASP G 181 21.85 11.63 -16.49
CA ASP G 181 21.94 13.02 -16.11
C ASP G 181 21.09 13.99 -16.99
N ALA G 182 20.18 14.77 -16.39
CA ALA G 182 19.38 15.72 -17.17
C ALA G 182 20.32 16.62 -17.97
N MET G 183 21.31 17.18 -17.27
CA MET G 183 22.06 18.33 -17.77
C MET G 183 23.24 18.10 -18.72
N THR G 184 23.47 16.85 -19.12
CA THR G 184 24.78 16.48 -19.69
C THR G 184 25.04 16.92 -21.10
N ASN G 185 23.97 17.34 -21.79
CA ASN G 185 24.11 17.94 -23.12
C ASN G 185 24.50 19.41 -22.97
N GLN G 186 24.35 19.89 -21.74
CA GLN G 186 24.83 21.16 -21.23
C GLN G 186 25.89 20.86 -20.16
N PRO G 187 27.04 20.34 -20.60
CA PRO G 187 28.09 19.87 -19.72
C PRO G 187 28.47 20.89 -18.67
N LEU G 188 28.57 20.41 -17.45
CA LEU G 188 29.26 21.12 -16.40
C LEU G 188 30.76 21.18 -16.79
N LEU G 189 31.36 22.32 -16.47
CA LEU G 189 32.71 22.68 -16.88
C LEU G 189 33.82 21.75 -16.25
N GLY G 190 34.59 21.10 -17.13
CA GLY G 190 35.71 20.27 -16.68
C GLY G 190 35.38 18.86 -16.19
N TYR G 191 34.15 18.39 -16.47
CA TYR G 191 33.64 17.04 -16.08
C TYR G 191 33.54 16.06 -17.20
N THR G 192 34.38 16.26 -18.21
CA THR G 192 34.46 15.40 -19.40
C THR G 192 34.26 13.86 -19.25
N ILE G 193 35.01 13.25 -18.34
CA ILE G 193 35.06 11.78 -18.24
C ILE G 193 33.71 11.26 -17.75
N TYR G 194 33.28 11.71 -16.57
CA TYR G 194 31.89 11.60 -16.10
C TYR G 194 30.81 11.89 -17.23
N THR G 195 30.89 13.06 -17.85
CA THR G 195 30.07 13.36 -19.03
C THR G 195 30.20 12.25 -20.10
N MET G 196 31.44 11.78 -20.36
CA MET G 196 31.69 10.77 -21.42
C MET G 196 31.11 9.46 -20.97
N ALA G 197 31.07 9.35 -19.64
CA ALA G 197 30.49 8.20 -18.93
C ALA G 197 28.96 8.19 -19.04
N LYS G 198 28.27 9.28 -18.71
CA LYS G 198 26.79 9.25 -18.93
C LYS G 198 26.46 8.96 -20.40
N GLY G 199 27.15 9.69 -21.28
CA GLY G 199 27.24 9.46 -22.75
C GLY G 199 27.25 8.01 -23.18
N ALA G 200 28.22 7.25 -22.65
CA ALA G 200 28.23 5.77 -22.73
C ALA G 200 27.04 5.04 -22.03
N LEU G 201 26.58 5.55 -20.88
CA LEU G 201 25.51 4.92 -20.13
C LEU G 201 24.15 4.97 -20.92
N GLU G 202 23.63 6.17 -21.19
CA GLU G 202 22.41 6.29 -21.99
C GLU G 202 22.43 5.31 -23.17
N GLY G 203 23.46 5.40 -24.02
CA GLY G 203 23.66 4.50 -25.15
C GLY G 203 23.69 3.03 -24.74
N LEU G 204 24.06 2.80 -23.48
CA LEU G 204 23.89 1.51 -22.83
C LEU G 204 22.41 1.17 -22.81
N THR G 205 21.64 1.96 -22.09
CA THR G 205 20.19 1.72 -22.01
C THR G 205 19.57 1.38 -23.41
N ARG G 206 19.99 2.14 -24.41
CA ARG G 206 19.43 2.00 -25.75
C ARG G 206 19.88 0.73 -26.48
N SER G 207 21.14 0.34 -26.32
CA SER G 207 21.65 -0.93 -26.85
C SER G 207 21.08 -2.07 -25.99
N ALA G 208 21.08 -1.84 -24.68
CA ALA G 208 20.41 -2.75 -23.71
C ALA G 208 18.97 -3.05 -24.01
N ALA G 209 18.13 -2.02 -24.08
CA ALA G 209 16.66 -2.29 -24.23
C ALA G 209 16.35 -3.20 -25.44
N LEU G 210 16.76 -2.75 -26.62
CA LEU G 210 16.62 -3.50 -27.86
C LEU G 210 16.89 -5.00 -27.72
N GLU G 211 18.13 -5.31 -27.33
CA GLU G 211 18.67 -6.67 -27.17
C GLU G 211 17.94 -7.49 -26.07
N LEU G 212 17.67 -6.85 -24.91
CA LEU G 212 16.93 -7.52 -23.83
C LEU G 212 15.42 -7.52 -23.93
N ALA G 213 14.87 -6.88 -24.98
CA ALA G 213 13.39 -6.87 -25.18
C ALA G 213 12.82 -8.30 -25.21
N PRO G 214 13.42 -9.18 -26.03
CA PRO G 214 12.96 -10.57 -26.13
C PRO G 214 12.82 -11.30 -24.82
N LEU G 215 13.56 -10.94 -23.78
CA LEU G 215 13.38 -11.56 -22.45
C LEU G 215 12.41 -10.78 -21.58
N GLN G 216 11.67 -9.86 -22.19
CA GLN G 216 10.84 -8.92 -21.42
C GLN G 216 11.67 -8.01 -20.49
N ILE G 217 12.94 -7.76 -20.83
CA ILE G 217 13.74 -6.97 -19.88
C ILE G 217 13.68 -5.47 -20.18
N ARG G 218 12.96 -4.74 -19.32
CA ARG G 218 12.85 -3.31 -19.48
C ARG G 218 14.15 -2.60 -19.05
N VAL G 219 14.77 -1.91 -19.99
CA VAL G 219 15.94 -1.08 -19.74
C VAL G 219 15.53 0.39 -20.01
N ASN G 220 15.41 1.20 -18.96
CA ASN G 220 15.26 2.65 -19.03
C ASN G 220 16.42 3.48 -18.38
N GLY G 221 16.50 4.77 -18.72
CA GLY G 221 17.22 5.76 -17.90
C GLY G 221 16.27 6.70 -17.15
N VAL G 222 16.73 7.27 -16.04
CA VAL G 222 16.04 8.41 -15.43
C VAL G 222 17.12 9.37 -14.97
N GLY G 223 17.21 10.50 -15.65
CA GLY G 223 18.26 11.47 -15.39
C GLY G 223 17.77 12.63 -14.62
N PRO G 224 18.33 12.85 -13.46
CA PRO G 224 18.06 14.10 -12.77
C PRO G 224 18.96 15.25 -13.23
N GLY G 225 18.76 16.38 -12.58
CA GLY G 225 19.49 17.58 -12.93
C GLY G 225 20.22 18.17 -11.76
N LEU G 226 19.44 18.58 -10.74
CA LEU G 226 19.98 19.09 -9.47
C LEU G 226 19.09 18.67 -8.32
N SER G 227 19.57 17.63 -7.61
CA SER G 227 18.80 16.92 -6.59
C SER G 227 19.59 16.83 -5.28
N VAL G 228 18.96 17.25 -4.18
CA VAL G 228 19.57 17.23 -2.84
C VAL G 228 21.05 17.64 -2.83
N LEU G 229 21.32 18.86 -3.28
CA LEU G 229 22.66 19.46 -3.25
C LEU G 229 23.22 19.56 -1.83
N VAL G 230 24.40 18.95 -1.62
CA VAL G 230 25.02 18.77 -0.29
C VAL G 230 24.93 20.01 0.64
N ASP G 231 25.61 21.10 0.29
CA ASP G 231 25.25 22.47 0.78
C ASP G 231 26.31 23.40 1.40
N ASP G 232 26.15 24.68 1.02
CA ASP G 232 26.91 25.84 1.48
C ASP G 232 26.32 27.18 0.88
N MET G 233 25.74 28.03 1.74
CA MET G 233 25.38 29.41 1.32
C MET G 233 26.35 30.43 1.93
N GLU G 239 20.74 27.59 -2.46
CA GLU G 239 21.71 28.68 -2.50
C GLU G 239 21.50 29.60 -3.71
N GLY G 240 22.57 29.82 -4.46
CA GLY G 240 22.54 30.68 -5.62
C GLY G 240 21.98 29.94 -6.79
N HIS G 241 22.71 28.92 -7.26
CA HIS G 241 22.33 28.16 -8.47
C HIS G 241 21.11 27.24 -8.31
N ARG G 242 20.56 27.21 -7.08
CA ARG G 242 19.20 26.84 -6.81
C ARG G 242 18.28 27.78 -7.63
N SER G 243 18.13 29.02 -7.16
CA SER G 243 17.20 30.06 -7.64
C SER G 243 16.98 30.17 -9.16
N LYS G 244 17.96 29.64 -9.88
CA LYS G 244 17.97 29.51 -11.30
C LYS G 244 17.28 28.19 -11.74
N VAL G 245 16.30 27.72 -10.97
CA VAL G 245 15.45 26.63 -11.46
C VAL G 245 14.02 27.15 -11.64
N PRO G 246 13.47 26.98 -12.86
CA PRO G 246 12.28 27.70 -13.31
C PRO G 246 11.09 27.36 -12.44
N LEU G 247 10.95 26.10 -12.08
CA LEU G 247 9.85 25.70 -11.25
C LEU G 247 10.39 25.59 -9.82
N TYR G 248 9.81 26.37 -8.92
CA TYR G 248 10.11 26.34 -7.47
C TYR G 248 11.37 27.12 -7.09
N GLN G 249 12.32 27.22 -8.02
CA GLN G 249 13.59 27.90 -7.76
C GLN G 249 14.50 27.07 -6.84
N ARG G 250 13.96 25.94 -6.35
CA ARG G 250 14.67 24.99 -5.51
C ARG G 250 15.15 23.75 -6.29
N ASP G 251 16.15 23.07 -5.72
CA ASP G 251 16.73 21.87 -6.30
C ASP G 251 15.88 20.71 -5.86
N SER G 252 16.06 19.53 -6.46
CA SER G 252 15.14 18.43 -6.21
C SER G 252 15.36 17.78 -4.82
N SER G 253 14.36 17.01 -4.38
CA SER G 253 14.52 16.03 -3.29
C SER G 253 14.70 14.63 -3.89
N ALA G 254 15.35 13.74 -3.14
CA ALA G 254 15.53 12.34 -3.54
C ALA G 254 14.20 11.66 -3.92
N ALA G 255 13.11 12.08 -3.25
CA ALA G 255 11.79 11.60 -3.54
C ALA G 255 11.39 11.87 -4.99
N GLU G 256 11.31 13.15 -5.30
CA GLU G 256 10.82 13.60 -6.58
C GLU G 256 11.72 12.92 -7.62
N VAL G 257 12.90 12.47 -7.19
CA VAL G 257 13.64 11.58 -8.07
C VAL G 257 13.34 10.05 -7.96
N SER G 258 13.21 9.56 -6.73
CA SER G 258 13.04 8.12 -6.47
C SER G 258 11.72 7.60 -7.10
N ASP G 259 10.60 8.33 -6.85
CA ASP G 259 9.28 8.04 -7.45
C ASP G 259 9.23 7.90 -8.99
N VAL G 260 9.82 8.83 -9.71
CA VAL G 260 10.02 8.58 -11.12
C VAL G 260 10.39 7.08 -11.28
N VAL G 261 11.44 6.64 -10.57
CA VAL G 261 11.96 5.28 -10.79
C VAL G 261 10.93 4.22 -10.43
N ILE G 262 10.25 4.40 -9.29
CA ILE G 262 9.32 3.39 -8.80
C ILE G 262 8.29 3.03 -9.89
N PHE G 263 7.58 4.05 -10.38
CA PHE G 263 6.68 3.92 -11.52
C PHE G 263 7.35 3.12 -12.62
N LEU G 264 8.47 3.64 -13.11
CA LEU G 264 9.22 3.02 -14.21
C LEU G 264 9.33 1.49 -14.05
N CYS G 265 9.44 1.08 -12.78
CA CYS G 265 9.74 -0.29 -12.41
C CYS G 265 8.45 -1.10 -12.27
N SER G 266 7.40 -0.40 -11.79
CA SER G 266 6.07 -0.92 -11.54
C SER G 266 5.29 -1.44 -12.79
N SER G 267 4.16 -2.11 -12.54
CA SER G 267 3.29 -2.73 -13.57
C SER G 267 2.67 -1.74 -14.60
N LYS G 268 1.99 -0.68 -14.13
CA LYS G 268 1.39 0.39 -15.03
C LYS G 268 2.39 1.19 -15.87
N ALA G 269 3.57 0.61 -16.18
CA ALA G 269 4.61 1.26 -16.98
C ALA G 269 5.27 0.26 -17.92
N LYS G 270 4.65 -0.92 -18.05
CA LYS G 270 5.17 -2.03 -18.85
C LYS G 270 5.48 -1.65 -20.30
N TYR G 271 4.77 -0.65 -20.83
CA TYR G 271 5.02 -0.31 -22.24
C TYR G 271 6.21 0.63 -22.47
N ILE G 272 6.49 1.51 -21.49
CA ILE G 272 7.75 2.28 -21.40
C ILE G 272 8.98 1.39 -21.24
N THR G 273 9.71 1.20 -22.33
CA THR G 273 11.08 0.77 -22.19
C THR G 273 12.01 1.70 -22.99
N GLY G 274 13.23 1.84 -22.51
CA GLY G 274 14.29 2.43 -23.29
C GLY G 274 14.32 3.93 -23.30
N THR G 275 13.60 4.61 -22.41
CA THR G 275 13.50 6.05 -22.49
C THR G 275 13.92 6.83 -21.24
N CYS G 276 14.66 7.91 -21.48
CA CYS G 276 15.04 8.79 -20.37
C CYS G 276 14.00 9.83 -20.09
N VAL G 277 13.50 9.84 -18.85
CA VAL G 277 12.70 10.93 -18.35
C VAL G 277 13.60 11.86 -17.55
N LYS G 278 13.40 13.19 -17.72
CA LYS G 278 14.12 14.27 -16.98
C LYS G 278 13.44 14.58 -15.64
N VAL G 279 14.21 14.69 -14.58
CA VAL G 279 13.67 15.04 -13.29
C VAL G 279 14.47 16.23 -12.79
N ASP G 280 14.55 17.18 -13.71
CA ASP G 280 15.36 18.35 -13.59
C ASP G 280 14.74 19.71 -13.23
N GLY G 281 13.40 19.87 -13.29
CA GLY G 281 12.70 21.10 -12.80
C GLY G 281 12.57 22.22 -13.87
N GLY G 282 12.71 21.87 -15.13
CA GLY G 282 12.90 22.93 -16.13
C GLY G 282 14.37 23.21 -16.53
N TYR G 283 15.31 22.85 -15.64
CA TYR G 283 16.72 23.11 -15.79
C TYR G 283 17.36 22.97 -17.19
N SER G 284 17.13 21.86 -17.89
CA SER G 284 17.68 21.70 -19.21
C SER G 284 17.04 22.63 -20.27
N LEU G 285 15.95 23.28 -19.87
CA LEU G 285 15.34 24.36 -20.65
C LEU G 285 16.10 25.71 -20.65
N THR G 286 17.00 25.89 -19.69
CA THR G 286 17.66 27.17 -19.44
C THR G 286 18.92 27.36 -20.31
N ARG G 287 19.31 28.63 -20.55
CA ARG G 287 20.55 29.03 -21.32
C ARG G 287 21.46 29.98 -20.50
N ALA G 288 22.69 30.26 -20.95
CA ALA G 288 23.49 31.37 -20.31
C ALA G 288 22.80 32.72 -20.32
N THR H 5 54.65 28.10 -43.95
CA THR H 5 53.80 27.81 -42.76
C THR H 5 52.67 26.84 -43.16
N VAL H 6 53.05 25.65 -43.58
CA VAL H 6 52.08 24.56 -43.73
C VAL H 6 51.53 24.11 -42.33
N PRO H 7 50.21 23.97 -42.23
CA PRO H 7 49.58 23.48 -40.99
C PRO H 7 49.69 21.95 -40.92
N VAL H 8 49.59 21.39 -39.70
CA VAL H 8 49.76 19.97 -39.51
C VAL H 8 48.61 19.25 -38.84
N ALA H 9 48.12 18.20 -39.52
CA ALA H 9 47.02 17.37 -39.01
C ALA H 9 47.45 15.98 -38.52
N LEU H 10 46.91 15.62 -37.36
CA LEU H 10 47.00 14.28 -36.83
C LEU H 10 45.67 13.53 -37.16
N VAL H 11 45.73 12.44 -37.96
CA VAL H 11 44.59 11.54 -38.28
C VAL H 11 44.87 10.12 -37.72
N THR H 12 44.11 9.65 -36.75
CA THR H 12 44.37 8.24 -36.38
C THR H 12 43.68 7.15 -37.27
N GLY H 13 44.03 5.88 -37.09
CA GLY H 13 43.51 4.89 -38.01
C GLY H 13 43.66 5.44 -39.44
N ALA H 14 44.84 5.94 -39.78
CA ALA H 14 45.01 6.67 -41.05
C ALA H 14 45.33 5.78 -42.21
N ALA H 15 45.42 4.48 -41.94
CA ALA H 15 45.87 3.50 -42.92
C ALA H 15 44.97 3.35 -44.17
N LYS H 16 43.66 3.24 -43.99
CA LYS H 16 42.83 3.00 -45.18
C LYS H 16 41.39 3.54 -45.14
N ARG H 17 40.68 3.32 -46.26
CA ARG H 17 39.26 3.57 -46.33
C ARG H 17 39.13 5.03 -45.92
N LEU H 18 38.44 5.31 -44.81
CA LEU H 18 38.03 6.69 -44.48
C LEU H 18 39.19 7.57 -43.96
N GLY H 19 39.92 7.02 -42.97
CA GLY H 19 41.18 7.57 -42.46
C GLY H 19 42.08 8.04 -43.57
N ARG H 20 42.61 7.10 -44.34
CA ARG H 20 43.42 7.44 -45.53
C ARG H 20 42.75 8.41 -46.53
N SER H 21 41.42 8.44 -46.57
CA SER H 21 40.69 9.44 -47.37
C SER H 21 40.63 10.83 -46.69
N ILE H 22 40.63 10.81 -45.35
CA ILE H 22 40.70 12.01 -44.58
C ILE H 22 42.11 12.66 -44.72
N ALA H 23 43.11 11.80 -44.65
CA ALA H 23 44.49 12.17 -44.66
C ALA H 23 44.78 12.64 -46.08
N GLU H 24 44.41 11.81 -47.05
CA GLU H 24 44.46 12.22 -48.46
C GLU H 24 43.79 13.58 -48.66
N GLY H 25 42.63 13.77 -48.01
CA GLY H 25 41.84 14.98 -48.12
C GLY H 25 42.49 16.20 -47.47
N LEU H 26 42.91 16.04 -46.21
CA LEU H 26 43.56 17.11 -45.46
C LEU H 26 44.87 17.49 -46.16
N HIS H 27 45.67 16.48 -46.46
CA HIS H 27 46.96 16.69 -47.08
C HIS H 27 46.81 17.49 -48.37
N ALA H 28 45.65 17.36 -49.04
CA ALA H 28 45.39 18.10 -50.29
C ALA H 28 44.90 19.52 -50.03
N GLU H 29 44.44 19.80 -48.81
CA GLU H 29 44.20 21.20 -48.39
C GLU H 29 45.54 21.93 -48.18
N GLY H 30 46.60 21.27 -48.66
CA GLY H 30 47.99 21.63 -48.40
C GLY H 30 48.52 21.36 -47.00
N TYR H 31 47.84 20.52 -46.20
CA TYR H 31 48.33 20.17 -44.86
C TYR H 31 49.54 19.23 -44.93
N ALA H 32 50.28 19.20 -43.82
CA ALA H 32 51.21 18.12 -43.52
C ALA H 32 50.51 17.14 -42.54
N VAL H 33 50.64 15.84 -42.81
CA VAL H 33 49.83 14.88 -42.02
C VAL H 33 50.63 13.84 -41.18
N CYS H 34 50.27 13.72 -39.90
CA CYS H 34 50.73 12.60 -39.11
C CYS H 34 49.76 11.39 -39.22
N LEU H 35 50.21 10.40 -39.99
CA LEU H 35 49.51 9.17 -40.30
C LEU H 35 49.76 8.08 -39.28
N HIS H 36 49.09 8.13 -38.11
CA HIS H 36 49.10 7.05 -37.10
C HIS H 36 48.59 5.68 -37.64
N TYR H 37 49.13 4.60 -37.10
CA TYR H 37 48.60 3.26 -37.36
C TYR H 37 48.80 2.27 -36.21
N HIS H 38 48.11 1.15 -36.39
CA HIS H 38 48.21 -0.01 -35.58
C HIS H 38 48.77 -1.11 -36.50
N ARG H 39 47.95 -2.05 -36.92
CA ARG H 39 48.46 -3.18 -37.68
C ARG H 39 48.79 -2.91 -39.20
N SER H 40 48.19 -1.88 -39.80
CA SER H 40 48.32 -1.67 -41.26
C SER H 40 49.52 -0.81 -41.64
N ALA H 41 50.69 -1.43 -41.43
CA ALA H 41 51.98 -0.78 -41.49
C ALA H 41 52.44 -0.64 -42.93
N ALA H 42 52.35 -1.71 -43.69
CA ALA H 42 52.61 -1.65 -45.15
C ALA H 42 51.77 -0.55 -45.80
N GLU H 43 50.46 -0.58 -45.54
CA GLU H 43 49.53 0.30 -46.23
C GLU H 43 49.64 1.74 -45.76
N ALA H 44 49.95 1.92 -44.47
CA ALA H 44 50.17 3.23 -43.87
C ALA H 44 51.35 3.90 -44.53
N ASN H 45 52.31 3.08 -44.96
CA ASN H 45 53.56 3.56 -45.50
C ASN H 45 53.65 3.68 -47.03
N ALA H 46 52.96 2.81 -47.76
CA ALA H 46 52.80 3.03 -49.19
C ALA H 46 52.22 4.42 -49.36
N LEU H 47 51.33 4.78 -48.44
CA LEU H 47 50.57 6.00 -48.54
C LEU H 47 51.52 7.23 -48.36
N SER H 48 52.43 7.09 -47.40
CA SER H 48 53.30 8.13 -46.90
C SER H 48 54.35 8.50 -47.95
N ALA H 49 54.86 7.48 -48.62
CA ALA H 49 55.69 7.65 -49.83
C ALA H 49 54.98 8.45 -50.92
N THR H 50 53.80 7.98 -51.34
CA THR H 50 52.87 8.67 -52.29
C THR H 50 52.72 10.17 -52.07
N LEU H 51 52.52 10.58 -50.81
CA LEU H 51 52.34 11.98 -50.47
C LEU H 51 53.68 12.74 -50.27
N ASN H 52 54.75 11.99 -50.03
CA ASN H 52 56.05 12.58 -49.89
C ASN H 52 56.69 12.66 -51.18
N ALA H 53 56.43 11.65 -52.01
CA ALA H 53 56.69 11.78 -53.47
C ALA H 53 56.10 13.07 -54.03
N ARG H 54 54.82 13.28 -53.71
CA ARG H 54 54.00 14.39 -54.19
C ARG H 54 54.47 15.71 -53.55
N ARG H 55 54.64 15.67 -52.23
CA ARG H 55 55.22 16.81 -51.49
C ARG H 55 56.19 16.33 -50.39
N PRO H 56 57.50 16.51 -50.67
CA PRO H 56 58.60 16.17 -49.74
C PRO H 56 58.37 16.63 -48.31
N ASN H 57 58.66 15.75 -47.38
CA ASN H 57 58.42 15.97 -45.96
C ASN H 57 57.02 16.50 -45.57
N SER H 58 55.98 15.91 -46.16
CA SER H 58 54.61 16.30 -45.81
C SER H 58 53.78 15.22 -45.03
N ALA H 59 54.43 14.09 -44.66
CA ALA H 59 53.72 12.89 -44.18
C ALA H 59 54.58 11.95 -43.33
N ILE H 60 54.32 11.88 -42.01
CA ILE H 60 54.94 10.80 -41.20
C ILE H 60 53.94 9.74 -40.77
N THR H 61 54.41 8.49 -40.66
CA THR H 61 53.64 7.47 -39.99
C THR H 61 54.21 7.16 -38.57
N VAL H 62 53.36 6.68 -37.67
CA VAL H 62 53.76 6.36 -36.29
C VAL H 62 52.74 5.38 -35.72
N GLN H 63 53.25 4.37 -35.00
CA GLN H 63 52.44 3.26 -34.45
C GLN H 63 52.13 3.34 -32.94
N ALA H 64 50.84 3.13 -32.60
CA ALA H 64 50.42 2.71 -31.25
C ALA H 64 49.18 1.78 -31.20
N ASP H 65 49.16 0.94 -30.16
CA ASP H 65 47.93 0.33 -29.66
C ASP H 65 47.22 1.45 -28.90
N LEU H 66 45.97 1.67 -29.29
CA LEU H 66 45.14 2.77 -28.80
C LEU H 66 44.05 2.21 -27.89
N SER H 67 43.88 0.90 -27.94
CA SER H 67 43.20 0.19 -26.86
C SER H 67 43.67 0.68 -25.46
N ASN H 68 42.74 0.63 -24.50
CA ASN H 68 42.98 1.03 -23.12
C ASN H 68 43.87 0.09 -22.27
N VAL H 69 45.04 -0.24 -22.82
CA VAL H 69 46.02 -1.16 -22.23
C VAL H 69 47.38 -0.47 -21.86
N ALA H 70 48.12 -1.12 -20.94
CA ALA H 70 49.53 -0.86 -20.68
C ALA H 70 50.30 -1.69 -21.69
N THR H 71 51.45 -1.20 -22.16
CA THR H 71 52.23 -1.92 -23.21
C THR H 71 53.72 -2.05 -22.89
N ALA H 72 54.43 -2.74 -23.78
CA ALA H 72 55.84 -3.13 -23.59
C ALA H 72 56.80 -1.96 -23.84
N PRO H 73 57.72 -1.66 -22.89
CA PRO H 73 58.47 -0.40 -22.93
C PRO H 73 59.59 -0.44 -23.96
N ALA H 81 58.72 -1.32 -17.71
CA ALA H 81 57.41 -0.90 -17.22
C ALA H 81 56.37 -0.93 -18.31
N PRO H 82 55.21 -1.50 -18.01
CA PRO H 82 54.06 -1.39 -18.92
C PRO H 82 53.84 0.09 -19.24
N VAL H 83 54.11 0.43 -20.51
CA VAL H 83 53.89 1.77 -21.05
C VAL H 83 52.39 1.85 -21.20
N THR H 84 51.73 2.83 -20.60
CA THR H 84 50.27 2.85 -20.67
C THR H 84 49.70 3.75 -21.80
N LEU H 85 48.44 3.52 -22.14
CA LEU H 85 47.70 4.33 -23.12
C LEU H 85 47.86 5.89 -23.07
N PHE H 86 47.57 6.55 -21.94
CA PHE H 86 47.79 8.01 -21.91
C PHE H 86 49.11 8.40 -22.55
N THR H 87 50.15 7.64 -22.25
CA THR H 87 51.53 7.97 -22.60
C THR H 87 51.76 7.85 -24.11
N ARG H 88 51.36 6.69 -24.64
CA ARG H 88 51.23 6.42 -26.06
C ARG H 88 50.53 7.54 -26.88
N CYS H 89 49.45 8.11 -26.33
CA CYS H 89 48.77 9.22 -26.96
C CYS H 89 49.61 10.47 -26.79
N ALA H 90 49.89 10.82 -25.52
CA ALA H 90 50.75 11.97 -25.19
C ALA H 90 51.86 12.06 -26.24
N GLU H 91 52.34 10.88 -26.64
CA GLU H 91 53.45 10.73 -27.59
C GLU H 91 53.14 10.86 -29.10
N LEU H 92 51.92 10.54 -29.52
CA LEU H 92 51.54 10.60 -30.96
C LEU H 92 51.45 12.04 -31.44
N VAL H 93 51.00 12.88 -30.50
CA VAL H 93 50.83 14.33 -30.61
C VAL H 93 52.22 15.02 -30.64
N ALA H 94 53.06 14.57 -29.70
CA ALA H 94 54.48 14.87 -29.63
C ALA H 94 55.17 14.58 -30.94
N ALA H 95 54.90 13.44 -31.56
CA ALA H 95 55.56 13.10 -32.84
C ALA H 95 55.39 14.18 -33.92
N CYS H 96 54.24 14.89 -33.87
CA CYS H 96 53.90 16.00 -34.77
C CYS H 96 54.72 17.25 -34.45
N TYR H 97 54.78 17.58 -33.15
CA TYR H 97 55.49 18.77 -32.69
C TYR H 97 56.95 18.62 -32.90
N THR H 98 57.45 17.40 -32.66
CA THR H 98 58.84 17.10 -32.82
C THR H 98 59.27 17.21 -34.28
N HIS H 99 58.43 16.79 -35.20
CA HIS H 99 58.85 16.77 -36.58
C HIS H 99 58.62 18.12 -37.31
N TRP H 100 57.57 18.84 -36.87
CA TRP H 100 57.01 20.02 -37.61
C TRP H 100 56.64 21.21 -36.69
N GLY H 101 56.64 20.95 -35.38
CA GLY H 101 56.57 21.99 -34.35
C GLY H 101 55.23 22.67 -34.24
N ARG H 102 54.18 21.96 -34.66
CA ARG H 102 52.76 22.38 -34.53
C ARG H 102 51.86 21.14 -34.69
N CYS H 103 50.63 21.23 -34.16
CA CYS H 103 49.52 20.34 -34.51
C CYS H 103 48.21 21.12 -34.52
N ASP H 104 47.79 21.38 -35.75
CA ASP H 104 46.69 22.27 -36.09
C ASP H 104 45.35 21.54 -35.99
N VAL H 105 45.25 20.41 -36.68
CA VAL H 105 44.04 19.60 -36.74
C VAL H 105 44.30 18.22 -36.15
N LEU H 106 43.34 17.75 -35.32
CA LEU H 106 43.28 16.35 -34.84
C LEU H 106 41.99 15.68 -35.36
N VAL H 107 42.11 14.45 -35.85
CA VAL H 107 40.98 13.67 -36.32
C VAL H 107 40.90 12.33 -35.56
N ASN H 108 39.91 12.17 -34.69
CA ASN H 108 39.64 10.85 -34.05
C ASN H 108 38.84 9.82 -34.86
N ASN H 109 39.54 9.02 -35.65
CA ASN H 109 38.93 8.18 -36.68
C ASN H 109 39.16 6.75 -36.29
N ALA H 110 40.27 6.47 -35.59
CA ALA H 110 40.60 5.08 -35.31
C ALA H 110 39.62 4.30 -34.41
N SER H 111 39.19 3.16 -34.96
CA SER H 111 38.04 2.46 -34.40
C SER H 111 37.94 0.98 -34.67
N SER H 112 37.98 0.30 -33.54
CA SER H 112 37.40 -1.04 -33.33
C SER H 112 35.85 -1.05 -33.50
N PHE H 113 35.39 -2.17 -34.04
CA PHE H 113 33.97 -2.33 -34.28
C PHE H 113 33.75 -3.83 -34.37
N TYR H 114 33.24 -4.40 -33.28
CA TYR H 114 32.88 -5.83 -33.27
C TYR H 114 31.88 -6.12 -32.14
N PRO H 115 31.09 -7.18 -32.34
CA PRO H 115 29.98 -7.53 -31.39
C PRO H 115 30.42 -7.70 -29.95
N THR H 116 29.49 -7.50 -29.01
CA THR H 116 29.64 -7.92 -27.59
C THR H 116 28.23 -8.19 -27.05
N PRO H 117 27.62 -9.27 -27.55
CA PRO H 117 26.36 -9.76 -27.06
C PRO H 117 26.24 -9.73 -25.62
N LEU H 118 25.04 -9.46 -25.16
CA LEU H 118 24.72 -9.58 -23.77
C LEU H 118 23.97 -10.89 -23.67
N LEU H 119 23.82 -11.55 -24.83
CA LEU H 119 23.47 -13.02 -24.96
C LEU H 119 23.46 -13.54 -26.40
N ARG H 120 22.90 -14.73 -26.57
CA ARG H 120 22.67 -15.31 -27.88
C ARG H 120 22.01 -16.63 -27.70
N ASN H 121 22.13 -17.42 -28.76
CA ASN H 121 21.14 -18.44 -29.16
C ASN H 121 20.47 -19.38 -28.21
N ASP H 122 20.47 -19.12 -26.90
CA ASP H 122 19.89 -20.12 -25.97
C ASP H 122 18.83 -20.96 -26.64
N GLY H 131 39.37 -17.80 -22.28
CA GLY H 131 39.00 -16.42 -22.00
C GLY H 131 37.65 -15.92 -22.53
N ASP H 132 36.59 -16.15 -21.75
CA ASP H 132 35.29 -15.54 -22.00
C ASP H 132 35.20 -14.32 -21.12
N ARG H 133 35.97 -14.34 -20.02
CA ARG H 133 36.10 -13.19 -19.16
C ARG H 133 37.16 -12.40 -19.85
N GLU H 134 38.19 -13.11 -20.32
CA GLU H 134 39.44 -12.51 -20.80
C GLU H 134 39.21 -11.63 -22.02
N ALA H 135 38.62 -12.19 -23.07
CA ALA H 135 38.34 -11.47 -24.31
C ALA H 135 37.11 -10.54 -24.18
N MET H 136 36.62 -10.40 -22.95
CA MET H 136 35.59 -9.42 -22.60
C MET H 136 36.21 -8.28 -21.80
N GLU H 137 37.31 -8.61 -21.10
CA GLU H 137 38.28 -7.66 -20.59
C GLU H 137 38.98 -7.02 -21.81
N THR H 138 39.49 -7.83 -22.73
CA THR H 138 39.99 -7.28 -24.02
C THR H 138 38.99 -6.83 -25.10
N ALA H 139 37.68 -7.03 -24.90
CA ALA H 139 36.72 -6.31 -25.81
C ALA H 139 36.52 -4.90 -25.27
N THR H 140 36.20 -4.79 -23.96
CA THR H 140 36.12 -3.51 -23.24
C THR H 140 37.32 -2.58 -23.52
N ALA H 141 38.51 -3.04 -23.15
CA ALA H 141 39.71 -2.21 -23.21
C ALA H 141 39.84 -1.73 -24.62
N ASP H 142 39.73 -2.65 -25.58
CA ASP H 142 39.92 -2.30 -26.96
C ASP H 142 38.83 -1.39 -27.60
N LEU H 143 37.56 -1.81 -27.48
CA LEU H 143 36.41 -1.01 -27.94
C LEU H 143 36.32 0.38 -27.34
N PHE H 144 36.38 0.48 -26.01
CA PHE H 144 36.41 1.80 -25.36
C PHE H 144 37.65 2.66 -25.70
N GLY H 145 38.80 2.00 -25.84
CA GLY H 145 40.09 2.69 -26.03
C GLY H 145 40.15 3.38 -27.38
N SER H 146 40.13 2.54 -28.43
CA SER H 146 40.12 2.97 -29.85
C SER H 146 39.10 4.03 -30.19
N ASN H 147 37.96 3.95 -29.50
CA ASN H 147 36.73 4.70 -29.83
C ASN H 147 36.60 5.93 -28.93
N ALA H 148 36.80 5.76 -27.61
CA ALA H 148 36.55 6.85 -26.62
C ALA H 148 37.73 7.52 -25.81
N ILE H 149 38.39 6.70 -24.98
CA ILE H 149 39.38 7.15 -24.00
C ILE H 149 40.63 7.77 -24.61
N ALA H 150 41.30 6.95 -25.44
CA ALA H 150 42.34 7.39 -26.35
C ALA H 150 42.03 8.78 -26.97
N PRO H 151 40.92 8.90 -27.72
CA PRO H 151 40.51 10.21 -28.28
C PRO H 151 40.54 11.30 -27.23
N TYR H 152 40.10 10.97 -26.00
CA TYR H 152 40.06 11.94 -24.89
C TYR H 152 41.46 12.40 -24.40
N PHE H 153 42.28 11.42 -24.01
CA PHE H 153 43.71 11.63 -23.87
C PHE H 153 44.21 12.42 -25.09
N LEU H 154 44.04 11.87 -26.29
CA LEU H 154 44.50 12.58 -27.51
C LEU H 154 44.18 14.09 -27.42
N ILE H 155 42.92 14.39 -27.06
CA ILE H 155 42.43 15.76 -27.00
C ILE H 155 43.14 16.65 -25.94
N LYS H 156 43.40 16.03 -24.79
CA LYS H 156 44.16 16.67 -23.70
C LYS H 156 45.66 16.83 -24.03
N ALA H 157 46.17 16.01 -24.94
CA ALA H 157 47.55 16.18 -25.44
C ALA H 157 47.62 17.24 -26.53
N PHE H 158 46.48 17.48 -27.18
CA PHE H 158 46.34 18.48 -28.22
C PHE H 158 46.31 19.80 -27.45
N ALA H 159 45.49 19.79 -26.39
CA ALA H 159 45.17 20.96 -25.55
C ALA H 159 46.40 21.66 -25.00
N HIS H 160 47.03 20.96 -24.05
CA HIS H 160 48.32 21.28 -23.39
C HIS H 160 49.31 21.93 -24.35
N ARG H 161 49.59 21.25 -25.48
CA ARG H 161 50.45 21.75 -26.56
C ARG H 161 49.99 23.08 -27.14
N VAL H 162 48.68 23.29 -27.24
CA VAL H 162 48.21 24.64 -27.54
C VAL H 162 48.39 25.58 -26.33
N ALA H 163 47.93 25.20 -25.12
CA ALA H 163 47.97 26.18 -24.02
C ALA H 163 49.37 26.78 -23.76
N GLY H 164 50.37 25.90 -23.72
CA GLY H 164 51.73 26.27 -23.42
C GLY H 164 52.38 27.03 -24.57
N THR H 165 51.92 26.79 -25.80
CA THR H 165 52.43 27.58 -26.92
C THR H 165 52.07 29.04 -26.59
N PRO H 166 53.06 29.94 -26.61
CA PRO H 166 52.78 31.36 -26.33
C PRO H 166 51.95 31.95 -27.47
N ALA H 167 51.05 32.87 -27.11
CA ALA H 167 50.07 33.41 -28.03
C ALA H 167 50.67 33.72 -29.44
N LYS H 168 51.43 34.81 -29.60
CA LYS H 168 52.00 35.21 -30.93
C LYS H 168 52.34 34.09 -31.90
N HIS H 169 52.56 32.88 -31.40
CA HIS H 169 52.95 31.77 -32.27
C HIS H 169 51.91 30.62 -32.38
N ARG H 170 50.65 30.85 -31.99
CA ARG H 170 49.72 29.72 -32.06
C ARG H 170 49.21 29.65 -33.48
N GLY H 171 48.46 28.58 -33.79
CA GLY H 171 47.81 28.44 -35.11
C GLY H 171 46.57 29.30 -35.10
N THR H 172 46.13 29.67 -36.30
CA THR H 172 44.93 30.47 -36.42
C THR H 172 43.70 29.60 -36.66
N ASN H 173 43.88 28.28 -36.81
CA ASN H 173 42.74 27.40 -37.11
C ASN H 173 42.82 25.99 -36.48
N TYR H 174 42.49 25.94 -35.18
CA TYR H 174 42.51 24.68 -34.46
C TYR H 174 41.17 23.99 -34.58
N SER H 175 41.21 22.77 -35.12
CA SER H 175 40.02 21.96 -35.31
C SER H 175 40.34 20.56 -34.81
N ILE H 176 39.53 20.08 -33.86
CA ILE H 176 39.42 18.63 -33.54
C ILE H 176 38.16 18.04 -34.19
N ILE H 177 38.27 16.87 -34.84
CA ILE H 177 37.10 16.16 -35.36
C ILE H 177 37.03 14.78 -34.75
N ASN H 178 35.84 14.47 -34.25
CA ASN H 178 35.51 13.18 -33.70
C ASN H 178 34.62 12.39 -34.62
N MET H 179 35.19 11.37 -35.29
CA MET H 179 34.39 10.55 -36.17
C MET H 179 33.42 9.80 -35.31
N VAL H 180 32.11 10.12 -35.41
CA VAL H 180 31.09 9.37 -34.70
C VAL H 180 30.32 8.28 -35.56
N ASP H 181 29.11 7.90 -35.12
CA ASP H 181 28.20 7.14 -35.93
C ASP H 181 26.82 7.75 -35.77
N ALA H 182 26.28 8.21 -36.90
CA ALA H 182 24.89 8.66 -36.99
C ALA H 182 23.92 7.64 -36.38
N MET H 183 24.16 6.35 -36.67
CA MET H 183 23.21 5.24 -36.40
C MET H 183 23.14 4.69 -34.99
N THR H 184 23.85 5.26 -34.04
CA THR H 184 23.93 4.56 -32.75
C THR H 184 22.83 4.89 -31.76
N ASN H 185 22.00 5.87 -32.08
CA ASN H 185 20.71 6.03 -31.34
C ASN H 185 19.74 4.93 -31.78
N GLN H 186 20.15 4.17 -32.78
CA GLN H 186 19.43 3.01 -33.21
C GLN H 186 20.38 1.77 -33.09
N PRO H 187 20.61 1.36 -31.84
CA PRO H 187 21.74 0.47 -31.53
C PRO H 187 21.85 -0.69 -32.50
N LEU H 188 22.98 -0.82 -33.20
CA LEU H 188 23.30 -2.05 -33.94
C LEU H 188 23.39 -3.18 -32.92
N LEU H 189 22.66 -4.26 -33.22
CA LEU H 189 22.37 -5.37 -32.31
C LEU H 189 23.59 -6.25 -32.03
N GLY H 190 23.83 -6.51 -30.74
CA GLY H 190 24.97 -7.31 -30.30
C GLY H 190 26.27 -6.53 -30.13
N TYR H 191 26.18 -5.21 -30.30
CA TYR H 191 27.32 -4.33 -30.25
C TYR H 191 27.18 -3.31 -29.11
N THR H 192 26.89 -3.72 -27.88
CA THR H 192 26.72 -2.71 -26.81
C THR H 192 27.96 -1.85 -26.52
N ILE H 193 29.13 -2.49 -26.55
CA ILE H 193 30.36 -1.76 -26.20
C ILE H 193 30.73 -0.71 -27.27
N TYR H 194 30.58 -1.02 -28.56
CA TYR H 194 30.92 -0.04 -29.60
C TYR H 194 29.88 1.04 -29.54
N THR H 195 28.62 0.61 -29.47
CA THR H 195 27.56 1.58 -29.16
C THR H 195 27.99 2.55 -28.03
N MET H 196 28.47 1.97 -26.91
CA MET H 196 28.80 2.72 -25.69
C MET H 196 29.99 3.69 -25.83
N ALA H 197 31.00 3.23 -26.60
CA ALA H 197 32.23 4.00 -26.87
C ALA H 197 31.91 5.27 -27.66
N LYS H 198 31.09 5.12 -28.71
CA LYS H 198 30.65 6.24 -29.49
C LYS H 198 29.71 7.17 -28.71
N GLY H 199 29.00 6.64 -27.70
CA GLY H 199 28.16 7.46 -26.81
C GLY H 199 29.13 8.34 -26.04
N ALA H 200 30.16 7.68 -25.50
CA ALA H 200 31.25 8.37 -24.77
C ALA H 200 31.86 9.50 -25.63
N LEU H 201 32.30 9.15 -26.85
CA LEU H 201 32.97 10.05 -27.80
C LEU H 201 32.13 11.27 -28.11
N GLU H 202 30.86 11.03 -28.50
CA GLU H 202 29.81 12.06 -28.46
C GLU H 202 29.88 12.97 -27.22
N GLY H 203 29.99 12.39 -26.01
CA GLY H 203 30.14 13.19 -24.79
C GLY H 203 31.43 14.03 -24.79
N LEU H 204 32.53 13.40 -25.18
CA LEU H 204 33.78 14.14 -25.30
C LEU H 204 33.65 15.31 -26.28
N THR H 205 32.95 15.10 -27.41
CA THR H 205 32.70 16.16 -28.42
C THR H 205 32.09 17.42 -27.81
N ARG H 206 31.10 17.20 -26.94
CA ARG H 206 30.44 18.30 -26.26
C ARG H 206 31.38 19.03 -25.34
N SER H 207 32.04 18.25 -24.49
CA SER H 207 32.79 18.84 -23.37
C SER H 207 34.03 19.59 -23.86
N ALA H 208 34.96 18.85 -24.46
CA ALA H 208 36.09 19.44 -25.21
C ALA H 208 35.73 20.70 -26.00
N ALA H 209 34.51 20.77 -26.54
CA ALA H 209 34.05 21.98 -27.21
C ALA H 209 33.82 23.13 -26.26
N LEU H 210 33.07 22.83 -25.19
CA LEU H 210 32.92 23.85 -24.16
C LEU H 210 34.30 24.17 -23.56
N GLU H 211 34.99 23.16 -23.01
CA GLU H 211 36.25 23.44 -22.30
C GLU H 211 37.29 24.26 -23.09
N LEU H 212 37.63 23.80 -24.29
CA LEU H 212 38.72 24.38 -25.10
C LEU H 212 38.32 25.64 -25.88
N ALA H 213 37.10 26.12 -25.58
CA ALA H 213 36.50 27.30 -26.19
C ALA H 213 37.38 28.57 -25.98
N PRO H 214 37.64 28.94 -24.72
CA PRO H 214 38.61 30.02 -24.44
C PRO H 214 39.85 29.92 -25.35
N LEU H 215 40.23 28.71 -25.74
CA LEU H 215 41.47 28.52 -26.45
C LEU H 215 41.27 28.52 -27.97
N GLN H 216 40.06 28.91 -28.40
CA GLN H 216 39.68 28.97 -29.80
C GLN H 216 39.97 27.66 -30.56
N ILE H 217 39.48 26.55 -29.97
CA ILE H 217 39.64 25.18 -30.48
C ILE H 217 38.27 24.54 -30.68
N ARG H 218 38.00 24.19 -31.91
CA ARG H 218 36.71 23.62 -32.22
C ARG H 218 36.76 22.09 -32.21
N VAL H 219 35.62 21.51 -31.84
CA VAL H 219 35.46 20.10 -31.58
C VAL H 219 34.08 19.63 -32.01
N ASN H 220 34.01 19.03 -33.19
CA ASN H 220 32.79 18.43 -33.67
C ASN H 220 32.91 17.02 -34.29
N GLY H 221 31.76 16.36 -34.42
CA GLY H 221 31.70 14.98 -34.85
C GLY H 221 31.32 14.88 -36.30
N VAL H 222 31.94 13.97 -37.03
CA VAL H 222 31.36 13.63 -38.30
C VAL H 222 30.76 12.26 -38.21
N GLY H 223 29.47 12.16 -38.51
CA GLY H 223 28.69 10.93 -38.22
C GLY H 223 28.19 10.23 -39.45
N PRO H 224 28.87 9.16 -39.86
CA PRO H 224 28.46 8.46 -41.06
C PRO H 224 27.49 7.39 -40.63
N GLY H 225 26.96 6.68 -41.59
CA GLY H 225 25.97 5.65 -41.34
C GLY H 225 26.55 4.38 -41.92
N LEU H 226 26.77 4.36 -43.22
CA LEU H 226 27.39 3.26 -43.87
C LEU H 226 28.18 3.76 -45.07
N SER H 227 29.49 3.61 -44.91
CA SER H 227 30.48 4.13 -45.83
C SER H 227 31.36 2.95 -46.22
N VAL H 228 31.64 2.92 -47.53
CA VAL H 228 32.21 1.79 -48.25
C VAL H 228 32.10 0.47 -47.50
N LEU H 229 30.89 -0.08 -47.39
CA LEU H 229 30.74 -1.37 -46.74
C LEU H 229 31.48 -2.35 -47.62
N VAL H 230 32.35 -3.14 -47.02
CA VAL H 230 32.91 -4.28 -47.75
C VAL H 230 32.03 -5.51 -47.49
N ASP H 231 31.83 -6.32 -48.53
CA ASP H 231 30.61 -7.14 -48.75
C ASP H 231 30.39 -8.47 -47.99
N ASP H 232 29.91 -8.37 -46.75
CA ASP H 232 29.47 -9.48 -45.85
C ASP H 232 28.83 -10.79 -46.36
N GLU H 239 24.37 -5.93 -46.97
CA GLU H 239 24.22 -5.54 -48.38
C GLU H 239 22.75 -5.68 -48.83
N GLY H 240 21.92 -6.21 -47.92
CA GLY H 240 20.47 -6.08 -47.98
C GLY H 240 19.99 -4.97 -47.07
N HIS H 241 20.95 -4.24 -46.49
CA HIS H 241 20.68 -2.96 -45.79
C HIS H 241 21.35 -1.79 -46.51
N ARG H 242 22.42 -2.08 -47.25
CA ARG H 242 22.85 -1.17 -48.32
C ARG H 242 21.60 -0.70 -49.10
N SER H 243 20.64 -1.62 -49.20
CA SER H 243 19.35 -1.37 -49.82
C SER H 243 18.44 -0.51 -48.92
N LYS H 244 18.86 -0.29 -47.67
CA LYS H 244 17.98 0.38 -46.69
C LYS H 244 18.25 1.88 -46.41
N VAL H 245 19.40 2.39 -46.87
CA VAL H 245 19.74 3.82 -46.77
C VAL H 245 18.84 4.61 -47.71
N PRO H 246 17.98 5.47 -47.13
CA PRO H 246 16.97 6.18 -47.90
C PRO H 246 17.51 6.93 -49.10
N LEU H 247 18.61 7.66 -48.95
CA LEU H 247 19.18 8.42 -50.07
C LEU H 247 20.14 7.52 -50.89
N TYR H 248 19.94 7.50 -52.21
CA TYR H 248 20.81 6.71 -53.13
C TYR H 248 20.55 5.20 -53.11
N GLN H 249 20.33 4.65 -51.91
CA GLN H 249 20.25 3.20 -51.65
C GLN H 249 21.64 2.55 -51.93
N ARG H 250 22.68 3.21 -51.39
CA ARG H 250 24.03 2.62 -51.33
C ARG H 250 24.71 2.96 -50.02
N ASP H 251 25.93 2.48 -49.83
CA ASP H 251 26.79 3.02 -48.75
C ASP H 251 27.53 4.24 -49.32
N SER H 252 28.15 5.05 -48.49
CA SER H 252 28.86 6.22 -49.06
C SER H 252 30.22 5.86 -49.66
N SER H 253 30.74 6.78 -50.48
CA SER H 253 32.15 6.75 -50.84
C SER H 253 32.95 7.40 -49.69
N ALA H 254 34.16 6.94 -49.43
CA ALA H 254 35.13 7.64 -48.52
C ALA H 254 35.17 9.21 -48.59
N ALA H 255 35.20 9.77 -49.80
CA ALA H 255 35.05 11.23 -50.09
C ALA H 255 33.71 11.79 -49.64
N GLU H 256 32.66 10.98 -49.83
CA GLU H 256 31.34 11.33 -49.29
C GLU H 256 31.38 11.55 -47.79
N VAL H 257 32.39 10.97 -47.13
CA VAL H 257 32.60 11.32 -45.74
C VAL H 257 33.78 12.25 -45.46
N SER H 258 34.92 12.07 -46.12
CA SER H 258 36.11 12.76 -45.58
C SER H 258 35.95 14.29 -45.71
N ASP H 259 35.80 14.74 -46.95
CA ASP H 259 35.23 16.04 -47.31
C ASP H 259 34.46 16.81 -46.22
N VAL H 260 33.61 16.11 -45.48
CA VAL H 260 32.78 16.73 -44.43
C VAL H 260 33.72 17.11 -43.30
N VAL H 261 34.80 16.34 -43.17
CA VAL H 261 35.83 16.51 -42.11
C VAL H 261 36.80 17.67 -42.40
N ILE H 262 37.34 17.66 -43.62
CA ILE H 262 38.08 18.78 -44.18
C ILE H 262 37.26 20.08 -44.03
N PHE H 263 35.98 20.11 -44.46
CA PHE H 263 35.19 21.35 -44.27
C PHE H 263 35.15 21.82 -42.83
N LEU H 264 34.82 20.93 -41.91
CA LEU H 264 34.78 21.33 -40.50
C LEU H 264 36.06 21.93 -39.97
N CYS H 265 37.17 21.55 -40.60
CA CYS H 265 38.49 22.05 -40.28
C CYS H 265 38.68 23.44 -40.89
N SER H 266 38.30 23.57 -42.17
CA SER H 266 38.31 24.79 -42.95
C SER H 266 37.69 25.85 -42.10
N SER H 267 38.47 26.92 -41.88
CA SER H 267 38.18 28.05 -40.98
C SER H 267 36.80 28.61 -41.26
N LYS H 268 36.42 28.55 -42.54
CA LYS H 268 35.00 28.62 -42.98
C LYS H 268 33.99 27.97 -42.04
N ALA H 269 34.46 27.29 -40.99
CA ALA H 269 33.61 26.62 -40.03
C ALA H 269 33.91 27.01 -38.60
N LYS H 270 34.38 28.26 -38.41
CA LYS H 270 34.92 28.74 -37.09
C LYS H 270 33.96 28.93 -35.88
N TYR H 271 32.66 29.03 -36.12
CA TYR H 271 31.70 29.31 -35.04
C TYR H 271 30.97 28.02 -34.65
N ILE H 272 31.12 27.01 -35.53
CA ILE H 272 30.79 25.60 -35.25
C ILE H 272 31.75 24.91 -34.26
N THR H 273 31.23 24.70 -33.05
CA THR H 273 31.86 23.86 -32.06
C THR H 273 30.73 23.16 -31.29
N GLY H 274 30.99 21.94 -30.85
CA GLY H 274 30.16 21.31 -29.82
C GLY H 274 29.10 20.42 -30.42
N THR H 275 29.12 20.29 -31.75
CA THR H 275 28.11 19.53 -32.42
C THR H 275 28.70 18.47 -33.35
N CYS H 276 27.88 17.50 -33.76
CA CYS H 276 28.25 16.50 -34.76
C CYS H 276 27.41 16.70 -35.99
N VAL H 277 27.96 16.35 -37.16
CA VAL H 277 27.21 16.26 -38.40
C VAL H 277 26.93 14.79 -38.92
N LYS H 278 25.68 14.48 -39.33
CA LYS H 278 25.33 13.17 -39.94
C LYS H 278 25.61 13.21 -41.43
N VAL H 279 25.98 12.06 -41.97
CA VAL H 279 26.45 11.93 -43.33
C VAL H 279 25.93 10.53 -43.64
N ASP H 280 24.70 10.31 -43.17
CA ASP H 280 24.14 8.96 -43.09
C ASP H 280 23.32 8.59 -44.23
N GLY H 281 22.98 9.58 -45.07
CA GLY H 281 22.15 9.35 -46.28
C GLY H 281 20.70 9.13 -45.90
N GLY H 282 20.34 9.75 -44.79
CA GLY H 282 19.01 9.66 -44.29
C GLY H 282 18.82 8.49 -43.39
N TYR H 283 19.83 7.61 -43.27
CA TYR H 283 19.61 6.34 -42.58
C TYR H 283 18.93 6.42 -41.20
N SER H 284 19.15 7.53 -40.51
CA SER H 284 18.74 7.65 -39.14
C SER H 284 17.20 8.06 -39.00
N LEU H 285 16.71 8.62 -40.06
CA LEU H 285 15.29 8.80 -40.27
C LEU H 285 14.50 7.48 -40.23
N THR H 286 15.08 6.39 -40.77
CA THR H 286 14.35 5.10 -40.93
C THR H 286 13.96 4.48 -39.62
N ARG H 287 13.08 3.49 -39.71
CA ARG H 287 12.52 2.75 -38.58
C ARG H 287 12.32 1.29 -39.04
N ALA H 288 11.94 0.40 -38.11
CA ALA H 288 11.79 -1.01 -38.44
C ALA H 288 10.73 -1.14 -39.52
#